data_4CVW
#
_entry.id   4CVW
#
_cell.length_a   166.979
_cell.length_b   168.606
_cell.length_c   157.708
_cell.angle_alpha   90.00
_cell.angle_beta   90.00
_cell.angle_gamma   90.00
#
_symmetry.space_group_name_H-M   'C 2 2 21'
#
loop_
_entity.id
_entity.type
_entity.pdbx_description
1 polymer 'LIMIT DEXTRINASE'
2 polymer 'LIMIT DEXTRINASE INHIBITOR'
3 non-polymer 'CALCIUM ION'
4 water water
#
loop_
_entity_poly.entity_id
_entity_poly.type
_entity_poly.pdbx_seq_one_letter_code
_entity_poly.pdbx_strand_id
1 'polypeptide(L)'
;AFMPDARAYWVTSDLIAWNVGELEAQSVCLYASRAAAMSLSPSNGGIQGYDSKVELQPESAGLPETVTQKFPFISSYRAF
RVPSSVDVASLVKCQLVVASFGADGKHVDVTGLQLPGVLDDMFAYTGPLGAVFSEDSVSLHLWAPTAQGVSVCFFDGPAG
PALETVQLKESNGVWSVTGPREWENRYYLYEVDVYHPTKAQVLKCLAGDPYARSLSANGARTWLVDINNETLKPASWDEL
ADEKPKLDSFSDITIYELHIRDFSAHDGTVDSDSRGGFRAFAYQASAGMEHLRKLSDAGLTHVHLLPSFHFAGVDDIKSN
WKFVDECELATFPPGSDMQQAAVVAIQEEDPYNWGYNPVLWGVPKGSYASDPDGPSRIIEYRQMVQALNRIGLRVVMDVV
YNHLDSSGPCGISSVLDKIVPGYYVRRDTNGQIENSAAMNNTASEHFMVDRLIVDDLLNWAVNYKVDGFRFDLMGHIMKR
TMMRAKSALQSLTTDAHGVDGSKIYLYGEGWDFAEVARNQRGINGSQLNMSGTGIGSFNDRIRDAINGGNPFGNPLQQGF
NTGLFLEPNGFYQGNEADTRRSLATYADQIQIGLAGNLRDYVLISHTGEAKKGSEIHTFDGLPVGYTASPIETINYVSAH
DNETLFDVISVKTPMILSVDERCRINHLASSMMALSQGIPFFHAGDEILRSKSIDRDSYNSGDWFNKLDFTYETNNWGVG
LPPSEKNEDNWPLMKPRLENPSFKPAKGHILAALDSFVDILKIRYSSPLFRLSTANDIKQRVRFHNTGPSLVPGVIVMGI
EDARGESPEMAQLDTNFSYVVTVFNVCPHEVSMDIPALASMGFELHPVQVNSSDTLVRKSAYEAATGRFTVPGRTVSVFV
EPRC
;
A,B
2 'polypeptide(L)'
;TLESVKDECQPGVDFPHNPLATCHTYVIKRVCGRGPSRPMLVKERCCRELAAVPDHCRCEALRILMDGVRTPEGRVVEGR
LGDRRDCPREEQRAFAATLVTAAECNLSSVQEPGHHHHHH
;
C,D
#
loop_
_chem_comp.id
_chem_comp.type
_chem_comp.name
_chem_comp.formula
CA non-polymer 'CALCIUM ION' 'Ca 2'
#
# COMPACT_ATOMS: atom_id res chain seq x y z
N ALA A 1 5.58 -31.85 -45.54
CA ALA A 1 6.38 -32.32 -44.38
C ALA A 1 5.67 -33.45 -43.64
N PHE A 2 6.45 -34.33 -43.03
CA PHE A 2 5.93 -35.49 -42.32
C PHE A 2 5.44 -35.12 -40.92
N MET A 3 4.12 -35.06 -40.76
CA MET A 3 3.49 -34.72 -39.48
C MET A 3 2.43 -35.75 -39.08
N PRO A 4 2.87 -36.90 -38.51
CA PRO A 4 1.95 -37.99 -38.20
C PRO A 4 1.07 -37.72 -36.97
N ASP A 5 -0.05 -38.45 -36.92
CA ASP A 5 -1.03 -38.41 -35.86
C ASP A 5 -0.74 -39.61 -34.95
N ALA A 6 -1.13 -39.54 -33.67
CA ALA A 6 -0.79 -40.61 -32.70
C ALA A 6 -2.00 -41.41 -32.18
N ARG A 7 -2.41 -42.43 -32.94
CA ARG A 7 -3.56 -43.26 -32.59
C ARG A 7 -3.19 -44.62 -31.98
N ALA A 8 -1.90 -44.95 -32.01
CA ALA A 8 -1.40 -46.20 -31.43
C ALA A 8 -0.74 -45.98 -30.07
N TYR A 9 -0.75 -47.03 -29.25
CA TYR A 9 -0.25 -46.97 -27.88
C TYR A 9 0.80 -48.05 -27.63
N TRP A 10 1.89 -47.67 -26.96
CA TRP A 10 2.87 -48.63 -26.47
C TRP A 10 2.65 -48.80 -24.97
N VAL A 11 1.96 -49.88 -24.59
CA VAL A 11 1.47 -50.07 -23.23
C VAL A 11 2.46 -50.75 -22.27
N THR A 12 3.07 -51.84 -22.72
CA THR A 12 4.16 -52.49 -21.96
C THR A 12 5.35 -52.70 -22.90
N SER A 13 6.47 -53.16 -22.36
CA SER A 13 7.71 -53.30 -23.13
C SER A 13 7.65 -54.34 -24.27
N ASP A 14 6.57 -55.09 -24.34
CA ASP A 14 6.39 -56.12 -25.37
C ASP A 14 4.99 -56.13 -25.99
N LEU A 15 4.24 -55.04 -25.79
CA LEU A 15 2.86 -54.98 -26.28
C LEU A 15 2.48 -53.60 -26.80
N ILE A 16 1.92 -53.58 -28.01
CA ILE A 16 1.41 -52.35 -28.63
C ILE A 16 -0.09 -52.52 -28.93
N ALA A 17 -0.88 -51.50 -28.60
CA ALA A 17 -2.32 -51.52 -28.81
C ALA A 17 -2.75 -50.54 -29.91
N TRP A 18 -3.58 -51.01 -30.83
CA TRP A 18 -4.05 -50.21 -31.95
C TRP A 18 -5.40 -50.73 -32.47
N ASN A 19 -6.33 -49.80 -32.73
CA ASN A 19 -7.71 -50.16 -33.09
C ASN A 19 -7.95 -50.37 -34.60
N VAL A 20 -7.19 -51.29 -35.19
CA VAL A 20 -7.30 -51.57 -36.63
C VAL A 20 -8.08 -52.86 -36.94
N GLY A 21 -8.34 -53.07 -38.23
CA GLY A 21 -9.09 -54.23 -38.72
C GLY A 21 -8.49 -55.57 -38.34
N GLU A 22 -9.37 -56.51 -38.00
CA GLU A 22 -8.95 -57.85 -37.55
C GLU A 22 -8.13 -58.60 -38.59
N LEU A 23 -8.23 -58.17 -39.84
CA LEU A 23 -7.51 -58.77 -40.97
C LEU A 23 -6.32 -57.92 -41.42
N GLU A 24 -6.47 -56.59 -41.38
CA GLU A 24 -5.37 -55.68 -41.76
C GLU A 24 -4.27 -55.62 -40.70
N ALA A 25 -4.51 -56.32 -39.59
CA ALA A 25 -3.55 -56.42 -38.49
C ALA A 25 -2.46 -57.46 -38.77
N GLN A 26 -2.55 -58.12 -39.94
CA GLN A 26 -1.57 -59.14 -40.34
C GLN A 26 -0.43 -58.54 -41.16
N SER A 27 -0.47 -57.22 -41.35
CA SER A 27 0.57 -56.50 -42.08
C SER A 27 0.96 -55.20 -41.36
N VAL A 28 1.36 -55.33 -40.09
CA VAL A 28 1.77 -54.18 -39.29
C VAL A 28 3.27 -54.24 -38.97
N CYS A 29 4.00 -53.21 -39.41
CA CYS A 29 5.43 -53.10 -39.13
C CYS A 29 5.77 -51.87 -38.29
N LEU A 30 6.71 -52.04 -37.36
CA LEU A 30 7.16 -50.95 -36.51
C LEU A 30 8.43 -50.30 -37.06
N TYR A 31 8.34 -48.99 -37.27
CA TYR A 31 9.44 -48.21 -37.85
C TYR A 31 10.09 -47.31 -36.79
N ALA A 32 11.41 -47.13 -36.91
CA ALA A 32 12.18 -46.30 -35.97
C ALA A 32 13.20 -45.42 -36.70
N SER A 33 13.32 -44.18 -36.26
CA SER A 33 14.28 -43.23 -36.83
C SER A 33 14.81 -42.28 -35.76
N ARG A 34 16.07 -42.49 -35.36
CA ARG A 34 16.69 -41.71 -34.30
C ARG A 34 16.85 -40.24 -34.66
N ALA A 35 17.31 -39.98 -35.89
CA ALA A 35 17.48 -38.61 -36.39
C ALA A 35 16.19 -38.02 -36.95
N ALA A 36 15.10 -38.81 -36.90
CA ALA A 36 13.78 -38.41 -37.41
C ALA A 36 13.82 -37.92 -38.86
N ALA A 37 14.13 -38.84 -39.77
CA ALA A 37 14.30 -38.51 -41.19
C ALA A 37 13.20 -39.12 -42.09
N MET A 38 12.13 -39.60 -41.48
CA MET A 38 11.07 -40.29 -42.20
C MET A 38 10.19 -39.35 -43.04
N SER A 39 9.81 -39.84 -44.22
CA SER A 39 8.99 -39.09 -45.18
C SER A 39 8.22 -40.02 -46.12
N LEU A 40 7.31 -39.44 -46.90
CA LEU A 40 6.51 -40.17 -47.88
C LEU A 40 6.84 -39.70 -49.30
N SER A 41 7.02 -40.66 -50.21
CA SER A 41 7.31 -40.34 -51.61
C SER A 41 6.60 -41.30 -52.55
N GLY A 45 4.44 -45.21 -53.18
CA GLY A 45 4.52 -44.13 -52.21
C GLY A 45 4.47 -44.63 -50.77
N GLY A 46 5.49 -45.41 -50.39
CA GLY A 46 5.58 -45.95 -49.04
C GLY A 46 6.38 -45.06 -48.10
N ILE A 47 7.08 -45.68 -47.14
CA ILE A 47 7.88 -44.95 -46.17
C ILE A 47 9.38 -45.09 -46.46
N GLN A 48 10.10 -43.97 -46.38
CA GLN A 48 11.54 -43.94 -46.60
C GLN A 48 12.25 -43.19 -45.46
N GLY A 49 13.52 -43.55 -45.23
CA GLY A 49 14.35 -42.88 -44.23
C GLY A 49 14.18 -43.42 -42.83
N TYR A 50 14.24 -44.75 -42.70
CA TYR A 50 14.10 -45.44 -41.42
C TYR A 50 15.35 -46.20 -41.03
N ASP A 51 15.54 -46.38 -39.71
CA ASP A 51 16.66 -47.17 -39.19
C ASP A 51 16.29 -48.65 -39.14
N SER A 52 15.21 -48.96 -38.42
CA SER A 52 14.77 -50.33 -38.19
C SER A 52 13.37 -50.61 -38.74
N LYS A 53 13.15 -51.85 -39.15
CA LYS A 53 11.83 -52.31 -39.60
C LYS A 53 11.59 -53.72 -39.05
N VAL A 54 10.59 -53.85 -38.18
CA VAL A 54 10.28 -55.13 -37.54
C VAL A 54 8.77 -55.41 -37.62
N GLU A 55 8.42 -56.65 -37.97
CA GLU A 55 7.03 -57.10 -38.02
C GLU A 55 6.44 -57.20 -36.62
N LEU A 56 5.27 -56.60 -36.43
CA LEU A 56 4.53 -56.73 -35.18
C LEU A 56 3.47 -57.82 -35.34
N GLN A 57 3.56 -58.85 -34.51
CA GLN A 57 2.68 -60.00 -34.60
C GLN A 57 1.42 -59.79 -33.76
N PRO A 58 0.23 -59.91 -34.38
CA PRO A 58 -1.04 -59.72 -33.70
C PRO A 58 -1.33 -60.81 -32.68
N GLU A 59 -1.85 -60.41 -31.51
CA GLU A 59 -2.22 -61.34 -30.46
C GLU A 59 -3.71 -61.67 -30.52
N SER A 60 -4.04 -62.96 -30.38
CA SER A 60 -5.42 -63.43 -30.41
C SER A 60 -6.21 -63.04 -29.16
N ALA A 61 -5.58 -63.22 -27.99
CA ALA A 61 -6.24 -62.98 -26.69
C ALA A 61 -6.64 -61.53 -26.47
N GLY A 62 -5.81 -60.59 -26.92
CA GLY A 62 -6.06 -59.17 -26.72
C GLY A 62 -5.21 -58.60 -25.59
N LEU A 63 -5.67 -57.48 -25.03
CA LEU A 63 -4.97 -56.81 -23.93
C LEU A 63 -5.38 -57.41 -22.58
N PRO A 64 -4.39 -57.86 -21.79
CA PRO A 64 -4.64 -58.43 -20.45
C PRO A 64 -5.24 -57.42 -19.47
N GLU A 65 -5.80 -57.92 -18.38
CA GLU A 65 -6.49 -57.11 -17.39
C GLU A 65 -5.63 -56.01 -16.76
N THR A 66 -4.37 -56.32 -16.48
CA THR A 66 -3.44 -55.38 -15.83
C THR A 66 -3.20 -54.12 -16.65
N VAL A 67 -3.40 -54.23 -17.97
CA VAL A 67 -3.26 -53.10 -18.89
C VAL A 67 -4.57 -52.29 -18.94
N THR A 68 -5.70 -52.99 -19.08
CA THR A 68 -7.01 -52.35 -19.20
C THR A 68 -7.47 -51.66 -17.90
N GLN A 69 -6.98 -52.13 -16.77
CA GLN A 69 -7.31 -51.53 -15.47
C GLN A 69 -6.61 -50.18 -15.25
N LYS A 70 -5.51 -49.96 -15.98
CA LYS A 70 -4.81 -48.68 -15.94
C LYS A 70 -5.32 -47.74 -17.02
N PHE A 71 -5.63 -48.29 -18.19
CA PHE A 71 -6.17 -47.51 -19.31
C PHE A 71 -7.50 -48.10 -19.80
N PRO A 72 -8.62 -47.76 -19.12
CA PRO A 72 -9.93 -48.34 -19.42
C PRO A 72 -10.53 -47.86 -20.74
N PHE A 73 -10.12 -46.69 -21.19
CA PHE A 73 -10.68 -46.05 -22.39
C PHE A 73 -10.25 -46.69 -23.71
N ILE A 74 -9.30 -47.62 -23.65
CA ILE A 74 -8.81 -48.34 -24.83
C ILE A 74 -8.87 -49.87 -24.64
N SER A 75 -9.85 -50.32 -23.88
CA SER A 75 -9.96 -51.73 -23.50
C SER A 75 -10.32 -52.70 -24.64
N SER A 76 -10.92 -52.17 -25.70
CA SER A 76 -11.36 -52.99 -26.84
C SER A 76 -10.36 -52.99 -28.00
N TYR A 77 -9.19 -52.39 -27.78
CA TYR A 77 -8.14 -52.29 -28.80
C TYR A 77 -7.48 -53.63 -29.10
N ARG A 78 -7.05 -53.80 -30.35
CA ARG A 78 -6.27 -54.96 -30.77
C ARG A 78 -4.87 -54.95 -30.14
N ALA A 79 -4.34 -56.14 -29.86
CA ALA A 79 -3.02 -56.28 -29.27
C ALA A 79 -1.98 -56.75 -30.30
N PHE A 80 -0.80 -56.14 -30.22
CA PHE A 80 0.32 -56.49 -31.09
C PHE A 80 1.56 -56.78 -30.23
N ARG A 81 2.25 -57.87 -30.54
CA ARG A 81 3.45 -58.25 -29.82
C ARG A 81 4.70 -57.59 -30.37
N VAL A 82 5.56 -57.11 -29.46
CA VAL A 82 6.87 -56.59 -29.83
C VAL A 82 7.91 -57.67 -29.55
N PRO A 83 8.66 -58.09 -30.58
CA PRO A 83 9.68 -59.13 -30.46
C PRO A 83 10.81 -58.75 -29.49
N SER A 84 11.39 -59.77 -28.87
CA SER A 84 12.44 -59.61 -27.86
C SER A 84 13.77 -59.08 -28.42
N SER A 85 13.97 -59.25 -29.72
CA SER A 85 15.17 -58.78 -30.41
C SER A 85 15.28 -57.25 -30.42
N VAL A 86 14.13 -56.60 -30.37
CA VAL A 86 14.03 -55.14 -30.36
C VAL A 86 14.54 -54.56 -29.04
N ASP A 87 15.46 -53.59 -29.14
CA ASP A 87 15.96 -52.86 -27.98
C ASP A 87 15.01 -51.71 -27.67
N VAL A 88 14.15 -51.93 -26.68
CA VAL A 88 13.08 -50.99 -26.31
C VAL A 88 13.65 -49.65 -25.83
N ALA A 89 14.68 -49.72 -25.01
CA ALA A 89 15.31 -48.53 -24.41
C ALA A 89 15.81 -47.53 -25.46
N SER A 90 16.33 -48.06 -26.57
CA SER A 90 16.87 -47.22 -27.64
C SER A 90 15.78 -46.68 -28.59
N LEU A 91 14.73 -47.47 -28.79
CA LEU A 91 13.67 -47.10 -29.74
C LEU A 91 12.72 -46.00 -29.23
N VAL A 92 12.55 -45.90 -27.91
CA VAL A 92 11.72 -44.83 -27.33
C VAL A 92 12.38 -43.45 -27.47
N LYS A 93 13.66 -43.43 -27.82
CA LYS A 93 14.41 -42.20 -28.05
C LYS A 93 14.30 -41.73 -29.50
N CYS A 94 13.60 -42.52 -30.31
CA CYS A 94 13.50 -42.28 -31.75
C CYS A 94 12.12 -41.79 -32.16
N GLN A 95 12.02 -41.31 -33.40
CA GLN A 95 10.74 -41.11 -34.07
C GLN A 95 10.17 -42.49 -34.40
N LEU A 96 8.93 -42.73 -33.99
CA LEU A 96 8.30 -44.03 -34.17
C LEU A 96 6.95 -43.93 -34.88
N VAL A 97 6.75 -44.81 -35.86
CA VAL A 97 5.44 -44.97 -36.52
C VAL A 97 5.13 -46.45 -36.77
N VAL A 98 3.85 -46.80 -36.67
CA VAL A 98 3.37 -48.11 -37.10
C VAL A 98 2.57 -47.94 -38.39
N ALA A 99 2.86 -48.78 -39.38
CA ALA A 99 2.23 -48.66 -40.69
C ALA A 99 1.61 -49.98 -41.17
N SER A 100 0.45 -49.86 -41.80
CA SER A 100 -0.25 -51.01 -42.38
C SER A 100 -0.28 -50.93 -43.91
N HIS A 107 -5.63 -48.16 -48.04
CA HIS A 107 -4.70 -49.23 -47.69
C HIS A 107 -3.64 -48.80 -46.67
N VAL A 108 -2.85 -47.78 -47.02
CA VAL A 108 -1.75 -47.31 -46.15
C VAL A 108 -2.26 -46.46 -45.00
N ASP A 109 -2.09 -46.96 -43.78
CA ASP A 109 -2.50 -46.27 -42.57
C ASP A 109 -1.30 -46.05 -41.64
N VAL A 110 -0.85 -44.80 -41.56
CA VAL A 110 0.34 -44.45 -40.77
C VAL A 110 -0.05 -43.64 -39.53
N THR A 111 0.46 -44.05 -38.38
CA THR A 111 0.24 -43.32 -37.12
C THR A 111 1.42 -43.47 -36.15
N GLY A 112 1.50 -42.55 -35.18
CA GLY A 112 2.53 -42.57 -34.16
C GLY A 112 2.11 -43.31 -32.90
N LEU A 113 3.05 -43.43 -31.95
CA LEU A 113 2.80 -44.16 -30.71
C LEU A 113 2.79 -43.24 -29.48
N GLN A 114 1.80 -43.44 -28.62
CA GLN A 114 1.75 -42.77 -27.32
C GLN A 114 2.48 -43.65 -26.30
N LEU A 115 3.52 -43.08 -25.68
CA LEU A 115 4.52 -43.86 -24.95
C LEU A 115 4.39 -43.98 -23.42
N PRO A 116 3.64 -43.06 -22.76
CA PRO A 116 3.59 -43.10 -21.30
C PRO A 116 3.48 -44.49 -20.66
N GLY A 117 2.68 -45.36 -21.27
CA GLY A 117 2.48 -46.72 -20.77
C GLY A 117 3.76 -47.53 -20.63
N VAL A 118 4.55 -47.56 -21.69
CA VAL A 118 5.81 -48.32 -21.71
C VAL A 118 6.90 -47.63 -20.86
N LEU A 119 6.80 -46.32 -20.70
CA LEU A 119 7.73 -45.55 -19.87
C LEU A 119 7.54 -45.85 -18.38
N ASP A 120 6.30 -46.11 -17.97
CA ASP A 120 6.00 -46.47 -16.58
C ASP A 120 6.36 -47.92 -16.28
N ASP A 121 6.44 -48.74 -17.32
CA ASP A 121 6.73 -50.16 -17.18
C ASP A 121 8.23 -50.41 -16.98
N MET A 122 9.07 -49.72 -17.74
CA MET A 122 10.51 -49.91 -17.68
C MET A 122 11.24 -48.87 -16.83
N PHE A 123 10.78 -47.64 -16.85
CA PHE A 123 11.52 -46.51 -16.27
C PHE A 123 10.83 -45.81 -15.09
N ALA A 124 10.07 -46.57 -14.29
CA ALA A 124 9.49 -46.05 -13.06
C ALA A 124 10.57 -45.88 -12.00
N TYR A 125 10.77 -44.65 -11.54
CA TYR A 125 11.89 -44.32 -10.65
C TYR A 125 11.41 -43.74 -9.32
N THR A 126 12.02 -44.20 -8.22
CA THR A 126 11.64 -43.79 -6.87
C THR A 126 12.78 -43.14 -6.08
N GLY A 127 13.98 -43.11 -6.66
CA GLY A 127 15.15 -42.53 -5.99
C GLY A 127 15.22 -41.01 -6.07
N PRO A 128 16.35 -40.43 -5.62
CA PRO A 128 16.53 -38.97 -5.57
C PRO A 128 16.39 -38.28 -6.94
N LEU A 129 15.78 -37.11 -6.92
CA LEU A 129 15.69 -36.25 -8.11
C LEU A 129 15.93 -34.79 -7.74
N GLY A 130 16.36 -34.00 -8.73
CA GLY A 130 16.67 -32.59 -8.50
C GLY A 130 18.11 -32.39 -8.08
N ALA A 131 18.29 -31.75 -6.93
CA ALA A 131 19.62 -31.45 -6.39
C ALA A 131 19.81 -32.05 -5.01
N VAL A 132 20.86 -32.85 -4.86
CA VAL A 132 21.19 -33.49 -3.58
C VAL A 132 22.52 -32.92 -3.06
N PHE A 133 22.49 -32.39 -1.84
CA PHE A 133 23.67 -31.78 -1.23
C PHE A 133 24.35 -32.69 -0.21
N SER A 134 25.62 -32.98 -0.47
CA SER A 134 26.45 -33.76 0.44
C SER A 134 27.44 -32.83 1.15
N GLU A 135 28.33 -33.42 1.95
CA GLU A 135 29.32 -32.65 2.70
C GLU A 135 30.39 -32.04 1.79
N ASP A 136 30.73 -32.75 0.72
CA ASP A 136 31.77 -32.32 -0.21
C ASP A 136 31.33 -32.32 -1.68
N SER A 137 30.10 -32.74 -1.94
CA SER A 137 29.62 -32.91 -3.31
C SER A 137 28.18 -32.44 -3.53
N VAL A 138 27.88 -32.07 -4.77
CA VAL A 138 26.53 -31.71 -5.19
C VAL A 138 26.17 -32.52 -6.44
N SER A 139 25.10 -33.31 -6.34
CA SER A 139 24.69 -34.17 -7.44
C SER A 139 23.29 -33.82 -7.99
N LEU A 140 23.17 -33.84 -9.32
CA LEU A 140 21.92 -33.54 -10.01
C LEU A 140 21.31 -34.78 -10.66
N HIS A 141 19.99 -34.83 -10.68
CA HIS A 141 19.25 -35.98 -11.24
C HIS A 141 18.02 -35.53 -12.04
N LEU A 142 17.91 -36.03 -13.26
CA LEU A 142 16.79 -35.68 -14.14
C LEU A 142 16.18 -36.92 -14.80
N TRP A 143 14.85 -37.01 -14.75
CA TRP A 143 14.12 -38.12 -15.37
C TRP A 143 13.75 -37.78 -16.81
N ALA A 144 14.42 -38.44 -17.76
CA ALA A 144 14.18 -38.24 -19.19
C ALA A 144 14.53 -39.49 -19.99
N PRO A 145 13.66 -40.51 -19.97
CA PRO A 145 13.96 -41.80 -20.61
C PRO A 145 13.86 -41.79 -22.14
N THR A 146 13.35 -40.70 -22.71
CA THR A 146 13.24 -40.56 -24.17
C THR A 146 14.31 -39.63 -24.75
N ALA A 147 15.09 -39.02 -23.87
CA ALA A 147 16.16 -38.11 -24.28
C ALA A 147 17.34 -38.86 -24.92
N GLN A 148 17.90 -38.28 -25.96
CA GLN A 148 19.07 -38.86 -26.63
C GLN A 148 20.36 -38.48 -25.90
N GLY A 149 20.33 -37.34 -25.22
CA GLY A 149 21.44 -36.85 -24.41
C GLY A 149 21.02 -35.70 -23.52
N VAL A 150 21.62 -35.63 -22.33
CA VAL A 150 21.34 -34.57 -21.38
C VAL A 150 22.64 -33.95 -20.86
N SER A 151 22.77 -32.65 -21.04
CA SER A 151 23.92 -31.90 -20.53
C SER A 151 23.46 -30.79 -19.59
N VAL A 152 24.40 -30.24 -18.82
CA VAL A 152 24.10 -29.16 -17.88
C VAL A 152 24.97 -27.92 -18.14
N CYS A 153 24.31 -26.83 -18.50
CA CYS A 153 24.97 -25.54 -18.65
C CYS A 153 25.00 -24.80 -17.33
N PHE A 154 26.21 -24.49 -16.85
CA PHE A 154 26.38 -23.73 -15.62
C PHE A 154 26.63 -22.26 -15.89
N PHE A 155 26.10 -21.41 -15.03
CA PHE A 155 26.22 -19.95 -15.16
C PHE A 155 26.68 -19.33 -13.86
N ASP A 156 27.46 -18.25 -13.97
CA ASP A 156 28.03 -17.57 -12.80
C ASP A 156 27.00 -16.72 -12.06
N GLY A 157 26.09 -16.11 -12.83
CA GLY A 157 25.00 -15.32 -12.27
C GLY A 157 23.71 -15.56 -13.02
N PRO A 158 22.77 -14.60 -12.95
CA PRO A 158 21.50 -14.72 -13.67
C PRO A 158 21.54 -14.09 -15.07
N ALA A 159 22.69 -13.53 -15.46
CA ALA A 159 22.81 -12.80 -16.73
C ALA A 159 24.03 -13.18 -17.58
N GLY A 160 25.12 -13.56 -16.93
CA GLY A 160 26.38 -13.85 -17.63
C GLY A 160 26.36 -15.07 -18.55
N PRO A 161 27.43 -15.22 -19.37
CA PRO A 161 27.57 -16.38 -20.25
C PRO A 161 27.84 -17.67 -19.48
N ALA A 162 27.98 -18.78 -20.21
CA ALA A 162 28.20 -20.09 -19.59
C ALA A 162 29.62 -20.26 -19.04
N LEU A 163 29.69 -20.81 -17.82
CA LEU A 163 30.98 -21.15 -17.22
C LEU A 163 31.51 -22.47 -17.75
N GLU A 164 30.70 -23.52 -17.61
CA GLU A 164 31.10 -24.88 -17.93
C GLU A 164 29.94 -25.63 -18.58
N THR A 165 30.25 -26.75 -19.22
CA THR A 165 29.25 -27.67 -19.75
C THR A 165 29.67 -29.11 -19.45
N VAL A 166 28.82 -29.82 -18.71
CA VAL A 166 29.11 -31.18 -18.27
C VAL A 166 28.07 -32.17 -18.81
N GLN A 167 28.55 -33.32 -19.28
CA GLN A 167 27.67 -34.39 -19.75
C GLN A 167 27.13 -35.21 -18.57
N LEU A 168 25.94 -35.78 -18.76
CA LEU A 168 25.32 -36.64 -17.74
C LEU A 168 25.24 -38.09 -18.21
N LYS A 169 25.35 -39.01 -17.24
CA LYS A 169 25.26 -40.45 -17.53
C LYS A 169 23.86 -40.97 -17.23
N GLU A 170 23.28 -41.68 -18.20
CA GLU A 170 21.95 -42.25 -18.05
C GLU A 170 21.99 -43.63 -17.38
N SER A 171 21.06 -43.84 -16.46
CA SER A 171 20.89 -45.13 -15.80
C SER A 171 19.42 -45.33 -15.47
N ASN A 172 18.78 -46.27 -16.18
CA ASN A 172 17.36 -46.58 -16.01
C ASN A 172 16.45 -45.38 -16.24
N GLY A 173 16.74 -44.62 -17.30
CA GLY A 173 15.98 -43.43 -17.66
C GLY A 173 16.35 -42.18 -16.87
N VAL A 174 17.31 -42.33 -15.96
CA VAL A 174 17.72 -41.25 -15.07
C VAL A 174 19.12 -40.73 -15.41
N TRP A 175 19.21 -39.46 -15.77
CA TRP A 175 20.49 -38.80 -16.08
C TRP A 175 21.07 -38.17 -14.82
N SER A 176 22.31 -38.52 -14.51
CA SER A 176 22.96 -38.09 -13.27
C SER A 176 24.38 -37.56 -13.49
N VAL A 177 24.84 -36.75 -12.54
CA VAL A 177 26.23 -36.24 -12.50
C VAL A 177 26.58 -35.74 -11.09
N THR A 178 27.77 -36.11 -10.62
CA THR A 178 28.25 -35.68 -9.30
C THR A 178 29.42 -34.71 -9.44
N GLY A 179 29.25 -33.51 -8.91
CA GLY A 179 30.29 -32.49 -8.93
C GLY A 179 30.73 -32.07 -7.53
N PRO A 180 31.65 -31.09 -7.46
CA PRO A 180 32.21 -30.66 -6.17
C PRO A 180 31.25 -29.81 -5.34
N ARG A 181 31.66 -29.50 -4.10
CA ARG A 181 30.86 -28.67 -3.19
C ARG A 181 30.69 -27.23 -3.70
N GLU A 182 31.71 -26.73 -4.40
CA GLU A 182 31.74 -25.35 -4.91
C GLU A 182 30.66 -25.07 -5.96
N TRP A 183 29.99 -26.12 -6.43
CA TRP A 183 28.87 -26.00 -7.36
C TRP A 183 27.66 -25.27 -6.73
N GLU A 184 27.60 -25.26 -5.40
CA GLU A 184 26.52 -24.60 -4.66
C GLU A 184 26.42 -23.12 -5.03
N ASN A 185 25.18 -22.65 -5.16
CA ASN A 185 24.85 -21.25 -5.50
C ASN A 185 25.06 -20.86 -6.96
N ARG A 186 25.39 -21.83 -7.81
CA ARG A 186 25.45 -21.61 -9.25
C ARG A 186 24.06 -21.54 -9.85
N TYR A 187 23.97 -20.96 -11.05
CA TYR A 187 22.73 -21.00 -11.83
C TYR A 187 22.93 -21.98 -12.98
N TYR A 188 21.92 -22.81 -13.24
CA TYR A 188 22.05 -23.84 -14.28
C TYR A 188 20.82 -24.06 -15.14
N LEU A 189 21.05 -24.62 -16.33
CA LEU A 189 20.00 -25.07 -17.23
C LEU A 189 20.36 -26.44 -17.81
N TYR A 190 19.34 -27.23 -18.12
CA TYR A 190 19.54 -28.52 -18.76
C TYR A 190 19.53 -28.38 -20.27
N GLU A 191 20.38 -29.16 -20.94
CA GLU A 191 20.45 -29.16 -22.39
C GLU A 191 20.00 -30.52 -22.92
N VAL A 192 18.75 -30.58 -23.38
CA VAL A 192 18.10 -31.83 -23.76
C VAL A 192 17.82 -31.89 -25.26
N ASP A 193 18.41 -32.87 -25.93
CA ASP A 193 18.04 -33.18 -27.31
C ASP A 193 17.08 -34.37 -27.34
N VAL A 194 15.82 -34.07 -27.68
CA VAL A 194 14.75 -35.06 -27.66
C VAL A 194 13.76 -34.82 -28.81
N TYR A 195 13.16 -35.91 -29.29
CA TYR A 195 12.17 -35.84 -30.37
C TYR A 195 10.85 -35.26 -29.87
N HIS A 196 10.40 -34.18 -30.51
CA HIS A 196 9.12 -33.58 -30.21
C HIS A 196 8.12 -33.86 -31.34
N PRO A 197 7.03 -34.58 -31.02
CA PRO A 197 6.04 -35.00 -32.01
C PRO A 197 5.26 -33.84 -32.63
N THR A 198 5.17 -32.72 -31.90
CA THR A 198 4.44 -31.54 -32.37
C THR A 198 5.19 -30.78 -33.46
N LYS A 199 6.51 -30.91 -33.46
CA LYS A 199 7.37 -30.32 -34.50
C LYS A 199 7.91 -31.39 -35.46
N ALA A 200 7.76 -32.66 -35.06
CA ALA A 200 8.22 -33.82 -35.84
C ALA A 200 9.72 -33.84 -36.13
N GLN A 201 10.51 -33.38 -35.16
CA GLN A 201 11.97 -33.38 -35.28
C GLN A 201 12.66 -33.35 -33.92
N VAL A 202 13.95 -33.71 -33.91
CA VAL A 202 14.77 -33.69 -32.70
C VAL A 202 15.37 -32.30 -32.51
N LEU A 203 15.05 -31.67 -31.38
CA LEU A 203 15.52 -30.32 -31.07
C LEU A 203 16.34 -30.31 -29.78
N LYS A 204 17.39 -29.51 -29.76
CA LYS A 204 18.21 -29.34 -28.56
C LYS A 204 17.64 -28.22 -27.69
N CYS A 205 16.93 -28.62 -26.65
CA CYS A 205 16.13 -27.70 -25.83
C CYS A 205 16.83 -27.32 -24.53
N LEU A 206 16.83 -26.02 -24.22
CA LEU A 206 17.29 -25.52 -22.93
C LEU A 206 16.11 -25.48 -21.97
N ALA A 207 16.19 -26.28 -20.90
CA ALA A 207 15.07 -26.44 -19.97
C ALA A 207 15.50 -26.34 -18.51
N GLY A 208 14.60 -25.81 -17.68
CA GLY A 208 14.81 -25.74 -16.24
C GLY A 208 14.51 -27.04 -15.54
N ASP A 209 14.82 -27.10 -14.24
CA ASP A 209 14.61 -28.32 -13.45
C ASP A 209 13.18 -28.40 -12.93
N PRO A 210 12.51 -29.55 -13.14
CA PRO A 210 11.20 -29.82 -12.55
C PRO A 210 11.23 -29.81 -11.02
N TYR A 211 12.36 -30.25 -10.46
CA TYR A 211 12.56 -30.28 -9.01
C TYR A 211 13.36 -29.05 -8.54
N ALA A 212 13.15 -27.92 -9.20
CA ALA A 212 13.78 -26.66 -8.81
C ALA A 212 13.21 -26.14 -7.50
N ARG A 213 14.09 -25.57 -6.68
CA ARG A 213 13.66 -24.97 -5.41
C ARG A 213 13.75 -23.45 -5.44
N SER A 214 14.49 -22.92 -6.42
CA SER A 214 14.57 -21.48 -6.66
C SER A 214 14.91 -21.16 -8.11
N LEU A 215 14.52 -19.97 -8.56
CA LEU A 215 14.73 -19.53 -9.93
C LEU A 215 15.17 -18.07 -9.99
N SER A 216 15.76 -17.68 -11.12
CA SER A 216 16.02 -16.27 -11.41
C SER A 216 14.76 -15.62 -11.96
N ALA A 217 14.89 -14.42 -12.53
CA ALA A 217 13.75 -13.68 -13.07
C ALA A 217 13.07 -14.42 -14.23
N ASN A 218 11.75 -14.57 -14.12
CA ASN A 218 10.91 -15.27 -15.11
C ASN A 218 11.30 -16.71 -15.42
N GLY A 219 11.96 -17.36 -14.45
CA GLY A 219 12.42 -18.75 -14.60
C GLY A 219 13.39 -18.95 -15.74
N ALA A 220 14.25 -17.95 -15.96
CA ALA A 220 15.25 -18.01 -17.02
C ALA A 220 16.33 -19.05 -16.71
N ARG A 221 16.73 -19.11 -15.44
CA ARG A 221 17.73 -20.08 -14.98
C ARG A 221 17.34 -20.65 -13.61
N THR A 222 17.83 -21.86 -13.32
CA THR A 222 17.58 -22.52 -12.05
C THR A 222 18.72 -22.22 -11.07
N TRP A 223 18.37 -21.88 -9.83
CA TRP A 223 19.38 -21.59 -8.80
C TRP A 223 19.68 -22.82 -7.96
N LEU A 224 20.93 -23.29 -8.04
CA LEU A 224 21.38 -24.48 -7.32
C LEU A 224 21.63 -24.17 -5.85
N VAL A 225 20.55 -24.13 -5.08
CA VAL A 225 20.59 -23.71 -3.68
C VAL A 225 20.16 -24.82 -2.72
N ASP A 226 20.79 -24.85 -1.55
CA ASP A 226 20.40 -25.76 -0.48
C ASP A 226 19.30 -25.11 0.35
N ILE A 227 18.13 -25.75 0.39
CA ILE A 227 16.95 -25.21 1.08
C ILE A 227 17.10 -25.26 2.61
N ASN A 228 18.03 -26.09 3.08
CA ASN A 228 18.30 -26.23 4.51
C ASN A 228 19.25 -25.16 5.06
N ASN A 229 19.72 -24.29 4.18
CA ASN A 229 20.70 -23.25 4.53
C ASN A 229 20.22 -22.32 5.64
N GLU A 230 21.13 -22.01 6.56
CA GLU A 230 20.89 -21.10 7.68
C GLU A 230 20.50 -19.69 7.20
N THR A 231 21.15 -19.24 6.13
CA THR A 231 20.94 -17.89 5.59
C THR A 231 19.58 -17.69 4.90
N LEU A 232 18.77 -18.75 4.88
CA LEU A 232 17.43 -18.71 4.28
C LEU A 232 16.32 -18.81 5.32
N LYS A 233 16.71 -19.02 6.58
CA LYS A 233 15.76 -19.14 7.68
C LYS A 233 15.63 -17.83 8.45
N PRO A 234 14.37 -17.35 8.64
CA PRO A 234 14.14 -16.20 9.51
C PRO A 234 14.33 -16.57 10.98
N ALA A 235 14.38 -15.57 11.86
CA ALA A 235 14.61 -15.78 13.29
C ALA A 235 13.58 -16.74 13.91
N SER A 236 14.09 -17.77 14.58
CA SER A 236 13.29 -18.78 15.28
C SER A 236 12.38 -19.62 14.36
N TRP A 237 12.80 -19.78 13.11
CA TRP A 237 12.05 -20.57 12.12
C TRP A 237 11.94 -22.03 12.50
N ASP A 238 13.01 -22.59 13.05
CA ASP A 238 13.06 -24.01 13.45
C ASP A 238 12.20 -24.29 14.69
N GLU A 239 11.78 -23.23 15.37
CA GLU A 239 10.91 -23.35 16.55
C GLU A 239 9.47 -22.88 16.28
N LEU A 240 9.07 -22.89 15.00
CA LEU A 240 7.74 -22.42 14.61
C LEU A 240 6.63 -23.37 15.04
N ALA A 241 6.93 -24.67 15.13
CA ALA A 241 5.96 -25.67 15.56
C ALA A 241 5.38 -25.38 16.94
N ASP A 242 6.17 -24.74 17.79
CA ASP A 242 5.74 -24.31 19.12
C ASP A 242 4.92 -23.02 19.05
N GLU A 243 5.14 -22.24 17.99
CA GLU A 243 4.48 -20.94 17.80
C GLU A 243 3.14 -21.05 17.06
N LYS A 244 2.93 -22.17 16.36
CA LYS A 244 1.73 -22.36 15.53
C LYS A 244 0.46 -22.45 16.36
N PRO A 245 -0.61 -21.73 15.93
CA PRO A 245 -1.88 -21.69 16.67
C PRO A 245 -2.48 -23.07 16.88
N LYS A 246 -3.03 -23.27 18.08
CA LYS A 246 -3.59 -24.57 18.50
C LYS A 246 -4.73 -25.02 17.61
N LEU A 247 -4.71 -26.31 17.24
CA LEU A 247 -5.78 -26.92 16.46
C LEU A 247 -6.19 -28.25 17.08
N ASP A 248 -7.30 -28.23 17.82
CA ASP A 248 -7.80 -29.41 18.53
C ASP A 248 -8.38 -30.45 17.58
N SER A 249 -9.14 -29.97 16.60
CA SER A 249 -9.79 -30.83 15.61
C SER A 249 -10.02 -30.06 14.31
N PHE A 250 -10.27 -30.80 13.22
CA PHE A 250 -10.57 -30.19 11.92
C PHE A 250 -11.93 -29.49 11.92
N SER A 251 -12.75 -29.81 12.92
CA SER A 251 -14.07 -29.22 13.08
C SER A 251 -14.04 -27.75 13.52
N ASP A 252 -12.87 -27.27 13.92
CA ASP A 252 -12.69 -25.89 14.38
C ASP A 252 -12.22 -24.94 13.27
N ILE A 253 -12.16 -25.44 12.04
CA ILE A 253 -11.62 -24.67 10.92
C ILE A 253 -12.62 -23.70 10.27
N THR A 254 -12.22 -22.45 10.12
CA THR A 254 -12.88 -21.48 9.24
C THR A 254 -11.84 -20.95 8.26
N ILE A 255 -12.24 -20.79 6.99
CA ILE A 255 -11.32 -20.43 5.92
C ILE A 255 -11.61 -19.05 5.31
N TYR A 256 -10.54 -18.29 5.07
CA TYR A 256 -10.63 -16.95 4.50
C TYR A 256 -9.79 -16.90 3.23
N GLU A 257 -10.45 -16.77 2.08
CA GLU A 257 -9.77 -16.82 0.78
C GLU A 257 -9.33 -15.45 0.28
N LEU A 258 -8.01 -15.28 0.15
CA LEU A 258 -7.40 -14.00 -0.20
C LEU A 258 -6.37 -14.15 -1.31
N HIS A 259 -6.31 -13.16 -2.19
CA HIS A 259 -5.27 -13.08 -3.23
C HIS A 259 -4.17 -12.13 -2.78
N ILE A 260 -2.92 -12.60 -2.88
CA ILE A 260 -1.74 -11.90 -2.36
C ILE A 260 -1.63 -10.45 -2.81
N ARG A 261 -1.82 -10.20 -4.10
CA ARG A 261 -1.71 -8.84 -4.63
C ARG A 261 -2.85 -7.92 -4.16
N ASP A 262 -4.08 -8.42 -4.19
CA ASP A 262 -5.26 -7.67 -3.76
C ASP A 262 -5.13 -7.14 -2.34
N PHE A 263 -4.50 -7.95 -1.48
CA PHE A 263 -4.33 -7.64 -0.06
C PHE A 263 -3.68 -6.28 0.20
N SER A 264 -2.68 -5.92 -0.61
CA SER A 264 -1.91 -4.70 -0.34
C SER A 264 -1.64 -3.81 -1.55
N ALA A 265 -2.29 -4.08 -2.68
CA ALA A 265 -2.11 -3.27 -3.89
C ALA A 265 -2.58 -1.83 -3.69
N HIS A 266 -3.70 -1.66 -3.00
CA HIS A 266 -4.27 -0.34 -2.74
C HIS A 266 -4.04 0.12 -1.28
N ASP A 267 -3.09 -0.51 -0.60
CA ASP A 267 -2.79 -0.18 0.79
C ASP A 267 -1.67 0.86 0.88
N GLY A 268 -2.05 2.09 1.22
CA GLY A 268 -1.11 3.20 1.35
C GLY A 268 -0.14 3.08 2.51
N THR A 269 -0.55 2.39 3.58
CA THR A 269 0.27 2.25 4.78
C THR A 269 1.51 1.36 4.58
N VAL A 270 1.54 0.64 3.45
CA VAL A 270 2.65 -0.26 3.10
C VAL A 270 3.52 0.38 2.02
N ASP A 271 4.83 0.19 2.11
CA ASP A 271 5.79 0.70 1.12
C ASP A 271 5.53 0.15 -0.28
N SER A 272 5.78 0.99 -1.29
CA SER A 272 5.49 0.65 -2.69
C SER A 272 6.27 -0.54 -3.23
N ASP A 273 7.43 -0.82 -2.64
CA ASP A 273 8.24 -1.98 -3.01
C ASP A 273 7.69 -3.29 -2.44
N SER A 274 6.87 -3.18 -1.40
CA SER A 274 6.24 -4.34 -0.75
C SER A 274 4.79 -4.55 -1.19
N ARG A 275 4.20 -3.53 -1.83
CA ARG A 275 2.79 -3.56 -2.24
C ARG A 275 2.48 -4.66 -3.25
N GLY A 276 1.65 -5.61 -2.82
CA GLY A 276 1.23 -6.73 -3.66
C GLY A 276 2.22 -7.89 -3.68
N GLY A 277 2.86 -8.14 -2.53
CA GLY A 277 3.85 -9.20 -2.41
C GLY A 277 3.94 -9.83 -1.02
N PHE A 278 4.90 -10.73 -0.85
CA PHE A 278 5.06 -11.49 0.40
C PHE A 278 5.42 -10.65 1.63
N ARG A 279 6.06 -9.49 1.41
CA ARG A 279 6.48 -8.62 2.52
C ARG A 279 5.34 -7.93 3.26
N ALA A 280 4.24 -7.65 2.55
CA ALA A 280 3.08 -6.97 3.11
C ALA A 280 2.54 -7.63 4.38
N PHE A 281 2.56 -8.96 4.40
CA PHE A 281 2.08 -9.74 5.54
C PHE A 281 3.02 -9.66 6.74
N ALA A 282 4.23 -9.15 6.53
CA ALA A 282 5.24 -9.06 7.59
C ALA A 282 5.31 -7.68 8.26
N TYR A 283 4.39 -6.79 7.88
CA TYR A 283 4.31 -5.45 8.46
C TYR A 283 3.77 -5.47 9.89
N GLN A 284 4.23 -4.52 10.69
CA GLN A 284 3.88 -4.41 12.11
C GLN A 284 2.40 -4.05 12.31
N ALA A 285 2.00 -2.88 11.82
CA ALA A 285 0.66 -2.36 12.02
C ALA A 285 0.10 -1.67 10.75
N SER A 286 0.07 -2.43 9.66
CA SER A 286 -0.59 -1.97 8.44
C SER A 286 -2.10 -2.14 8.57
N ALA A 287 -2.86 -1.48 7.70
CA ALA A 287 -4.32 -1.60 7.69
C ALA A 287 -4.74 -3.05 7.42
N GLY A 288 -4.05 -3.71 6.49
CA GLY A 288 -4.36 -5.09 6.11
C GLY A 288 -4.11 -6.12 7.20
N MET A 289 -3.02 -5.96 7.93
CA MET A 289 -2.67 -6.89 9.00
C MET A 289 -3.52 -6.68 10.26
N GLU A 290 -3.99 -5.46 10.47
CA GLU A 290 -4.92 -5.16 11.54
C GLU A 290 -6.30 -5.74 11.23
N HIS A 291 -6.66 -5.75 9.95
CA HIS A 291 -7.91 -6.34 9.48
C HIS A 291 -7.93 -7.85 9.70
N LEU A 292 -6.82 -8.51 9.38
CA LEU A 292 -6.68 -9.96 9.59
C LEU A 292 -6.59 -10.32 11.06
N ARG A 293 -6.10 -9.37 11.87
CA ARG A 293 -5.98 -9.55 13.31
C ARG A 293 -7.35 -9.52 13.99
N LYS A 294 -8.24 -8.66 13.48
CA LYS A 294 -9.59 -8.52 14.03
C LYS A 294 -10.42 -9.79 13.81
N LEU A 295 -10.33 -10.36 12.61
CA LEU A 295 -11.03 -11.59 12.27
C LEU A 295 -10.46 -12.78 13.04
N SER A 296 -9.14 -12.82 13.18
CA SER A 296 -8.45 -13.91 13.89
C SER A 296 -8.83 -13.98 15.37
N ASP A 297 -8.94 -12.80 16.00
CA ASP A 297 -9.37 -12.69 17.39
C ASP A 297 -10.83 -13.09 17.58
N ALA A 298 -11.63 -12.89 16.54
CA ALA A 298 -13.04 -13.27 16.54
C ALA A 298 -13.22 -14.80 16.51
N GLY A 299 -12.39 -15.48 15.71
CA GLY A 299 -12.44 -16.94 15.62
C GLY A 299 -11.87 -17.54 14.34
N LEU A 300 -11.51 -16.70 13.39
CA LEU A 300 -10.91 -17.14 12.13
C LEU A 300 -9.63 -17.93 12.39
N THR A 301 -9.48 -19.06 11.69
CA THR A 301 -8.36 -19.98 11.94
C THR A 301 -7.41 -20.14 10.75
N HIS A 302 -7.95 -20.15 9.54
CA HIS A 302 -7.16 -20.42 8.34
C HIS A 302 -7.26 -19.34 7.28
N VAL A 303 -6.15 -19.10 6.59
CA VAL A 303 -6.10 -18.18 5.46
C VAL A 303 -5.68 -18.95 4.20
N HIS A 304 -6.57 -18.98 3.21
CA HIS A 304 -6.29 -19.60 1.92
C HIS A 304 -5.83 -18.54 0.93
N LEU A 305 -4.60 -18.70 0.44
CA LEU A 305 -4.03 -17.78 -0.53
C LEU A 305 -4.04 -18.37 -1.93
N LEU A 306 -4.45 -17.56 -2.90
CA LEU A 306 -4.43 -17.94 -4.32
C LEU A 306 -3.00 -18.17 -4.84
N PRO A 307 -2.84 -18.92 -5.95
CA PRO A 307 -1.54 -19.41 -6.44
C PRO A 307 -0.33 -18.54 -6.13
N SER A 308 0.61 -19.13 -5.39
CA SER A 308 1.83 -18.43 -4.95
C SER A 308 3.10 -19.01 -5.58
N PHE A 309 2.97 -20.20 -6.19
CA PHE A 309 4.09 -20.84 -6.88
C PHE A 309 4.38 -20.16 -8.22
N HIS A 310 5.42 -20.61 -8.91
CA HIS A 310 5.84 -20.00 -10.18
C HIS A 310 4.83 -20.24 -11.32
N PHE A 311 4.10 -19.19 -11.65
CA PHE A 311 3.14 -19.22 -12.75
C PHE A 311 3.47 -18.19 -13.84
N ALA A 312 2.94 -18.42 -15.04
CA ALA A 312 3.09 -17.48 -16.14
C ALA A 312 1.92 -16.50 -16.18
N GLY A 313 2.09 -15.39 -16.90
CA GLY A 313 1.06 -14.37 -17.03
C GLY A 313 1.45 -13.03 -16.44
N VAL A 314 2.41 -13.06 -15.51
CA VAL A 314 2.92 -11.84 -14.88
C VAL A 314 4.45 -11.80 -14.96
N ASP A 315 4.97 -10.72 -15.51
CA ASP A 315 6.41 -10.49 -15.62
C ASP A 315 7.00 -10.24 -14.24
N ASP A 316 8.06 -10.97 -13.91
CA ASP A 316 8.75 -10.82 -12.63
C ASP A 316 9.52 -9.51 -12.56
N ILE A 317 10.07 -9.09 -13.70
CA ILE A 317 10.79 -7.82 -13.81
C ILE A 317 9.78 -6.67 -13.80
N LYS A 318 9.72 -5.97 -12.68
CA LYS A 318 8.66 -4.99 -12.40
C LYS A 318 8.69 -3.74 -13.29
N SER A 319 9.84 -3.46 -13.90
CA SER A 319 10.01 -2.29 -14.76
C SER A 319 9.19 -2.36 -16.05
N ASN A 320 8.81 -3.57 -16.46
CA ASN A 320 8.00 -3.78 -17.65
C ASN A 320 6.50 -3.54 -17.42
N TRP A 321 6.11 -3.44 -16.14
CA TRP A 321 4.70 -3.31 -15.76
C TRP A 321 4.04 -2.02 -16.28
N LYS A 322 2.86 -2.18 -16.86
CA LYS A 322 2.05 -1.06 -17.31
C LYS A 322 0.94 -0.75 -16.30
N PHE A 323 0.47 0.50 -16.30
CA PHE A 323 -0.56 0.95 -15.37
C PHE A 323 -1.63 1.77 -16.07
N VAL A 324 -2.79 1.88 -15.43
CA VAL A 324 -3.87 2.74 -15.90
C VAL A 324 -3.88 4.06 -15.14
N ASP A 325 -4.27 5.13 -15.83
CA ASP A 325 -4.35 6.46 -15.23
C ASP A 325 -5.52 6.52 -14.25
N GLU A 326 -5.21 6.27 -12.97
CA GLU A 326 -6.23 6.11 -11.93
C GLU A 326 -6.90 7.42 -11.50
N CYS A 327 -6.40 8.55 -12.00
CA CYS A 327 -7.05 9.84 -11.79
C CYS A 327 -8.11 10.12 -12.84
N GLU A 328 -7.72 10.03 -14.11
CA GLU A 328 -8.62 10.33 -15.24
C GLU A 328 -9.71 9.29 -15.45
N LEU A 329 -9.48 8.07 -14.95
CA LEU A 329 -10.47 7.00 -15.04
C LEU A 329 -11.63 7.18 -14.07
N ALA A 330 -11.38 7.92 -12.99
CA ALA A 330 -12.40 8.20 -11.97
C ALA A 330 -13.39 9.28 -12.40
N THR A 331 -13.05 10.03 -13.46
CA THR A 331 -13.91 11.09 -13.99
C THR A 331 -14.95 10.55 -14.99
N PHE A 332 -14.85 9.27 -15.32
CA PHE A 332 -15.83 8.61 -16.19
C PHE A 332 -17.08 8.25 -15.40
N PRO A 333 -18.24 8.11 -16.10
CA PRO A 333 -19.48 7.66 -15.46
C PRO A 333 -19.34 6.27 -14.81
N PRO A 334 -20.13 5.99 -13.75
CA PRO A 334 -20.05 4.71 -13.05
C PRO A 334 -20.47 3.51 -13.91
N GLY A 335 -21.21 3.77 -14.98
CA GLY A 335 -21.65 2.71 -15.89
C GLY A 335 -21.15 2.88 -17.31
N SER A 336 -19.91 3.38 -17.44
CA SER A 336 -19.29 3.57 -18.74
C SER A 336 -18.52 2.32 -19.18
N ASP A 337 -18.14 2.28 -20.46
CA ASP A 337 -17.34 1.19 -21.00
C ASP A 337 -15.90 1.63 -21.28
N MET A 338 -15.55 2.82 -20.82
CA MET A 338 -14.24 3.42 -21.08
C MET A 338 -13.15 2.92 -20.13
N GLN A 339 -13.55 2.56 -18.91
CA GLN A 339 -12.60 2.05 -17.91
C GLN A 339 -11.99 0.70 -18.30
N GLN A 340 -12.83 -0.19 -18.84
CA GLN A 340 -12.38 -1.52 -19.25
C GLN A 340 -11.51 -1.50 -20.50
N ALA A 341 -11.73 -0.50 -21.35
CA ALA A 341 -10.95 -0.33 -22.58
C ALA A 341 -9.49 0.03 -22.27
N ALA A 342 -9.29 0.78 -21.19
CA ALA A 342 -7.96 1.18 -20.74
C ALA A 342 -7.21 0.04 -20.07
N VAL A 343 -7.95 -0.84 -19.40
CA VAL A 343 -7.37 -1.99 -18.70
C VAL A 343 -7.01 -3.11 -19.69
N VAL A 344 -7.92 -3.41 -20.61
CA VAL A 344 -7.71 -4.45 -21.64
C VAL A 344 -6.50 -4.15 -22.53
N ALA A 345 -6.25 -2.87 -22.78
CA ALA A 345 -5.13 -2.44 -23.62
C ALA A 345 -3.76 -2.77 -23.00
N ILE A 346 -3.73 -2.96 -21.67
CA ILE A 346 -2.48 -3.19 -20.95
C ILE A 346 -2.49 -4.50 -20.15
N GLN A 347 -3.62 -5.23 -20.21
CA GLN A 347 -3.86 -6.40 -19.36
C GLN A 347 -2.83 -7.54 -19.52
N GLU A 348 -2.13 -7.56 -20.65
CA GLU A 348 -1.12 -8.59 -20.93
C GLU A 348 0.24 -8.26 -20.34
N GLU A 349 0.45 -6.98 -20.00
CA GLU A 349 1.72 -6.52 -19.44
C GLU A 349 1.53 -5.78 -18.11
N ASP A 350 0.40 -6.02 -17.46
CA ASP A 350 0.13 -5.45 -16.14
C ASP A 350 0.73 -6.32 -15.04
N PRO A 351 0.63 -5.90 -13.76
CA PRO A 351 1.09 -6.76 -12.68
C PRO A 351 0.07 -7.77 -12.16
N TYR A 352 -1.10 -7.88 -12.80
CA TYR A 352 -2.20 -8.66 -12.25
C TYR A 352 -2.56 -9.97 -12.97
N ASN A 353 -2.70 -11.03 -12.16
CA ASN A 353 -3.25 -12.32 -12.57
C ASN A 353 -3.50 -13.20 -11.34
N TRP A 354 -4.55 -14.02 -11.38
CA TRP A 354 -4.85 -14.95 -10.29
C TRP A 354 -3.71 -15.98 -10.09
N GLY A 355 -3.19 -16.47 -11.21
CA GLY A 355 -2.06 -17.39 -11.18
C GLY A 355 -2.41 -18.82 -11.56
N TYR A 356 -3.42 -18.98 -12.40
CA TYR A 356 -3.82 -20.32 -12.85
C TYR A 356 -3.13 -20.73 -14.15
N ASN A 357 -1.81 -20.55 -14.17
CA ASN A 357 -0.97 -20.91 -15.32
C ASN A 357 0.34 -21.54 -14.85
N PRO A 358 0.27 -22.76 -14.28
CA PRO A 358 1.44 -23.38 -13.64
C PRO A 358 2.61 -23.67 -14.59
N VAL A 359 3.82 -23.34 -14.14
CA VAL A 359 5.06 -23.61 -14.86
C VAL A 359 5.96 -24.53 -14.01
N LEU A 360 6.24 -24.08 -12.78
CA LEU A 360 6.97 -24.90 -11.80
C LEU A 360 6.33 -24.79 -10.43
N TRP A 361 5.95 -25.93 -9.85
CA TRP A 361 5.15 -25.97 -8.63
C TRP A 361 5.93 -25.73 -7.34
N GLY A 362 7.25 -25.94 -7.37
CA GLY A 362 8.08 -25.90 -6.16
C GLY A 362 8.73 -24.57 -5.79
N VAL A 363 8.59 -23.57 -6.65
CA VAL A 363 9.27 -22.29 -6.46
C VAL A 363 8.25 -21.17 -6.23
N PRO A 364 8.44 -20.35 -5.17
CA PRO A 364 7.61 -19.16 -4.94
C PRO A 364 7.68 -18.19 -6.11
N LYS A 365 6.58 -17.47 -6.35
CA LYS A 365 6.48 -16.54 -7.48
C LYS A 365 7.42 -15.35 -7.32
N GLY A 366 8.20 -15.07 -8.36
CA GLY A 366 9.20 -14.02 -8.35
C GLY A 366 8.65 -12.60 -8.30
N SER A 367 7.47 -12.40 -8.88
CA SER A 367 6.84 -11.08 -8.93
C SER A 367 6.33 -10.63 -7.56
N TYR A 368 6.01 -11.59 -6.69
CA TYR A 368 5.57 -11.28 -5.32
C TYR A 368 6.75 -11.05 -4.37
N ALA A 369 7.96 -11.22 -4.89
CA ALA A 369 9.17 -10.97 -4.12
C ALA A 369 9.71 -9.57 -4.43
N SER A 370 10.47 -9.01 -3.49
CA SER A 370 11.09 -7.70 -3.68
C SER A 370 12.15 -7.73 -4.80
N ASP A 371 12.87 -8.85 -4.89
CA ASP A 371 13.82 -9.07 -5.98
C ASP A 371 13.63 -10.46 -6.58
N PRO A 372 13.33 -10.54 -7.90
CA PRO A 372 13.20 -11.83 -8.58
C PRO A 372 14.50 -12.65 -8.58
N ASP A 373 15.64 -11.96 -8.51
CA ASP A 373 16.93 -12.61 -8.37
C ASP A 373 17.32 -12.67 -6.91
N GLY A 374 17.92 -13.78 -6.50
CA GLY A 374 18.44 -13.94 -5.14
C GLY A 374 17.55 -14.71 -4.18
N PRO A 375 17.95 -14.77 -2.90
CA PRO A 375 17.23 -15.51 -1.86
C PRO A 375 15.94 -14.83 -1.41
N SER A 376 15.60 -13.71 -2.05
CA SER A 376 14.46 -12.88 -1.67
C SER A 376 13.13 -13.65 -1.58
N ARG A 377 12.81 -14.41 -2.62
CA ARG A 377 11.52 -15.10 -2.73
C ARG A 377 11.30 -16.22 -1.70
N ILE A 378 12.39 -16.85 -1.25
CA ILE A 378 12.32 -17.95 -0.29
C ILE A 378 12.12 -17.42 1.13
N ILE A 379 12.92 -16.43 1.51
CA ILE A 379 12.86 -15.84 2.86
C ILE A 379 11.53 -15.14 3.11
N GLU A 380 11.11 -14.30 2.15
CA GLU A 380 9.88 -13.51 2.28
C GLU A 380 8.60 -14.36 2.33
N TYR A 381 8.66 -15.54 1.70
CA TYR A 381 7.57 -16.51 1.77
C TYR A 381 7.47 -17.08 3.18
N ARG A 382 8.61 -17.48 3.73
CA ARG A 382 8.69 -18.04 5.08
C ARG A 382 8.32 -17.01 6.15
N GLN A 383 8.62 -15.74 5.89
CA GLN A 383 8.22 -14.65 6.78
C GLN A 383 6.70 -14.46 6.78
N MET A 384 6.09 -14.62 5.60
CA MET A 384 4.64 -14.51 5.44
C MET A 384 3.89 -15.58 6.25
N VAL A 385 4.42 -16.81 6.21
CA VAL A 385 3.84 -17.93 6.96
C VAL A 385 3.98 -17.69 8.47
N GLN A 386 5.18 -17.31 8.88
CA GLN A 386 5.50 -17.03 10.29
C GLN A 386 4.64 -15.90 10.86
N ALA A 387 4.51 -14.81 10.11
CA ALA A 387 3.75 -13.64 10.55
C ALA A 387 2.25 -13.94 10.76
N LEU A 388 1.67 -14.72 9.84
CA LEU A 388 0.26 -15.10 9.95
C LEU A 388 0.01 -16.08 11.10
N ASN A 389 0.95 -16.99 11.33
CA ASN A 389 0.88 -17.92 12.45
C ASN A 389 0.93 -17.19 13.81
N ARG A 390 1.71 -16.12 13.86
CA ARG A 390 1.91 -15.36 15.09
C ARG A 390 0.69 -14.53 15.50
N ILE A 391 -0.09 -14.09 14.51
CA ILE A 391 -1.37 -13.43 14.78
C ILE A 391 -2.52 -14.44 14.89
N GLY A 392 -2.18 -15.73 14.81
CA GLY A 392 -3.14 -16.81 15.05
C GLY A 392 -3.89 -17.32 13.83
N LEU A 393 -3.21 -17.37 12.69
CA LEU A 393 -3.83 -17.81 11.44
C LEU A 393 -2.95 -18.79 10.68
N ARG A 394 -3.45 -20.01 10.51
CA ARG A 394 -2.77 -21.04 9.73
C ARG A 394 -2.90 -20.76 8.23
N VAL A 395 -1.92 -21.23 7.46
CA VAL A 395 -1.81 -20.86 6.04
C VAL A 395 -2.16 -22.04 5.11
N VAL A 396 -3.08 -21.78 4.18
CA VAL A 396 -3.49 -22.77 3.18
C VAL A 396 -3.09 -22.31 1.76
N MET A 397 -2.48 -23.22 1.00
CA MET A 397 -2.05 -22.94 -0.37
C MET A 397 -3.01 -23.47 -1.42
N ASP A 398 -3.37 -22.61 -2.36
CA ASP A 398 -4.11 -23.02 -3.54
C ASP A 398 -3.15 -23.75 -4.47
N VAL A 399 -3.32 -25.05 -4.60
CA VAL A 399 -2.46 -25.85 -5.48
C VAL A 399 -3.17 -26.24 -6.77
N VAL A 400 -2.50 -26.00 -7.89
CA VAL A 400 -3.05 -26.24 -9.23
C VAL A 400 -2.26 -27.33 -9.93
N TYR A 401 -2.62 -28.58 -9.67
CA TYR A 401 -1.93 -29.72 -10.28
C TYR A 401 -2.65 -30.27 -11.51
N ASN A 402 -3.81 -29.69 -11.82
CA ASN A 402 -4.67 -30.20 -12.89
C ASN A 402 -4.17 -29.93 -14.32
N HIS A 403 -3.42 -28.86 -14.50
CA HIS A 403 -2.93 -28.46 -15.82
C HIS A 403 -1.61 -27.68 -15.78
N LEU A 404 -1.08 -27.36 -16.96
CA LEU A 404 0.13 -26.56 -17.10
C LEU A 404 -0.12 -25.40 -18.06
N ASP A 405 0.64 -24.32 -17.91
CA ASP A 405 0.50 -23.13 -18.75
C ASP A 405 0.77 -23.43 -20.23
N SER A 406 1.95 -23.96 -20.51
CA SER A 406 2.38 -24.17 -21.89
C SER A 406 2.87 -25.59 -22.16
N SER A 407 2.99 -25.90 -23.44
CA SER A 407 3.52 -27.18 -23.90
C SER A 407 4.42 -26.96 -25.11
N GLY A 408 4.99 -28.04 -25.64
CA GLY A 408 5.87 -27.96 -26.80
C GLY A 408 7.30 -27.61 -26.45
N PRO A 409 8.21 -27.69 -27.44
CA PRO A 409 9.63 -27.44 -27.26
C PRO A 409 10.03 -25.96 -27.18
N CYS A 410 9.07 -25.07 -27.37
CA CYS A 410 9.35 -23.64 -27.42
C CYS A 410 8.74 -22.85 -26.26
N GLY A 411 9.34 -21.71 -25.94
CA GLY A 411 8.82 -20.81 -24.91
C GLY A 411 9.51 -20.94 -23.57
N ILE A 412 9.51 -19.84 -22.82
CA ILE A 412 10.10 -19.79 -21.49
C ILE A 412 9.19 -20.45 -20.45
N SER A 413 7.91 -20.57 -20.78
CA SER A 413 6.89 -21.06 -19.86
C SER A 413 6.64 -22.57 -19.95
N SER A 414 7.38 -23.24 -20.82
CA SER A 414 7.28 -24.68 -20.99
C SER A 414 8.49 -25.39 -20.37
N VAL A 415 8.25 -26.24 -19.39
CA VAL A 415 9.32 -26.94 -18.68
C VAL A 415 9.19 -28.47 -18.74
N LEU A 416 8.10 -28.98 -18.18
CA LEU A 416 7.89 -30.43 -18.06
C LEU A 416 7.70 -31.12 -19.42
N ASP A 417 6.89 -30.50 -20.28
CA ASP A 417 6.60 -31.05 -21.60
C ASP A 417 7.79 -30.90 -22.56
N LYS A 418 8.75 -30.05 -22.19
CA LYS A 418 9.96 -29.85 -22.98
C LYS A 418 10.94 -31.01 -22.79
N ILE A 419 11.08 -31.46 -21.54
CA ILE A 419 12.01 -32.53 -21.19
C ILE A 419 11.50 -33.91 -21.63
N VAL A 420 10.28 -34.24 -21.19
CA VAL A 420 9.64 -35.50 -21.60
C VAL A 420 8.34 -35.17 -22.34
N PRO A 421 8.41 -35.11 -23.69
CA PRO A 421 7.25 -34.76 -24.52
C PRO A 421 6.16 -35.82 -24.48
N GLY A 422 4.92 -35.37 -24.30
CA GLY A 422 3.73 -36.23 -24.37
C GLY A 422 3.52 -37.19 -23.21
N TYR A 423 4.14 -36.91 -22.07
CA TYR A 423 4.03 -37.77 -20.90
C TYR A 423 3.32 -37.09 -19.73
N TYR A 424 3.72 -35.86 -19.42
CA TYR A 424 3.14 -35.11 -18.31
C TYR A 424 1.74 -34.59 -18.65
N VAL A 425 1.44 -34.52 -19.94
CA VAL A 425 0.15 -34.04 -20.43
C VAL A 425 -0.79 -35.18 -20.84
N ARG A 426 -2.08 -34.98 -20.63
CA ARG A 426 -3.11 -35.96 -21.02
C ARG A 426 -3.51 -35.75 -22.47
N ARG A 427 -3.62 -36.85 -23.22
CA ARG A 427 -3.92 -36.80 -24.65
C ARG A 427 -5.09 -37.71 -25.01
N ASP A 428 -5.81 -37.36 -26.08
CA ASP A 428 -6.94 -38.15 -26.55
C ASP A 428 -6.50 -39.34 -27.42
N THR A 429 -7.48 -40.02 -28.03
CA THR A 429 -7.21 -41.20 -28.86
C THR A 429 -6.55 -40.88 -30.21
N ASN A 430 -6.38 -39.59 -30.49
CA ASN A 430 -5.67 -39.13 -31.67
C ASN A 430 -4.29 -38.54 -31.37
N GLY A 431 -4.01 -38.35 -30.07
CA GLY A 431 -2.70 -37.82 -29.65
C GLY A 431 -2.67 -36.33 -29.38
N GLN A 432 -3.78 -35.65 -29.66
CA GLN A 432 -3.92 -34.22 -29.36
C GLN A 432 -4.07 -33.99 -27.86
N ILE A 433 -3.51 -32.90 -27.36
CA ILE A 433 -3.54 -32.57 -25.94
C ILE A 433 -4.94 -32.11 -25.50
N GLU A 434 -5.39 -32.61 -24.35
CA GLU A 434 -6.68 -32.23 -23.76
C GLU A 434 -6.59 -30.85 -23.11
N ASN A 435 -7.61 -30.02 -23.35
CA ASN A 435 -7.65 -28.65 -22.83
C ASN A 435 -8.82 -28.37 -21.88
N SER A 436 -9.38 -29.44 -21.30
CA SER A 436 -10.64 -29.32 -20.53
C SER A 436 -10.52 -28.57 -19.21
N ALA A 437 -9.36 -28.68 -18.55
CA ALA A 437 -9.11 -27.96 -17.30
C ALA A 437 -8.99 -26.46 -17.58
N ALA A 438 -8.23 -26.13 -18.62
CA ALA A 438 -8.08 -24.78 -19.14
C ALA A 438 -7.22 -24.88 -20.40
N MET A 439 -6.00 -25.39 -20.19
CA MET A 439 -5.05 -25.67 -21.27
C MET A 439 -4.02 -26.68 -20.74
N ASN A 440 -3.57 -27.57 -21.61
CA ASN A 440 -2.52 -28.56 -21.28
C ASN A 440 -2.76 -29.32 -19.98
N ASN A 441 -3.78 -30.16 -19.96
CA ASN A 441 -4.14 -30.96 -18.79
C ASN A 441 -3.05 -31.95 -18.42
N THR A 442 -2.79 -32.07 -17.11
CA THR A 442 -1.81 -33.05 -16.60
C THR A 442 -2.42 -34.45 -16.59
N ALA A 443 -1.56 -35.45 -16.48
CA ALA A 443 -1.99 -36.84 -16.41
C ALA A 443 -1.48 -37.52 -15.14
N SER A 444 -2.17 -37.25 -14.04
CA SER A 444 -1.79 -37.75 -12.71
C SER A 444 -1.85 -39.28 -12.58
N GLU A 445 -2.43 -39.93 -13.58
CA GLU A 445 -2.49 -41.39 -13.64
C GLU A 445 -1.11 -42.00 -13.93
N HIS A 446 -0.25 -41.24 -14.62
CA HIS A 446 1.11 -41.66 -14.91
C HIS A 446 1.99 -41.55 -13.65
N PHE A 447 2.83 -42.57 -13.45
CA PHE A 447 3.63 -42.72 -12.22
C PHE A 447 4.45 -41.49 -11.82
N MET A 448 5.18 -40.92 -12.78
CA MET A 448 6.10 -39.81 -12.49
C MET A 448 5.39 -38.48 -12.27
N VAL A 449 4.19 -38.33 -12.83
CA VAL A 449 3.35 -37.17 -12.55
C VAL A 449 2.79 -37.29 -11.13
N ASP A 450 2.35 -38.50 -10.78
CA ASP A 450 1.87 -38.83 -9.45
C ASP A 450 2.91 -38.51 -8.39
N ARG A 451 4.15 -38.94 -8.64
CA ARG A 451 5.27 -38.70 -7.73
C ARG A 451 5.59 -37.20 -7.59
N LEU A 452 5.56 -36.49 -8.72
CA LEU A 452 5.86 -35.05 -8.76
C LEU A 452 4.91 -34.22 -7.91
N ILE A 453 3.64 -34.65 -7.86
CA ILE A 453 2.60 -33.96 -7.10
C ILE A 453 2.78 -34.15 -5.59
N VAL A 454 3.08 -35.38 -5.18
CA VAL A 454 3.29 -35.72 -3.78
C VAL A 454 4.60 -35.11 -3.24
N ASP A 455 5.64 -35.14 -4.06
CA ASP A 455 6.94 -34.56 -3.70
C ASP A 455 6.86 -33.05 -3.55
N ASP A 456 5.92 -32.44 -4.25
CA ASP A 456 5.69 -31.00 -4.16
C ASP A 456 4.94 -30.65 -2.87
N LEU A 457 3.91 -31.42 -2.56
CA LEU A 457 3.11 -31.21 -1.35
C LEU A 457 3.93 -31.40 -0.08
N LEU A 458 4.95 -32.26 -0.16
CA LEU A 458 5.89 -32.45 0.95
C LEU A 458 6.90 -31.30 1.02
N ASN A 459 7.28 -30.77 -0.13
CA ASN A 459 8.19 -29.62 -0.21
C ASN A 459 7.64 -28.39 0.49
N TRP A 460 6.36 -28.08 0.26
CA TRP A 460 5.72 -26.94 0.88
C TRP A 460 5.40 -27.17 2.36
N ALA A 461 5.19 -28.43 2.73
CA ALA A 461 4.89 -28.79 4.12
C ALA A 461 6.12 -28.76 5.04
N VAL A 462 7.27 -29.19 4.50
CA VAL A 462 8.50 -29.30 5.28
C VAL A 462 9.34 -28.02 5.22
N ASN A 463 9.62 -27.54 4.02
CA ASN A 463 10.50 -26.39 3.82
C ASN A 463 9.84 -25.04 4.11
N TYR A 464 8.51 -25.00 4.04
CA TYR A 464 7.77 -23.75 4.18
C TYR A 464 6.72 -23.79 5.29
N LYS A 465 6.53 -24.98 5.85
CA LYS A 465 5.62 -25.21 6.99
C LYS A 465 4.21 -24.69 6.71
N VAL A 466 3.61 -25.22 5.64
CA VAL A 466 2.26 -24.84 5.23
C VAL A 466 1.24 -25.75 5.93
N ASP A 467 0.09 -25.17 6.29
CA ASP A 467 -0.88 -25.84 7.16
C ASP A 467 -2.03 -26.54 6.44
N GLY A 468 -2.08 -26.42 5.11
CA GLY A 468 -3.15 -27.03 4.33
C GLY A 468 -3.07 -26.73 2.85
N PHE A 469 -3.89 -27.43 2.07
CA PHE A 469 -3.89 -27.28 0.61
C PHE A 469 -5.30 -27.31 0.00
N ARG A 470 -5.56 -26.37 -0.91
CA ARG A 470 -6.79 -26.35 -1.70
C ARG A 470 -6.49 -26.81 -3.12
N PHE A 471 -7.14 -27.89 -3.53
CA PHE A 471 -6.87 -28.50 -4.84
C PHE A 471 -7.78 -27.97 -5.94
N ASP A 472 -7.20 -27.17 -6.83
CA ASP A 472 -7.90 -26.68 -8.02
C ASP A 472 -8.21 -27.86 -8.94
N LEU A 473 -9.49 -27.99 -9.30
CA LEU A 473 -9.98 -29.08 -10.16
C LEU A 473 -9.46 -30.45 -9.71
N MET A 474 -9.83 -30.82 -8.49
CA MET A 474 -9.47 -32.08 -7.85
C MET A 474 -10.00 -33.29 -8.62
N GLY A 475 -11.12 -33.09 -9.33
CA GLY A 475 -11.71 -34.12 -10.17
C GLY A 475 -10.88 -34.51 -11.39
N HIS A 476 -9.88 -33.69 -11.70
CA HIS A 476 -8.94 -33.98 -12.79
C HIS A 476 -7.69 -34.69 -12.27
N ILE A 477 -7.63 -34.86 -10.95
CA ILE A 477 -6.55 -35.56 -10.28
C ILE A 477 -7.09 -36.91 -9.80
N MET A 478 -6.27 -37.95 -9.91
CA MET A 478 -6.65 -39.30 -9.46
C MET A 478 -6.78 -39.37 -7.94
N LYS A 479 -7.81 -40.08 -7.48
CA LYS A 479 -8.02 -40.35 -6.05
C LYS A 479 -6.80 -41.03 -5.44
N ARG A 480 -6.19 -41.92 -6.21
CA ARG A 480 -4.96 -42.61 -5.83
C ARG A 480 -3.88 -41.62 -5.37
N THR A 481 -3.70 -40.55 -6.14
CA THR A 481 -2.73 -39.50 -5.81
C THR A 481 -3.17 -38.71 -4.56
N MET A 482 -4.47 -38.47 -4.43
CA MET A 482 -5.04 -37.73 -3.31
C MET A 482 -4.87 -38.47 -1.97
N MET A 483 -5.05 -39.79 -2.00
CA MET A 483 -4.97 -40.61 -0.79
C MET A 483 -3.52 -40.84 -0.32
N ARG A 484 -2.60 -40.98 -1.26
CA ARG A 484 -1.19 -41.17 -0.95
C ARG A 484 -0.58 -39.89 -0.35
N ALA A 485 -1.01 -38.74 -0.87
CA ALA A 485 -0.58 -37.44 -0.37
C ALA A 485 -1.10 -37.20 1.05
N LYS A 486 -2.30 -37.71 1.34
CA LYS A 486 -2.92 -37.59 2.65
C LYS A 486 -2.13 -38.36 3.72
N SER A 487 -1.75 -39.58 3.38
CA SER A 487 -1.00 -40.44 4.30
C SER A 487 0.41 -39.94 4.53
N ALA A 488 1.02 -39.38 3.48
CA ALA A 488 2.37 -38.84 3.56
C ALA A 488 2.44 -37.61 4.45
N LEU A 489 1.45 -36.72 4.31
CA LEU A 489 1.40 -35.48 5.09
C LEU A 489 1.12 -35.73 6.56
N GLN A 490 0.28 -36.72 6.86
CA GLN A 490 -0.07 -37.07 8.24
C GLN A 490 1.07 -37.75 9.00
N SER A 491 1.94 -38.44 8.26
CA SER A 491 3.04 -39.19 8.86
C SER A 491 4.22 -38.29 9.29
N LEU A 492 4.17 -37.02 8.89
CA LEU A 492 5.19 -36.05 9.28
C LEU A 492 5.11 -35.74 10.76
N THR A 493 6.26 -35.83 11.44
CA THR A 493 6.34 -35.55 12.88
C THR A 493 7.31 -34.40 13.16
N THR A 494 7.19 -33.81 14.35
CA THR A 494 8.00 -32.66 14.75
C THR A 494 9.48 -33.01 14.89
N ASP A 495 9.77 -34.13 15.54
CA ASP A 495 11.15 -34.54 15.79
C ASP A 495 11.91 -34.96 14.53
N ALA A 496 11.18 -35.37 13.50
CA ALA A 496 11.78 -35.86 12.27
C ALA A 496 11.83 -34.82 11.14
N HIS A 497 10.83 -33.95 11.08
CA HIS A 497 10.74 -32.97 9.98
C HIS A 497 10.31 -31.55 10.40
N GLY A 498 10.09 -31.36 11.70
CA GLY A 498 9.80 -30.03 12.24
C GLY A 498 8.37 -29.54 12.13
N VAL A 499 7.49 -30.38 11.59
CA VAL A 499 6.08 -30.02 11.39
C VAL A 499 5.16 -31.16 11.82
N ASP A 500 4.15 -30.83 12.63
CA ASP A 500 3.12 -31.80 13.02
C ASP A 500 2.15 -32.02 11.86
N GLY A 501 2.26 -33.19 11.22
CA GLY A 501 1.51 -33.49 10.01
C GLY A 501 0.05 -33.87 10.21
N SER A 502 -0.32 -34.19 11.45
CA SER A 502 -1.69 -34.59 11.78
C SER A 502 -2.67 -33.41 11.76
N LYS A 503 -2.13 -32.19 11.73
CA LYS A 503 -2.95 -30.98 11.75
C LYS A 503 -3.18 -30.39 10.35
N ILE A 504 -2.53 -30.98 9.35
CA ILE A 504 -2.67 -30.52 7.95
C ILE A 504 -3.97 -31.02 7.34
N TYR A 505 -4.76 -30.09 6.83
CA TYR A 505 -6.08 -30.38 6.27
C TYR A 505 -6.11 -30.18 4.75
N LEU A 506 -6.88 -31.02 4.06
CA LEU A 506 -6.96 -31.00 2.60
C LEU A 506 -8.39 -30.88 2.10
N TYR A 507 -8.56 -30.12 1.00
CA TYR A 507 -9.86 -29.95 0.33
C TYR A 507 -9.67 -29.46 -1.11
N GLY A 508 -10.76 -29.44 -1.89
CA GLY A 508 -10.69 -28.94 -3.26
C GLY A 508 -11.97 -28.94 -4.08
N GLU A 509 -11.84 -28.51 -5.34
CA GLU A 509 -12.92 -28.50 -6.31
C GLU A 509 -13.16 -29.89 -6.89
N GLY A 510 -14.21 -30.57 -6.43
CA GLY A 510 -14.49 -31.92 -6.88
C GLY A 510 -15.41 -32.05 -8.08
N TRP A 511 -15.26 -31.15 -9.05
CA TRP A 511 -16.12 -31.16 -10.23
C TRP A 511 -15.80 -32.32 -11.17
N ASP A 512 -16.85 -33.05 -11.56
CA ASP A 512 -16.71 -34.21 -12.42
C ASP A 512 -17.19 -33.87 -13.83
N PHE A 513 -16.26 -33.79 -14.77
CA PHE A 513 -16.56 -33.40 -16.16
C PHE A 513 -15.48 -33.82 -17.16
N ALA A 514 -15.76 -33.64 -18.45
CA ALA A 514 -14.82 -33.88 -19.55
C ALA A 514 -14.35 -35.33 -19.69
N GLU A 515 -13.18 -35.51 -20.30
CA GLU A 515 -12.64 -36.84 -20.63
C GLU A 515 -12.29 -37.72 -19.43
N VAL A 516 -12.48 -37.18 -18.22
CA VAL A 516 -12.15 -37.89 -16.99
C VAL A 516 -13.43 -38.28 -16.21
N ALA A 517 -14.58 -37.84 -16.70
CA ALA A 517 -15.88 -38.12 -16.08
C ALA A 517 -16.22 -39.62 -16.06
N ARG A 518 -17.13 -39.99 -15.16
CA ARG A 518 -17.52 -41.40 -14.93
C ARG A 518 -16.37 -42.42 -14.96
N ASN A 519 -15.26 -42.04 -14.30
CA ASN A 519 -14.07 -42.88 -14.17
C ASN A 519 -13.45 -43.38 -15.48
N GLN A 520 -13.50 -42.54 -16.51
CA GLN A 520 -13.01 -42.91 -17.85
C GLN A 520 -11.48 -43.04 -17.95
N ARG A 521 -10.77 -42.35 -17.06
CA ARG A 521 -9.31 -42.43 -17.01
C ARG A 521 -8.83 -43.06 -15.70
N GLY A 522 -9.77 -43.55 -14.90
CA GLY A 522 -9.49 -44.09 -13.57
C GLY A 522 -10.35 -43.39 -12.52
N ILE A 523 -10.35 -43.94 -11.29
CA ILE A 523 -11.11 -43.35 -10.18
C ILE A 523 -10.60 -41.94 -9.86
N ASN A 524 -11.30 -40.94 -10.38
CA ASN A 524 -10.92 -39.54 -10.19
C ASN A 524 -11.50 -38.92 -8.92
N GLY A 525 -10.91 -37.81 -8.48
CA GLY A 525 -11.28 -37.17 -7.21
C GLY A 525 -12.49 -36.27 -7.26
N SER A 526 -13.62 -36.83 -7.65
CA SER A 526 -14.88 -36.09 -7.68
C SER A 526 -15.55 -36.14 -6.32
N GLN A 527 -16.43 -35.17 -6.05
CA GLN A 527 -17.16 -35.07 -4.78
C GLN A 527 -17.72 -36.41 -4.30
N LEU A 528 -18.32 -37.16 -5.23
CA LEU A 528 -18.95 -38.45 -4.92
C LEU A 528 -17.93 -39.53 -4.57
N ASN A 529 -16.83 -39.59 -5.32
CA ASN A 529 -15.75 -40.54 -5.06
C ASN A 529 -14.94 -40.22 -3.80
N MET A 530 -14.90 -38.93 -3.45
CA MET A 530 -14.16 -38.47 -2.27
C MET A 530 -14.98 -38.55 -0.98
N SER A 531 -16.10 -39.27 -1.04
CA SER A 531 -16.94 -39.51 0.13
C SER A 531 -16.29 -40.52 1.07
N GLY A 532 -16.14 -40.14 2.34
CA GLY A 532 -15.59 -41.01 3.37
C GLY A 532 -14.07 -41.02 3.46
N THR A 533 -13.42 -40.15 2.68
CA THR A 533 -11.96 -40.09 2.61
C THR A 533 -11.37 -39.16 3.67
N GLY A 534 -12.15 -38.18 4.12
CA GLY A 534 -11.67 -37.20 5.10
C GLY A 534 -11.09 -35.96 4.44
N ILE A 535 -11.17 -35.91 3.10
CA ILE A 535 -10.73 -34.75 2.34
C ILE A 535 -11.95 -33.95 1.91
N GLY A 536 -11.94 -32.65 2.21
CA GLY A 536 -13.09 -31.78 1.97
C GLY A 536 -13.36 -31.50 0.51
N SER A 537 -14.60 -31.07 0.24
CA SER A 537 -15.02 -30.66 -1.10
C SER A 537 -16.11 -29.59 -1.00
N PHE A 538 -16.11 -28.67 -1.98
CA PHE A 538 -17.04 -27.55 -2.00
C PHE A 538 -18.50 -27.98 -2.16
N ASN A 539 -19.35 -27.50 -1.26
CA ASN A 539 -20.79 -27.75 -1.33
C ASN A 539 -21.47 -26.77 -2.29
N ASP A 540 -21.55 -27.19 -3.56
CA ASP A 540 -22.17 -26.35 -4.60
C ASP A 540 -23.70 -26.41 -4.55
N ARG A 541 -24.23 -27.36 -3.80
CA ARG A 541 -25.69 -27.50 -3.61
C ARG A 541 -26.24 -26.35 -2.76
N ILE A 542 -25.63 -26.12 -1.60
CA ILE A 542 -26.03 -25.03 -0.70
C ILE A 542 -25.75 -23.65 -1.32
N ARG A 543 -24.69 -23.57 -2.13
CA ARG A 543 -24.29 -22.33 -2.79
C ARG A 543 -25.37 -21.84 -3.75
N ASP A 544 -25.88 -22.75 -4.56
CA ASP A 544 -26.90 -22.43 -5.58
C ASP A 544 -28.29 -22.25 -4.97
N ALA A 545 -28.56 -22.97 -3.88
CA ALA A 545 -29.86 -22.88 -3.19
C ALA A 545 -30.08 -21.54 -2.50
N ILE A 546 -28.98 -20.92 -2.06
CA ILE A 546 -29.02 -19.62 -1.39
C ILE A 546 -29.09 -18.48 -2.40
N ASN A 547 -28.15 -18.46 -3.33
CA ASN A 547 -28.06 -17.40 -4.34
C ASN A 547 -29.17 -17.47 -5.41
N GLY A 548 -29.43 -18.68 -5.91
CA GLY A 548 -30.46 -18.88 -6.94
C GLY A 548 -29.86 -19.23 -8.29
N GLY A 549 -30.47 -20.21 -8.96
CA GLY A 549 -29.99 -20.71 -10.24
C GLY A 549 -28.61 -21.33 -10.10
N ASN A 550 -27.70 -20.92 -11.00
CA ASN A 550 -26.29 -21.33 -10.94
C ASN A 550 -25.42 -20.30 -11.67
N PRO A 551 -24.09 -20.29 -11.40
CA PRO A 551 -23.16 -19.31 -11.97
C PRO A 551 -23.21 -19.19 -13.49
N PHE A 552 -23.58 -20.27 -14.18
CA PHE A 552 -23.64 -20.29 -15.64
C PHE A 552 -25.05 -20.14 -16.20
N GLY A 553 -26.04 -20.08 -15.31
CA GLY A 553 -27.44 -19.95 -15.70
C GLY A 553 -27.85 -18.51 -15.99
N ASN A 554 -29.15 -18.28 -16.07
CA ASN A 554 -29.69 -16.94 -16.27
C ASN A 554 -29.45 -16.07 -15.03
N PRO A 555 -28.79 -14.91 -15.21
CA PRO A 555 -28.38 -14.03 -14.11
C PRO A 555 -29.52 -13.61 -13.17
N LEU A 556 -30.76 -13.62 -13.66
CA LEU A 556 -31.90 -13.14 -12.89
C LEU A 556 -32.68 -14.23 -12.14
N GLN A 557 -32.15 -15.46 -12.15
CA GLN A 557 -32.77 -16.58 -11.44
C GLN A 557 -32.68 -16.38 -9.93
N GLN A 558 -33.83 -16.38 -9.26
CA GLN A 558 -33.89 -16.11 -7.83
C GLN A 558 -33.83 -17.38 -6.98
N GLY A 559 -33.30 -17.24 -5.76
CA GLY A 559 -33.21 -18.32 -4.80
C GLY A 559 -33.70 -17.94 -3.41
N PHE A 560 -33.37 -18.77 -2.43
CA PHE A 560 -33.85 -18.59 -1.05
C PHE A 560 -33.51 -17.23 -0.45
N ASN A 561 -32.26 -16.81 -0.60
CA ASN A 561 -31.81 -15.54 -0.04
C ASN A 561 -31.81 -14.38 -1.04
N THR A 562 -32.60 -14.54 -2.10
CA THR A 562 -32.75 -13.48 -3.11
C THR A 562 -34.23 -13.22 -3.43
N GLY A 563 -35.11 -13.70 -2.57
CA GLY A 563 -36.56 -13.43 -2.66
C GLY A 563 -37.26 -14.13 -3.81
N LEU A 564 -37.10 -15.45 -3.90
CA LEU A 564 -37.68 -16.25 -4.99
C LEU A 564 -39.19 -16.08 -5.10
N PHE A 565 -39.90 -16.32 -4.00
CA PHE A 565 -41.35 -16.18 -3.95
C PHE A 565 -41.74 -14.91 -3.20
N LEU A 566 -41.00 -14.60 -2.13
CA LEU A 566 -41.28 -13.48 -1.25
C LEU A 566 -41.20 -12.11 -1.94
N GLU A 567 -40.21 -11.93 -2.81
CA GLU A 567 -39.99 -10.65 -3.49
C GLU A 567 -39.60 -10.83 -4.96
N PRO A 568 -40.59 -11.07 -5.84
CA PRO A 568 -40.32 -11.28 -7.26
C PRO A 568 -39.64 -10.09 -7.92
N ASN A 569 -38.71 -10.37 -8.84
CA ASN A 569 -37.94 -9.31 -9.51
C ASN A 569 -38.41 -9.01 -10.94
N GLY A 570 -39.55 -9.58 -11.32
CA GLY A 570 -40.15 -9.32 -12.63
C GLY A 570 -39.83 -10.36 -13.69
N PHE A 571 -38.71 -11.05 -13.50
CA PHE A 571 -38.29 -12.14 -14.38
C PHE A 571 -39.18 -13.36 -14.17
N TYR A 572 -39.72 -13.90 -15.26
CA TYR A 572 -40.67 -15.02 -15.18
C TYR A 572 -39.99 -16.32 -14.77
N GLN A 573 -40.43 -16.84 -13.62
CA GLN A 573 -39.91 -18.09 -13.07
C GLN A 573 -41.05 -19.05 -12.73
N GLY A 574 -42.21 -18.80 -13.35
CA GLY A 574 -43.42 -19.59 -13.10
C GLY A 574 -44.44 -18.81 -12.29
N ASN A 575 -45.58 -19.45 -12.01
CA ASN A 575 -46.62 -18.84 -11.18
C ASN A 575 -46.27 -18.83 -9.69
N GLU A 576 -47.17 -18.28 -8.87
CA GLU A 576 -46.96 -18.18 -7.42
C GLU A 576 -46.80 -19.53 -6.74
N ALA A 577 -47.56 -20.52 -7.19
CA ALA A 577 -47.49 -21.88 -6.62
C ALA A 577 -46.19 -22.59 -7.00
N ASP A 578 -45.66 -22.26 -8.17
CA ASP A 578 -44.41 -22.85 -8.66
C ASP A 578 -43.19 -22.30 -7.94
N THR A 579 -43.17 -20.98 -7.70
CA THR A 579 -42.07 -20.33 -6.99
C THR A 579 -42.04 -20.71 -5.50
N ARG A 580 -43.22 -20.86 -4.91
CA ARG A 580 -43.35 -21.25 -3.51
C ARG A 580 -42.86 -22.69 -3.28
N ARG A 581 -43.15 -23.57 -4.23
CA ARG A 581 -42.70 -24.97 -4.16
C ARG A 581 -41.19 -25.06 -4.42
N SER A 582 -40.67 -24.13 -5.20
CA SER A 582 -39.23 -24.06 -5.48
C SER A 582 -38.44 -23.48 -4.31
N LEU A 583 -39.07 -22.56 -3.57
CA LEU A 583 -38.46 -21.95 -2.39
C LEU A 583 -38.33 -22.96 -1.25
N ALA A 584 -39.36 -23.79 -1.08
CA ALA A 584 -39.37 -24.82 -0.05
C ALA A 584 -38.40 -25.96 -0.37
N THR A 585 -38.15 -26.15 -1.66
CA THR A 585 -37.17 -27.13 -2.14
C THR A 585 -35.74 -26.66 -1.84
N TYR A 586 -35.47 -25.38 -2.13
CA TYR A 586 -34.17 -24.78 -1.84
C TYR A 586 -33.85 -24.81 -0.34
N ALA A 587 -34.87 -24.59 0.48
CA ALA A 587 -34.74 -24.61 1.94
C ALA A 587 -34.35 -25.99 2.46
N ASP A 588 -34.86 -27.03 1.80
CA ASP A 588 -34.52 -28.42 2.15
C ASP A 588 -33.07 -28.74 1.83
N GLN A 589 -32.54 -28.12 0.78
CA GLN A 589 -31.15 -28.32 0.36
C GLN A 589 -30.17 -27.61 1.29
N ILE A 590 -30.53 -26.41 1.72
CA ILE A 590 -29.74 -25.62 2.67
C ILE A 590 -29.65 -26.34 4.02
N GLN A 591 -30.78 -26.86 4.49
CA GLN A 591 -30.86 -27.52 5.80
C GLN A 591 -29.98 -28.77 5.90
N ILE A 592 -29.88 -29.51 4.80
CA ILE A 592 -28.95 -30.64 4.71
C ILE A 592 -27.51 -30.15 4.85
N GLY A 593 -27.18 -29.06 4.15
CA GLY A 593 -25.88 -28.41 4.25
C GLY A 593 -25.58 -27.80 5.60
N LEU A 594 -26.63 -27.27 6.24
CA LEU A 594 -26.53 -26.74 7.60
C LEU A 594 -26.24 -27.85 8.62
N ALA A 595 -26.65 -29.07 8.28
CA ALA A 595 -26.39 -30.25 9.11
C ALA A 595 -25.13 -31.01 8.68
N GLY A 596 -24.30 -30.34 7.88
CA GLY A 596 -23.01 -30.90 7.46
C GLY A 596 -23.04 -31.67 6.16
N ASN A 597 -24.10 -31.46 5.37
CA ASN A 597 -24.27 -32.10 4.06
C ASN A 597 -24.05 -33.61 4.08
N LEU A 598 -24.62 -34.26 5.09
CA LEU A 598 -24.40 -35.69 5.35
C LEU A 598 -25.26 -36.60 4.45
N ARG A 599 -24.74 -37.80 4.19
CA ARG A 599 -25.46 -38.83 3.45
C ARG A 599 -26.65 -39.37 4.25
N ASP A 600 -26.41 -39.64 5.53
CA ASP A 600 -27.34 -40.40 6.36
C ASP A 600 -28.18 -39.55 7.32
N TYR A 601 -28.07 -38.23 7.25
CA TYR A 601 -28.87 -37.35 8.10
C TYR A 601 -30.33 -37.31 7.64
N VAL A 602 -31.25 -37.51 8.58
CA VAL A 602 -32.67 -37.60 8.28
C VAL A 602 -33.36 -36.24 8.51
N LEU A 603 -33.98 -35.73 7.45
CA LEU A 603 -34.70 -34.46 7.48
C LEU A 603 -36.09 -34.59 6.89
N ILE A 604 -37.08 -33.98 7.54
CA ILE A 604 -38.43 -33.88 7.01
C ILE A 604 -38.46 -32.80 5.92
N SER A 605 -38.62 -33.23 4.68
CA SER A 605 -38.67 -32.31 3.54
C SER A 605 -40.03 -31.60 3.44
N HIS A 606 -40.13 -30.65 2.50
CA HIS A 606 -41.30 -29.78 2.37
C HIS A 606 -42.63 -30.52 2.13
N THR A 607 -42.55 -31.76 1.64
CA THR A 607 -43.74 -32.60 1.43
C THR A 607 -44.20 -33.27 2.72
N GLY A 608 -43.34 -33.26 3.74
CA GLY A 608 -43.61 -33.91 5.01
C GLY A 608 -42.90 -35.24 5.14
N GLU A 609 -42.35 -35.72 4.03
CA GLU A 609 -41.66 -37.00 3.95
C GLU A 609 -40.26 -36.92 4.59
N ALA A 610 -39.98 -37.87 5.48
CA ALA A 610 -38.67 -37.98 6.10
C ALA A 610 -37.68 -38.62 5.14
N LYS A 611 -36.68 -37.86 4.72
CA LYS A 611 -35.70 -38.32 3.73
C LYS A 611 -34.26 -38.19 4.24
N LYS A 612 -33.44 -39.18 3.88
CA LYS A 612 -32.00 -39.13 4.14
C LYS A 612 -31.34 -38.14 3.18
N GLY A 613 -30.21 -37.58 3.59
CA GLY A 613 -29.49 -36.57 2.82
C GLY A 613 -29.21 -36.95 1.37
N SER A 614 -28.80 -38.20 1.16
CA SER A 614 -28.52 -38.73 -0.17
C SER A 614 -29.78 -38.95 -1.00
N GLU A 615 -30.90 -39.22 -0.33
CA GLU A 615 -32.18 -39.47 -0.99
C GLU A 615 -32.80 -38.18 -1.54
N ILE A 616 -32.47 -37.04 -0.94
CA ILE A 616 -32.83 -35.74 -1.49
C ILE A 616 -31.86 -35.40 -2.62
N HIS A 617 -32.42 -35.24 -3.82
CA HIS A 617 -31.62 -34.98 -5.01
C HIS A 617 -31.73 -33.53 -5.47
N THR A 618 -30.76 -33.07 -6.24
CA THR A 618 -30.84 -31.79 -6.92
C THR A 618 -31.77 -31.92 -8.13
N PHE A 619 -32.30 -30.80 -8.61
CA PHE A 619 -33.30 -30.81 -9.68
C PHE A 619 -32.81 -31.40 -11.01
N ASP A 620 -31.50 -31.67 -11.10
CA ASP A 620 -30.91 -32.18 -12.34
C ASP A 620 -29.98 -33.38 -12.15
N GLY A 621 -30.40 -34.33 -11.31
CA GLY A 621 -29.71 -35.62 -11.19
C GLY A 621 -29.20 -36.04 -9.81
N LEU A 622 -28.03 -35.52 -9.44
CA LEU A 622 -27.26 -36.02 -8.29
C LEU A 622 -27.82 -35.79 -6.90
N PRO A 623 -27.32 -36.56 -5.91
CA PRO A 623 -27.72 -36.42 -4.50
C PRO A 623 -27.13 -35.16 -3.84
N VAL A 624 -27.91 -34.56 -2.94
CA VAL A 624 -27.49 -33.33 -2.24
C VAL A 624 -26.45 -33.65 -1.15
N GLY A 625 -26.81 -34.51 -0.21
CA GLY A 625 -25.88 -34.95 0.83
C GLY A 625 -25.02 -36.09 0.33
N TYR A 626 -23.71 -35.91 0.35
CA TYR A 626 -22.78 -36.89 -0.19
C TYR A 626 -21.59 -37.22 0.71
N THR A 627 -21.61 -36.74 1.95
CA THR A 627 -20.48 -36.92 2.86
C THR A 627 -20.79 -37.88 4.01
N ALA A 628 -19.74 -38.56 4.49
CA ALA A 628 -19.84 -39.49 5.62
C ALA A 628 -19.42 -38.82 6.93
N SER A 629 -18.73 -37.69 6.81
CA SER A 629 -18.26 -36.92 7.96
C SER A 629 -18.44 -35.42 7.68
N PRO A 630 -18.83 -34.64 8.71
CA PRO A 630 -19.03 -33.19 8.54
C PRO A 630 -17.80 -32.42 8.08
N ILE A 631 -16.61 -32.96 8.36
CA ILE A 631 -15.35 -32.31 7.97
C ILE A 631 -15.04 -32.43 6.47
N GLU A 632 -15.90 -33.13 5.74
CA GLU A 632 -15.77 -33.29 4.29
C GLU A 632 -16.55 -32.23 3.52
N THR A 633 -17.19 -31.32 4.26
CA THR A 633 -18.07 -30.31 3.68
C THR A 633 -17.48 -28.90 3.77
N ILE A 634 -17.38 -28.24 2.61
CA ILE A 634 -16.91 -26.86 2.53
C ILE A 634 -18.08 -25.96 2.11
N ASN A 635 -18.82 -25.46 3.09
CA ASN A 635 -19.96 -24.58 2.85
C ASN A 635 -19.53 -23.18 2.45
N TYR A 636 -20.04 -22.70 1.32
CA TYR A 636 -19.73 -21.35 0.81
C TYR A 636 -20.83 -20.78 -0.08
N VAL A 637 -20.85 -19.46 -0.21
CA VAL A 637 -21.80 -18.76 -1.08
C VAL A 637 -21.07 -17.94 -2.14
N SER A 638 -19.75 -17.81 -1.99
CA SER A 638 -18.92 -17.02 -2.91
C SER A 638 -17.45 -17.42 -2.80
N ALA A 639 -16.72 -17.22 -3.89
CA ALA A 639 -15.27 -17.42 -3.93
C ALA A 639 -14.65 -16.41 -4.89
N HIS A 640 -13.40 -16.64 -5.30
CA HIS A 640 -12.75 -15.80 -6.30
C HIS A 640 -13.43 -15.95 -7.66
N ASP A 641 -13.88 -17.18 -7.97
CA ASP A 641 -14.62 -17.47 -9.18
C ASP A 641 -15.99 -16.82 -9.15
N ASN A 642 -16.50 -16.46 -10.32
CA ASN A 642 -17.85 -15.90 -10.48
C ASN A 642 -17.99 -14.51 -9.86
N GLU A 643 -19.22 -14.13 -9.55
CA GLU A 643 -19.50 -12.80 -8.99
C GLU A 643 -19.50 -12.82 -7.47
N THR A 644 -19.06 -11.71 -6.87
CA THR A 644 -19.00 -11.57 -5.41
C THR A 644 -20.40 -11.53 -4.80
N LEU A 645 -20.48 -11.85 -3.52
CA LEU A 645 -21.75 -11.87 -2.79
C LEU A 645 -22.57 -10.59 -2.99
N PHE A 646 -21.91 -9.44 -2.88
CA PHE A 646 -22.56 -8.13 -3.06
C PHE A 646 -23.05 -7.92 -4.50
N ASP A 647 -22.25 -8.38 -5.47
CA ASP A 647 -22.58 -8.22 -6.88
C ASP A 647 -23.76 -9.08 -7.33
N VAL A 648 -23.83 -10.32 -6.82
CA VAL A 648 -24.89 -11.24 -7.19
C VAL A 648 -26.23 -10.88 -6.53
N ILE A 649 -26.15 -10.31 -5.33
CA ILE A 649 -27.34 -9.85 -4.60
C ILE A 649 -27.89 -8.56 -5.22
N SER A 650 -27.01 -7.73 -5.78
CA SER A 650 -27.42 -6.48 -6.43
C SER A 650 -28.10 -6.70 -7.78
N VAL A 651 -27.89 -7.87 -8.38
CA VAL A 651 -28.48 -8.22 -9.67
C VAL A 651 -29.79 -8.99 -9.50
N LYS A 652 -29.77 -10.01 -8.64
CA LYS A 652 -30.91 -10.92 -8.50
C LYS A 652 -32.10 -10.33 -7.72
N THR A 653 -31.80 -9.64 -6.62
CA THR A 653 -32.86 -9.07 -5.77
C THR A 653 -33.54 -7.87 -6.47
N PRO A 654 -34.80 -7.57 -6.08
CA PRO A 654 -35.55 -6.46 -6.68
C PRO A 654 -34.74 -5.17 -6.77
N MET A 655 -34.87 -4.49 -7.90
CA MET A 655 -34.07 -3.30 -8.20
C MET A 655 -34.50 -2.06 -7.40
N ILE A 656 -35.71 -2.10 -6.84
CA ILE A 656 -36.28 -0.98 -6.09
C ILE A 656 -35.70 -0.86 -4.66
N LEU A 657 -35.12 -1.96 -4.17
CA LEU A 657 -34.60 -2.03 -2.80
C LEU A 657 -33.51 -1.00 -2.50
N SER A 658 -33.39 -0.63 -1.23
CA SER A 658 -32.31 0.23 -0.76
C SER A 658 -31.06 -0.60 -0.47
N VAL A 659 -29.91 0.06 -0.45
CA VAL A 659 -28.63 -0.63 -0.20
C VAL A 659 -28.53 -1.18 1.23
N ASP A 660 -29.29 -0.57 2.16
CA ASP A 660 -29.33 -1.02 3.55
C ASP A 660 -30.01 -2.38 3.70
N GLU A 661 -31.01 -2.64 2.85
CA GLU A 661 -31.70 -3.93 2.84
C GLU A 661 -30.83 -5.04 2.26
N ARG A 662 -30.09 -4.72 1.20
CA ARG A 662 -29.15 -5.67 0.57
C ARG A 662 -27.97 -5.98 1.50
N CYS A 663 -27.56 -4.97 2.28
CA CYS A 663 -26.51 -5.12 3.28
C CYS A 663 -26.88 -6.19 4.33
N ARG A 664 -28.15 -6.21 4.70
CA ARG A 664 -28.67 -7.19 5.65
C ARG A 664 -28.74 -8.59 5.04
N ILE A 665 -29.00 -8.64 3.73
CA ILE A 665 -29.07 -9.91 3.00
C ILE A 665 -27.69 -10.54 2.88
N ASN A 666 -26.67 -9.71 2.65
CA ASN A 666 -25.28 -10.16 2.64
C ASN A 666 -24.88 -10.82 3.95
N HIS A 667 -25.36 -10.25 5.06
CA HIS A 667 -25.10 -10.78 6.39
C HIS A 667 -25.76 -12.14 6.61
N LEU A 668 -26.95 -12.33 6.04
CA LEU A 668 -27.68 -13.60 6.12
C LEU A 668 -26.92 -14.76 5.48
N ALA A 669 -26.45 -14.55 4.25
CA ALA A 669 -25.70 -15.56 3.51
C ALA A 669 -24.42 -15.96 4.24
N SER A 670 -23.67 -14.96 4.70
CA SER A 670 -22.43 -15.18 5.44
C SER A 670 -22.66 -15.92 6.76
N SER A 671 -23.71 -15.53 7.48
CA SER A 671 -24.03 -16.13 8.78
C SER A 671 -24.49 -17.58 8.65
N MET A 672 -25.23 -17.88 7.58
CA MET A 672 -25.67 -19.24 7.28
C MET A 672 -24.48 -20.17 7.12
N MET A 673 -23.37 -19.63 6.62
CA MET A 673 -22.14 -20.38 6.47
C MET A 673 -21.42 -20.56 7.80
N ALA A 674 -21.33 -19.47 8.56
CA ALA A 674 -20.62 -19.46 9.83
C ALA A 674 -21.29 -20.29 10.93
N LEU A 675 -22.62 -20.41 10.86
CA LEU A 675 -23.38 -21.15 11.86
C LEU A 675 -23.71 -22.59 11.44
N SER A 676 -23.30 -22.96 10.24
CA SER A 676 -23.53 -24.31 9.71
C SER A 676 -22.58 -25.32 10.31
N GLN A 677 -23.03 -26.57 10.39
CA GLN A 677 -22.14 -27.69 10.72
C GLN A 677 -21.20 -27.90 9.53
N GLY A 678 -19.97 -28.31 9.81
CA GLY A 678 -18.96 -28.45 8.78
C GLY A 678 -18.00 -27.28 8.77
N ILE A 679 -17.39 -27.02 7.63
CA ILE A 679 -16.35 -26.00 7.53
C ILE A 679 -16.79 -24.80 6.66
N PRO A 680 -16.94 -23.62 7.29
CA PRO A 680 -17.30 -22.38 6.60
C PRO A 680 -16.17 -21.84 5.74
N PHE A 681 -16.53 -21.30 4.58
CA PHE A 681 -15.58 -20.76 3.62
C PHE A 681 -16.02 -19.37 3.20
N PHE A 682 -15.16 -18.39 3.39
CA PHE A 682 -15.48 -17.00 3.07
C PHE A 682 -14.51 -16.41 2.06
N HIS A 683 -15.04 -15.65 1.12
CA HIS A 683 -14.25 -14.89 0.16
C HIS A 683 -13.86 -13.56 0.81
N ALA A 684 -12.63 -13.13 0.60
CA ALA A 684 -12.15 -11.86 1.15
C ALA A 684 -12.98 -10.69 0.63
N GLY A 685 -13.57 -9.92 1.53
CA GLY A 685 -14.41 -8.79 1.17
C GLY A 685 -15.88 -8.99 1.47
N ASP A 686 -16.27 -10.23 1.77
CA ASP A 686 -17.65 -10.55 2.16
C ASP A 686 -18.04 -9.81 3.44
N GLU A 687 -17.05 -9.53 4.28
CA GLU A 687 -17.24 -8.77 5.51
C GLU A 687 -17.45 -7.29 5.24
N ILE A 688 -16.85 -6.79 4.17
CA ILE A 688 -16.88 -5.35 3.85
C ILE A 688 -17.54 -5.05 2.49
N LEU A 689 -18.51 -5.88 2.13
CA LEU A 689 -19.38 -5.67 0.95
C LEU A 689 -18.63 -5.47 -0.38
N ARG A 690 -17.60 -6.29 -0.60
CA ARG A 690 -16.75 -6.16 -1.78
C ARG A 690 -17.51 -6.33 -3.10
N SER A 691 -17.18 -5.47 -4.05
CA SER A 691 -17.72 -5.55 -5.40
C SER A 691 -16.59 -5.66 -6.43
N LYS A 692 -16.92 -6.21 -7.59
CA LYS A 692 -16.00 -6.23 -8.74
C LYS A 692 -16.67 -5.54 -9.93
N SER A 693 -17.66 -4.72 -9.62
CA SER A 693 -18.54 -4.08 -10.63
C SER A 693 -19.23 -5.11 -11.53
N ILE A 694 -19.76 -6.16 -10.88
CA ILE A 694 -20.50 -7.25 -11.53
C ILE A 694 -19.64 -8.01 -12.56
N ASP A 695 -18.35 -8.15 -12.27
CA ASP A 695 -17.45 -8.94 -13.10
C ASP A 695 -17.52 -10.40 -12.66
N ARG A 696 -17.71 -11.32 -13.62
CA ARG A 696 -17.81 -12.74 -13.32
C ARG A 696 -16.49 -13.51 -13.48
N ASP A 697 -15.56 -12.95 -14.25
CA ASP A 697 -14.25 -13.55 -14.45
C ASP A 697 -13.16 -12.48 -14.40
N SER A 698 -12.76 -12.12 -13.18
CA SER A 698 -11.86 -11.01 -12.94
C SER A 698 -10.39 -11.42 -12.84
N TYR A 699 -10.07 -12.60 -13.38
CA TYR A 699 -8.71 -13.16 -13.33
C TYR A 699 -7.68 -12.27 -14.03
N ASN A 700 -8.13 -11.53 -15.04
CA ASN A 700 -7.25 -10.69 -15.85
C ASN A 700 -7.80 -9.26 -16.00
N SER A 701 -8.60 -8.84 -15.01
CA SER A 701 -9.25 -7.53 -15.04
C SER A 701 -8.43 -6.40 -14.39
N GLY A 702 -7.22 -6.73 -13.93
CA GLY A 702 -6.31 -5.75 -13.34
C GLY A 702 -6.63 -5.38 -11.91
N ASP A 703 -5.95 -4.35 -11.41
CA ASP A 703 -6.16 -3.83 -10.06
C ASP A 703 -7.46 -3.03 -9.95
N TRP A 704 -7.94 -2.53 -11.09
CA TRP A 704 -9.11 -1.66 -11.14
C TRP A 704 -10.40 -2.32 -10.65
N PHE A 705 -10.67 -3.52 -11.13
CA PHE A 705 -11.92 -4.23 -10.79
C PHE A 705 -11.78 -5.14 -9.58
N ASN A 706 -10.55 -5.47 -9.21
CA ASN A 706 -10.28 -6.41 -8.11
C ASN A 706 -9.92 -5.72 -6.79
N LYS A 707 -10.06 -4.39 -6.77
CA LYS A 707 -9.66 -3.56 -5.64
C LYS A 707 -10.25 -3.99 -4.29
N LEU A 708 -9.38 -4.11 -3.30
CA LEU A 708 -9.77 -4.27 -1.91
C LEU A 708 -9.35 -3.03 -1.14
N ASP A 709 -10.33 -2.32 -0.58
CA ASP A 709 -10.07 -1.08 0.14
C ASP A 709 -10.19 -1.28 1.65
N PHE A 710 -9.06 -1.16 2.34
CA PHE A 710 -9.02 -1.31 3.79
C PHE A 710 -9.12 0.02 4.54
N THR A 711 -9.35 1.09 3.78
CA THR A 711 -9.69 2.39 4.36
C THR A 711 -11.20 2.46 4.54
N TYR A 712 -11.89 1.47 3.96
CA TYR A 712 -13.35 1.31 4.03
C TYR A 712 -14.12 2.48 3.39
N GLU A 713 -13.45 3.23 2.52
CA GLU A 713 -14.06 4.36 1.84
C GLU A 713 -14.93 3.92 0.65
N THR A 714 -14.46 2.91 -0.08
CA THR A 714 -15.17 2.38 -1.24
C THR A 714 -15.27 0.85 -1.20
N ASN A 715 -16.30 0.30 -1.83
CA ASN A 715 -16.43 -1.14 -2.01
C ASN A 715 -16.13 -1.56 -3.45
N ASN A 716 -15.71 -0.59 -4.25
CA ASN A 716 -15.37 -0.76 -5.67
C ASN A 716 -16.57 -1.00 -6.60
N TRP A 717 -17.78 -0.72 -6.11
CA TRP A 717 -18.99 -0.72 -6.93
C TRP A 717 -19.06 0.59 -7.72
N GLY A 718 -19.40 0.48 -8.99
CA GLY A 718 -19.55 1.64 -9.86
C GLY A 718 -18.24 2.22 -10.33
N VAL A 719 -17.40 1.38 -10.94
CA VAL A 719 -16.14 1.82 -11.54
C VAL A 719 -16.09 1.51 -13.04
N GLY A 720 -17.25 1.55 -13.68
CA GLY A 720 -17.39 1.24 -15.10
C GLY A 720 -17.79 -0.20 -15.33
N LEU A 721 -18.34 -0.48 -16.51
CA LEU A 721 -18.68 -1.83 -16.93
C LEU A 721 -17.43 -2.71 -17.01
N PRO A 722 -17.52 -3.96 -16.55
CA PRO A 722 -16.39 -4.90 -16.58
C PRO A 722 -15.99 -5.30 -18.01
N PRO A 723 -14.73 -5.79 -18.20
CA PRO A 723 -14.20 -6.19 -19.50
C PRO A 723 -15.17 -6.94 -20.40
N SER A 724 -15.14 -6.62 -21.70
CA SER A 724 -16.12 -7.10 -22.67
C SER A 724 -16.11 -8.61 -22.90
N GLU A 725 -14.93 -9.16 -23.20
CA GLU A 725 -14.79 -10.58 -23.56
C GLU A 725 -15.54 -11.54 -22.62
N LYS A 726 -15.65 -11.15 -21.35
CA LYS A 726 -16.27 -12.01 -20.33
C LYS A 726 -17.67 -11.56 -19.90
N ASN A 727 -17.98 -10.28 -20.09
CA ASN A 727 -19.22 -9.69 -19.54
C ASN A 727 -20.11 -8.93 -20.54
N GLU A 728 -19.63 -8.71 -21.75
CA GLU A 728 -20.30 -7.86 -22.75
C GLU A 728 -21.80 -8.11 -22.90
N ASP A 729 -22.20 -9.38 -22.86
CA ASP A 729 -23.59 -9.79 -23.06
C ASP A 729 -24.50 -9.45 -21.88
N ASN A 730 -23.92 -9.15 -20.73
CA ASN A 730 -24.68 -8.79 -19.54
C ASN A 730 -24.63 -7.29 -19.22
N TRP A 731 -24.00 -6.52 -20.10
CA TRP A 731 -23.88 -5.06 -19.98
C TRP A 731 -25.22 -4.32 -19.84
N PRO A 732 -26.26 -4.72 -20.63
CA PRO A 732 -27.56 -4.04 -20.51
C PRO A 732 -28.26 -4.21 -19.16
N LEU A 733 -28.02 -5.32 -18.47
CA LEU A 733 -28.58 -5.53 -17.13
C LEU A 733 -27.62 -5.12 -16.01
N MET A 734 -26.46 -4.61 -16.39
CA MET A 734 -25.47 -4.09 -15.43
C MET A 734 -25.49 -2.57 -15.37
N LYS A 735 -25.57 -1.94 -16.54
CA LYS A 735 -25.47 -0.49 -16.69
C LYS A 735 -26.40 0.33 -15.77
N PRO A 736 -27.73 0.09 -15.83
CA PRO A 736 -28.65 0.89 -15.01
C PRO A 736 -28.44 0.71 -13.50
N ARG A 737 -28.02 -0.49 -13.10
CA ARG A 737 -27.70 -0.77 -11.69
C ARG A 737 -26.43 -0.06 -11.25
N LEU A 738 -25.45 0.04 -12.16
CA LEU A 738 -24.21 0.76 -11.90
C LEU A 738 -24.41 2.27 -11.90
N GLU A 739 -25.27 2.75 -12.79
CA GLU A 739 -25.54 4.18 -12.94
C GLU A 739 -26.40 4.78 -11.81
N ASN A 740 -27.09 3.91 -11.07
CA ASN A 740 -27.94 4.34 -9.96
C ASN A 740 -27.14 4.52 -8.67
N PRO A 741 -27.08 5.76 -8.14
CA PRO A 741 -26.31 6.08 -6.94
C PRO A 741 -26.75 5.35 -5.67
N SER A 742 -28.03 4.96 -5.61
CA SER A 742 -28.59 4.28 -4.43
C SER A 742 -28.08 2.84 -4.27
N PHE A 743 -27.41 2.33 -5.30
CA PHE A 743 -26.81 1.00 -5.27
C PHE A 743 -25.47 0.98 -4.53
N LYS A 744 -24.76 2.10 -4.57
CA LYS A 744 -23.43 2.21 -3.95
C LYS A 744 -23.52 2.49 -2.45
N PRO A 745 -22.96 1.58 -1.63
CA PRO A 745 -22.98 1.78 -0.18
C PRO A 745 -21.93 2.79 0.27
N ALA A 746 -22.17 3.40 1.44
CA ALA A 746 -21.25 4.38 2.01
C ALA A 746 -20.34 3.74 3.07
N LYS A 747 -19.52 4.56 3.71
CA LYS A 747 -18.57 4.12 4.74
C LYS A 747 -19.26 3.43 5.92
N GLY A 748 -20.41 3.96 6.33
CA GLY A 748 -21.18 3.44 7.45
C GLY A 748 -21.75 2.05 7.23
N HIS A 749 -22.09 1.74 5.97
CA HIS A 749 -22.61 0.43 5.59
C HIS A 749 -21.52 -0.63 5.72
N ILE A 750 -20.35 -0.34 5.14
CA ILE A 750 -19.20 -1.23 5.10
C ILE A 750 -18.74 -1.65 6.50
N LEU A 751 -18.62 -0.67 7.40
CA LEU A 751 -18.16 -0.92 8.77
C LEU A 751 -19.17 -1.71 9.61
N ALA A 752 -20.46 -1.46 9.37
CA ALA A 752 -21.52 -2.17 10.07
C ALA A 752 -21.62 -3.64 9.64
N ALA A 753 -21.36 -3.88 8.35
CA ALA A 753 -21.32 -5.23 7.80
C ALA A 753 -20.14 -6.04 8.37
N LEU A 754 -19.03 -5.35 8.59
CA LEU A 754 -17.83 -5.95 9.18
C LEU A 754 -18.04 -6.29 10.66
N ASP A 755 -18.59 -5.34 11.40
CA ASP A 755 -18.86 -5.52 12.83
C ASP A 755 -19.89 -6.64 13.06
N SER A 756 -20.86 -6.73 12.15
CA SER A 756 -21.86 -7.80 12.19
C SER A 756 -21.27 -9.16 11.83
N PHE A 757 -20.25 -9.15 10.98
CA PHE A 757 -19.52 -10.37 10.61
C PHE A 757 -18.70 -10.90 11.78
N VAL A 758 -17.97 -10.00 12.44
CA VAL A 758 -17.13 -10.34 13.59
C VAL A 758 -17.93 -10.97 14.72
N ASP A 759 -19.12 -10.42 14.97
CA ASP A 759 -20.02 -10.91 16.02
C ASP A 759 -20.47 -12.36 15.81
N ILE A 760 -20.75 -12.73 14.57
CA ILE A 760 -21.22 -14.08 14.25
C ILE A 760 -20.14 -15.14 14.47
N LEU A 761 -18.90 -14.82 14.07
CA LEU A 761 -17.76 -15.70 14.31
C LEU A 761 -17.58 -16.02 15.79
N LYS A 762 -17.71 -14.99 16.63
CA LYS A 762 -17.59 -15.14 18.09
C LYS A 762 -18.67 -16.05 18.66
N ILE A 763 -19.88 -15.99 18.09
CA ILE A 763 -21.00 -16.85 18.49
C ILE A 763 -20.70 -18.32 18.17
N ARG A 764 -20.11 -18.56 16.99
CA ARG A 764 -19.74 -19.91 16.58
C ARG A 764 -18.76 -20.56 17.55
N TYR A 765 -17.78 -19.78 18.02
CA TYR A 765 -16.75 -20.29 18.92
C TYR A 765 -17.07 -20.10 20.41
N SER A 766 -18.30 -19.68 20.70
CA SER A 766 -18.80 -19.60 22.07
C SER A 766 -19.48 -20.90 22.48
N SER A 767 -19.68 -21.78 21.50
CA SER A 767 -20.32 -23.07 21.73
C SER A 767 -19.69 -24.15 20.84
N PRO A 768 -19.28 -25.28 21.45
CA PRO A 768 -18.78 -26.42 20.68
C PRO A 768 -19.89 -27.13 19.90
N LEU A 769 -21.13 -26.76 20.18
CA LEU A 769 -22.31 -27.37 19.55
C LEU A 769 -22.47 -27.03 18.07
N PHE A 770 -21.87 -25.91 17.65
CA PHE A 770 -21.85 -25.53 16.23
C PHE A 770 -20.83 -26.34 15.44
N ARG A 771 -19.88 -26.95 16.16
CA ARG A 771 -18.77 -27.67 15.54
C ARG A 771 -18.73 -29.13 15.99
N LEU A 772 -19.80 -29.88 15.67
CA LEU A 772 -19.88 -31.29 16.00
C LEU A 772 -18.99 -32.11 15.06
N SER A 773 -18.19 -33.01 15.63
CA SER A 773 -17.11 -33.67 14.91
C SER A 773 -17.52 -34.91 14.09
N THR A 774 -18.56 -35.61 14.53
CA THR A 774 -18.98 -36.86 13.87
C THR A 774 -20.41 -36.79 13.31
N ALA A 775 -20.71 -37.70 12.38
CA ALA A 775 -22.03 -37.78 11.74
C ALA A 775 -23.13 -38.20 12.72
N ASN A 776 -22.80 -39.10 13.64
CA ASN A 776 -23.76 -39.59 14.63
C ASN A 776 -24.13 -38.55 15.69
N ASP A 777 -23.22 -37.61 15.94
CA ASP A 777 -23.49 -36.48 16.83
C ASP A 777 -24.56 -35.55 16.25
N ILE A 778 -24.47 -35.31 14.94
CA ILE A 778 -25.39 -34.43 14.24
C ILE A 778 -26.82 -35.00 14.18
N LYS A 779 -26.91 -36.30 13.88
CA LYS A 779 -28.20 -37.01 13.84
C LYS A 779 -28.98 -36.84 15.14
N GLN A 780 -28.30 -37.06 16.26
CA GLN A 780 -28.91 -37.07 17.59
C GLN A 780 -29.24 -35.67 18.11
N ARG A 781 -28.39 -34.69 17.78
CA ARG A 781 -28.47 -33.35 18.40
C ARG A 781 -29.14 -32.28 17.55
N VAL A 782 -28.90 -32.30 16.24
CA VAL A 782 -29.43 -31.27 15.34
C VAL A 782 -30.86 -31.60 14.89
N ARG A 783 -31.76 -30.65 15.12
CA ARG A 783 -33.17 -30.78 14.76
C ARG A 783 -33.68 -29.52 14.09
N PHE A 784 -34.38 -29.69 12.97
CA PHE A 784 -35.05 -28.59 12.29
C PHE A 784 -36.53 -28.58 12.61
N HIS A 785 -37.14 -27.40 12.67
CA HIS A 785 -38.50 -27.26 13.21
C HIS A 785 -39.56 -26.78 12.21
N ASN A 786 -39.23 -25.74 11.45
CA ASN A 786 -40.16 -25.18 10.47
C ASN A 786 -40.25 -26.06 9.21
N THR A 787 -40.92 -27.20 9.34
CA THR A 787 -41.00 -28.20 8.27
C THR A 787 -42.44 -28.56 7.94
N GLY A 788 -42.62 -29.27 6.82
CA GLY A 788 -43.93 -29.77 6.39
C GLY A 788 -44.62 -28.86 5.39
N PRO A 789 -45.90 -29.17 5.06
CA PRO A 789 -46.68 -28.31 4.19
C PRO A 789 -47.16 -27.04 4.89
N SER A 790 -47.08 -27.04 6.22
CA SER A 790 -47.59 -25.94 7.05
C SER A 790 -46.49 -24.95 7.49
N LEU A 791 -45.28 -25.10 6.94
CA LEU A 791 -44.15 -24.25 7.32
C LEU A 791 -44.32 -22.80 6.86
N VAL A 792 -43.71 -21.88 7.60
CA VAL A 792 -43.66 -20.47 7.22
C VAL A 792 -42.51 -20.27 6.22
N PRO A 793 -42.85 -19.89 4.97
CA PRO A 793 -41.85 -19.74 3.91
C PRO A 793 -40.74 -18.73 4.26
N GLY A 794 -39.51 -19.06 3.87
CA GLY A 794 -38.36 -18.19 4.10
C GLY A 794 -37.85 -18.18 5.52
N VAL A 795 -38.19 -19.21 6.29
CA VAL A 795 -37.74 -19.33 7.67
C VAL A 795 -37.16 -20.72 7.94
N ILE A 796 -35.90 -20.74 8.36
CA ILE A 796 -35.23 -21.96 8.78
C ILE A 796 -34.94 -21.91 10.27
N VAL A 797 -35.43 -22.92 11.00
CA VAL A 797 -35.20 -23.03 12.43
C VAL A 797 -34.31 -24.24 12.72
N MET A 798 -33.13 -23.98 13.28
CA MET A 798 -32.16 -25.03 13.60
C MET A 798 -31.90 -25.08 15.10
N GLY A 799 -32.07 -26.27 15.68
CA GLY A 799 -31.84 -26.47 17.11
C GLY A 799 -30.80 -27.53 17.40
N ILE A 800 -29.87 -27.23 18.29
CA ILE A 800 -28.82 -28.17 18.69
C ILE A 800 -28.98 -28.56 20.16
N GLU A 801 -29.11 -29.85 20.42
CA GLU A 801 -29.36 -30.38 21.76
C GLU A 801 -28.06 -30.83 22.45
N ASP A 802 -28.00 -30.63 23.77
CA ASP A 802 -26.88 -31.10 24.58
C ASP A 802 -27.39 -31.78 25.85
N ALA A 803 -26.51 -32.54 26.51
CA ALA A 803 -26.84 -33.28 27.74
C ALA A 803 -27.42 -32.38 28.83
N ARG A 804 -28.66 -32.65 29.21
CA ARG A 804 -29.37 -31.83 30.19
C ARG A 804 -30.17 -32.65 31.19
N GLY A 805 -30.43 -32.06 32.35
CA GLY A 805 -31.25 -32.69 33.40
C GLY A 805 -30.56 -33.83 34.13
N GLU A 806 -31.34 -34.60 34.89
CA GLU A 806 -30.83 -35.74 35.64
C GLU A 806 -30.73 -36.97 34.75
N SER A 807 -29.51 -37.47 34.59
CA SER A 807 -29.20 -38.64 33.75
C SER A 807 -29.63 -38.46 32.28
N PRO A 808 -28.75 -37.84 31.47
CA PRO A 808 -29.06 -37.60 30.04
C PRO A 808 -28.58 -38.74 29.13
N GLU A 809 -29.14 -38.79 27.92
CA GLU A 809 -28.80 -39.83 26.95
C GLU A 809 -27.41 -39.63 26.35
N MET A 810 -27.02 -38.37 26.18
CA MET A 810 -25.77 -38.03 25.51
C MET A 810 -24.74 -37.43 26.48
N ALA A 811 -23.49 -37.32 26.01
CA ALA A 811 -22.42 -36.70 26.79
C ALA A 811 -22.55 -35.18 26.74
N GLN A 812 -21.98 -34.52 27.75
CA GLN A 812 -21.97 -33.06 27.80
C GLN A 812 -20.78 -32.50 27.02
N LEU A 813 -21.07 -31.55 26.13
CA LEU A 813 -20.03 -30.92 25.30
C LEU A 813 -19.92 -29.42 25.57
N ASP A 814 -21.02 -28.81 26.00
CA ASP A 814 -21.06 -27.39 26.30
C ASP A 814 -21.19 -27.17 27.80
N THR A 815 -20.26 -26.38 28.34
CA THR A 815 -20.19 -26.12 29.79
C THR A 815 -21.07 -24.94 30.21
N ASN A 816 -21.41 -24.08 29.25
CA ASN A 816 -22.22 -22.90 29.52
C ASN A 816 -23.69 -23.07 29.10
N PHE A 817 -23.91 -23.67 27.94
CA PHE A 817 -25.25 -23.84 27.39
C PHE A 817 -25.69 -25.30 27.42
N SER A 818 -27.00 -25.51 27.36
CA SER A 818 -27.57 -26.86 27.28
C SER A 818 -28.39 -27.05 26.00
N TYR A 819 -28.70 -25.94 25.34
CA TYR A 819 -29.47 -25.96 24.09
C TYR A 819 -29.23 -24.66 23.32
N VAL A 820 -29.10 -24.76 22.00
CA VAL A 820 -28.95 -23.58 21.14
C VAL A 820 -29.92 -23.67 19.97
N VAL A 821 -30.67 -22.59 19.74
CA VAL A 821 -31.60 -22.50 18.62
C VAL A 821 -31.27 -21.29 17.75
N THR A 822 -31.17 -21.52 16.44
CA THR A 822 -30.90 -20.46 15.47
C THR A 822 -32.07 -20.29 14.49
N VAL A 823 -32.54 -19.05 14.34
CA VAL A 823 -33.62 -18.74 13.42
C VAL A 823 -33.12 -17.86 12.27
N PHE A 824 -33.26 -18.37 11.05
CA PHE A 824 -32.88 -17.62 9.85
C PHE A 824 -34.13 -17.07 9.19
N ASN A 825 -34.20 -15.74 9.07
CA ASN A 825 -35.35 -15.07 8.48
C ASN A 825 -34.95 -14.18 7.30
N VAL A 826 -35.52 -14.47 6.13
CA VAL A 826 -35.23 -13.71 4.92
C VAL A 826 -36.42 -12.86 4.46
N CYS A 827 -37.52 -12.96 5.19
CA CYS A 827 -38.74 -12.19 4.90
C CYS A 827 -38.53 -10.71 5.18
N PRO A 828 -39.14 -9.84 4.34
CA PRO A 828 -39.03 -8.38 4.51
C PRO A 828 -39.66 -7.86 5.80
N HIS A 829 -40.45 -8.70 6.47
CA HIS A 829 -41.14 -8.32 7.70
C HIS A 829 -40.82 -9.25 8.87
N GLU A 830 -41.26 -8.87 10.06
CA GLU A 830 -41.09 -9.65 11.29
C GLU A 830 -41.93 -10.93 11.26
N VAL A 831 -41.44 -11.98 11.91
CA VAL A 831 -42.16 -13.25 12.01
C VAL A 831 -42.34 -13.74 13.44
N SER A 832 -43.52 -14.28 13.73
CA SER A 832 -43.83 -14.87 15.02
C SER A 832 -44.01 -16.38 14.90
N MET A 833 -43.03 -17.13 15.39
CA MET A 833 -43.04 -18.59 15.32
C MET A 833 -43.63 -19.19 16.60
N ASP A 834 -44.27 -20.34 16.46
CA ASP A 834 -44.78 -21.09 17.60
C ASP A 834 -44.38 -22.55 17.50
N ILE A 835 -43.38 -22.94 18.30
CA ILE A 835 -42.84 -24.30 18.29
C ILE A 835 -43.12 -24.98 19.63
N PRO A 836 -44.04 -25.97 19.64
CA PRO A 836 -44.47 -26.66 20.86
C PRO A 836 -43.37 -27.51 21.50
N ALA A 837 -42.43 -28.00 20.70
CA ALA A 837 -41.32 -28.82 21.18
C ALA A 837 -40.27 -28.02 21.96
N LEU A 838 -40.22 -26.72 21.70
CA LEU A 838 -39.28 -25.83 22.38
C LEU A 838 -39.96 -24.97 23.45
N ALA A 839 -41.16 -25.38 23.86
CA ALA A 839 -41.94 -24.69 24.89
C ALA A 839 -41.46 -25.08 26.30
N SER A 840 -41.81 -24.23 27.28
CA SER A 840 -41.40 -24.41 28.68
C SER A 840 -39.90 -24.64 28.84
N MET A 841 -39.10 -23.81 28.15
CA MET A 841 -37.64 -23.89 28.21
C MET A 841 -37.06 -22.53 28.58
N GLY A 842 -35.82 -22.54 29.08
CA GLY A 842 -35.19 -21.32 29.59
C GLY A 842 -34.31 -20.59 28.58
N PHE A 843 -34.87 -20.32 27.40
CA PHE A 843 -34.12 -19.64 26.34
C PHE A 843 -33.98 -18.14 26.57
N GLU A 844 -32.88 -17.59 26.05
CA GLU A 844 -32.66 -16.14 26.00
C GLU A 844 -31.75 -15.80 24.82
N LEU A 845 -31.73 -14.53 24.43
CA LEU A 845 -30.89 -14.06 23.33
C LEU A 845 -29.42 -14.11 23.71
N HIS A 846 -28.57 -14.49 22.75
CA HIS A 846 -27.13 -14.61 22.96
C HIS A 846 -26.50 -13.28 23.37
N PRO A 847 -25.65 -13.29 24.42
CA PRO A 847 -25.02 -12.08 24.98
C PRO A 847 -24.30 -11.20 23.95
N VAL A 848 -23.84 -11.81 22.86
CA VAL A 848 -23.19 -11.07 21.77
C VAL A 848 -24.22 -10.22 21.02
N GLN A 849 -25.41 -10.75 20.81
CA GLN A 849 -26.48 -10.06 20.10
C GLN A 849 -27.26 -9.08 20.97
N VAL A 850 -27.16 -9.24 22.29
CA VAL A 850 -27.75 -8.29 23.24
C VAL A 850 -26.95 -6.99 23.25
N ASN A 851 -25.64 -7.11 23.12
CA ASN A 851 -24.73 -5.95 23.09
C ASN A 851 -24.35 -5.52 21.68
N SER A 852 -25.12 -5.99 20.70
CA SER A 852 -24.84 -5.73 19.28
C SER A 852 -25.00 -4.25 18.92
N SER A 853 -24.20 -3.79 17.96
CA SER A 853 -24.25 -2.40 17.50
C SER A 853 -25.48 -2.13 16.63
N ASP A 854 -26.05 -3.20 16.07
CA ASP A 854 -27.29 -3.09 15.32
C ASP A 854 -28.48 -3.12 16.29
N THR A 855 -29.33 -2.11 16.19
CA THR A 855 -30.49 -1.96 17.06
C THR A 855 -31.64 -2.90 16.68
N LEU A 856 -31.63 -3.36 15.42
CA LEU A 856 -32.71 -4.19 14.89
C LEU A 856 -32.71 -5.60 15.49
N VAL A 857 -31.53 -6.17 15.65
CA VAL A 857 -31.37 -7.53 16.22
C VAL A 857 -31.80 -7.59 17.68
N ARG A 858 -31.60 -6.49 18.40
CA ARG A 858 -31.90 -6.39 19.83
C ARG A 858 -33.36 -6.69 20.19
N LYS A 859 -34.27 -6.52 19.23
CA LYS A 859 -35.70 -6.74 19.46
C LYS A 859 -36.13 -8.22 19.40
N SER A 860 -35.16 -9.11 19.22
CA SER A 860 -35.42 -10.56 19.23
C SER A 860 -35.82 -11.00 20.63
N ALA A 861 -36.81 -11.88 20.71
CA ALA A 861 -37.38 -12.29 22.00
C ALA A 861 -37.87 -13.74 22.02
N TYR A 862 -38.05 -14.27 23.22
CA TYR A 862 -38.56 -15.62 23.43
C TYR A 862 -39.62 -15.63 24.53
N GLU A 863 -40.65 -16.46 24.36
CA GLU A 863 -41.67 -16.69 25.37
C GLU A 863 -41.76 -18.17 25.71
N ALA A 864 -41.77 -18.47 27.01
CA ALA A 864 -41.78 -19.86 27.48
C ALA A 864 -43.15 -20.53 27.38
N ALA A 865 -44.20 -19.72 27.24
CA ALA A 865 -45.58 -20.22 27.21
C ALA A 865 -45.86 -21.12 26.02
N THR A 866 -45.87 -20.55 24.82
CA THR A 866 -46.19 -21.29 23.60
C THR A 866 -44.93 -21.68 22.82
N GLY A 867 -43.77 -21.25 23.31
CA GLY A 867 -42.50 -21.44 22.61
C GLY A 867 -42.39 -20.48 21.44
N ARG A 868 -42.64 -19.20 21.72
CA ARG A 868 -42.70 -18.17 20.69
C ARG A 868 -41.35 -17.56 20.37
N PHE A 869 -41.01 -17.52 19.09
CA PHE A 869 -39.76 -16.91 18.62
C PHE A 869 -40.06 -15.72 17.71
N THR A 870 -40.00 -14.53 18.29
CA THR A 870 -40.19 -13.29 17.54
C THR A 870 -38.84 -12.80 17.02
N VAL A 871 -38.65 -12.94 15.71
CA VAL A 871 -37.39 -12.58 15.05
C VAL A 871 -37.64 -11.52 13.97
N PRO A 872 -36.90 -10.41 14.00
CA PRO A 872 -37.04 -9.29 13.06
C PRO A 872 -36.81 -9.69 11.60
N GLY A 873 -37.22 -8.82 10.68
CA GLY A 873 -37.09 -9.07 9.25
C GLY A 873 -35.67 -8.93 8.73
N ARG A 874 -35.30 -9.81 7.80
CA ARG A 874 -33.96 -9.87 7.21
C ARG A 874 -32.88 -10.00 8.29
N THR A 875 -33.09 -10.93 9.21
CA THR A 875 -32.25 -11.07 10.40
C THR A 875 -31.99 -12.54 10.73
N VAL A 876 -30.81 -12.81 11.27
CA VAL A 876 -30.49 -14.10 11.88
C VAL A 876 -30.32 -13.91 13.39
N SER A 877 -31.05 -14.71 14.16
CA SER A 877 -31.00 -14.63 15.62
C SER A 877 -30.55 -15.94 16.26
N VAL A 878 -29.71 -15.83 17.29
CA VAL A 878 -29.22 -16.99 18.02
C VAL A 878 -29.76 -16.97 19.46
N PHE A 879 -30.46 -18.03 19.83
CA PHE A 879 -31.01 -18.18 21.18
C PHE A 879 -30.27 -19.29 21.92
N VAL A 880 -30.06 -19.09 23.22
CA VAL A 880 -29.32 -20.06 24.04
C VAL A 880 -30.02 -20.35 25.36
N GLU A 881 -29.84 -21.57 25.87
CA GLU A 881 -30.34 -21.95 27.19
C GLU A 881 -29.18 -22.18 28.15
N PRO A 882 -28.96 -21.22 29.09
CA PRO A 882 -27.82 -21.27 30.02
C PRO A 882 -27.98 -22.34 31.10
N ARG A 883 -26.85 -22.88 31.57
CA ARG A 883 -26.85 -23.86 32.65
C ARG A 883 -26.80 -23.17 34.01
N ALA B 1 48.69 6.49 5.35
CA ALA B 1 47.56 5.61 5.76
C ALA B 1 46.55 5.42 4.62
N PHE B 2 45.91 4.26 4.61
CA PHE B 2 44.95 3.91 3.56
C PHE B 2 43.58 4.57 3.80
N MET B 3 43.28 5.60 3.02
CA MET B 3 42.02 6.33 3.13
C MET B 3 41.33 6.46 1.75
N PRO B 4 40.64 5.39 1.33
CA PRO B 4 40.03 5.37 0.00
C PRO B 4 38.77 6.24 -0.14
N ASP B 5 38.48 6.59 -1.38
CA ASP B 5 37.32 7.39 -1.77
C ASP B 5 36.26 6.41 -2.28
N ALA B 6 34.98 6.78 -2.22
CA ALA B 6 33.89 5.85 -2.59
C ALA B 6 33.10 6.24 -3.85
N ARG B 7 33.62 5.85 -5.01
CA ARG B 7 33.01 6.17 -6.30
C ARG B 7 32.21 5.02 -6.92
N ALA B 8 32.33 3.83 -6.34
CA ALA B 8 31.61 2.65 -6.80
C ALA B 8 30.39 2.34 -5.95
N TYR B 9 29.41 1.67 -6.55
CA TYR B 9 28.14 1.37 -5.90
C TYR B 9 27.83 -0.12 -5.96
N TRP B 10 27.38 -0.68 -4.84
CA TRP B 10 26.85 -2.04 -4.80
C TRP B 10 25.33 -1.93 -4.76
N VAL B 11 24.70 -2.13 -5.92
CA VAL B 11 23.27 -1.83 -6.10
C VAL B 11 22.32 -3.00 -5.77
N THR B 12 22.65 -4.20 -6.24
CA THR B 12 21.93 -5.42 -5.85
C THR B 12 22.94 -6.48 -5.44
N SER B 13 22.47 -7.62 -4.92
CA SER B 13 23.35 -8.65 -4.37
C SER B 13 24.26 -9.33 -5.40
N ASP B 14 24.08 -9.00 -6.68
CA ASP B 14 24.90 -9.59 -7.74
C ASP B 14 25.34 -8.56 -8.79
N LEU B 15 25.25 -7.27 -8.45
CA LEU B 15 25.58 -6.22 -9.41
C LEU B 15 26.28 -5.03 -8.75
N ILE B 16 27.39 -4.62 -9.34
CA ILE B 16 28.15 -3.45 -8.92
C ILE B 16 28.23 -2.44 -10.07
N ALA B 17 27.99 -1.17 -9.76
CA ALA B 17 28.04 -0.10 -10.77
C ALA B 17 29.23 0.83 -10.55
N TRP B 18 29.95 1.12 -11.63
CA TRP B 18 31.15 1.98 -11.58
C TRP B 18 31.42 2.63 -12.94
N ASN B 19 31.71 3.93 -12.92
CA ASN B 19 31.85 4.72 -14.16
C ASN B 19 33.25 4.72 -14.77
N VAL B 20 33.77 3.53 -15.07
CA VAL B 20 35.12 3.39 -15.64
C VAL B 20 35.11 3.12 -17.15
N GLY B 21 36.31 3.13 -17.74
CA GLY B 21 36.51 2.91 -19.18
C GLY B 21 35.99 1.59 -19.69
N GLU B 22 35.45 1.63 -20.91
CA GLU B 22 34.77 0.48 -21.53
C GLU B 22 35.67 -0.74 -21.82
N LEU B 23 36.93 -0.50 -22.15
CA LEU B 23 37.80 -1.63 -22.54
C LEU B 23 39.18 -1.61 -21.88
N GLU B 24 39.74 -0.42 -21.71
CA GLU B 24 41.06 -0.28 -21.09
C GLU B 24 41.00 -0.44 -19.56
N ALA B 25 39.80 -0.33 -19.00
CA ALA B 25 39.59 -0.51 -17.57
C ALA B 25 38.60 -1.64 -17.28
N GLN B 26 38.97 -2.86 -17.70
CA GLN B 26 38.11 -4.03 -17.52
C GLN B 26 38.75 -5.16 -16.72
N SER B 27 39.91 -4.88 -16.14
CA SER B 27 40.56 -5.80 -15.20
C SER B 27 40.20 -5.37 -13.78
N VAL B 28 38.90 -5.45 -13.47
CA VAL B 28 38.37 -5.00 -12.19
C VAL B 28 38.30 -6.16 -11.19
N CYS B 29 38.87 -5.94 -10.00
CA CYS B 29 38.87 -6.94 -8.94
C CYS B 29 38.29 -6.38 -7.64
N LEU B 30 37.60 -7.22 -6.90
CA LEU B 30 36.97 -6.85 -5.63
C LEU B 30 37.78 -7.37 -4.45
N TYR B 31 38.21 -6.45 -3.59
CA TYR B 31 39.05 -6.77 -2.43
C TYR B 31 38.28 -6.61 -1.12
N ALA B 32 38.47 -7.54 -0.20
CA ALA B 32 37.79 -7.53 1.09
C ALA B 32 38.72 -7.84 2.26
N SER B 33 38.55 -7.11 3.36
CA SER B 33 39.36 -7.30 4.56
C SER B 33 38.54 -7.05 5.83
N ARG B 34 38.42 -8.09 6.65
CA ARG B 34 37.59 -8.06 7.86
C ARG B 34 38.20 -7.19 8.95
N ALA B 35 39.52 -7.18 9.04
CA ALA B 35 40.24 -6.37 10.03
C ALA B 35 40.67 -5.01 9.48
N ALA B 36 40.33 -4.76 8.21
CA ALA B 36 40.65 -3.51 7.53
C ALA B 36 42.16 -3.19 7.52
N ALA B 37 42.95 -4.21 7.24
CA ALA B 37 44.41 -4.10 7.27
C ALA B 37 45.03 -3.91 5.88
N MET B 38 44.32 -3.16 5.03
CA MET B 38 44.78 -2.90 3.67
C MET B 38 45.74 -1.71 3.58
N SER B 39 46.60 -1.74 2.57
CA SER B 39 47.56 -0.67 2.31
C SER B 39 47.87 -0.57 0.81
N LEU B 40 48.45 0.56 0.41
CA LEU B 40 48.77 0.81 -1.00
C LEU B 40 50.16 0.27 -1.36
N GLY B 46 51.50 -2.13 -4.47
CA GLY B 46 50.23 -2.78 -4.80
C GLY B 46 49.34 -3.03 -3.58
N ILE B 47 48.13 -3.51 -3.84
CA ILE B 47 47.17 -3.79 -2.77
C ILE B 47 47.55 -5.06 -2.00
N GLN B 48 47.71 -4.90 -0.69
CA GLN B 48 48.10 -6.00 0.18
C GLN B 48 47.32 -5.98 1.50
N GLY B 49 47.21 -7.15 2.13
CA GLY B 49 46.49 -7.29 3.39
C GLY B 49 45.01 -7.61 3.22
N TYR B 50 44.66 -8.22 2.09
CA TYR B 50 43.29 -8.59 1.79
C TYR B 50 42.98 -10.03 2.17
N ASP B 51 41.74 -10.29 2.57
CA ASP B 51 41.27 -11.64 2.86
C ASP B 51 40.85 -12.36 1.59
N SER B 52 40.12 -11.64 0.73
CA SER B 52 39.57 -12.19 -0.51
C SER B 52 39.89 -11.31 -1.71
N LYS B 53 39.96 -11.94 -2.89
CA LYS B 53 40.14 -11.24 -4.16
C LYS B 53 39.34 -11.95 -5.25
N VAL B 54 38.38 -11.24 -5.83
CA VAL B 54 37.50 -11.82 -6.85
C VAL B 54 37.40 -10.90 -8.07
N GLU B 55 37.59 -11.47 -9.26
CA GLU B 55 37.48 -10.72 -10.52
C GLU B 55 36.01 -10.47 -10.88
N LEU B 56 35.75 -9.29 -11.45
CA LEU B 56 34.40 -8.93 -11.88
C LEU B 56 34.27 -8.90 -13.40
N GLN B 57 33.14 -9.37 -13.91
CA GLN B 57 32.89 -9.40 -15.34
C GLN B 57 32.01 -8.24 -15.78
N PRO B 58 32.38 -7.58 -16.90
CA PRO B 58 31.59 -6.47 -17.45
C PRO B 58 30.26 -6.91 -18.08
N GLU B 59 29.20 -6.18 -17.77
CA GLU B 59 27.88 -6.41 -18.35
C GLU B 59 27.71 -5.53 -19.59
N SER B 60 27.34 -6.15 -20.70
CA SER B 60 27.19 -5.45 -21.97
C SER B 60 25.98 -4.52 -22.00
N ALA B 61 24.89 -4.96 -21.38
CA ALA B 61 23.63 -4.22 -21.37
C ALA B 61 23.70 -2.94 -20.52
N GLY B 62 24.46 -3.00 -19.43
CA GLY B 62 24.52 -1.89 -18.47
C GLY B 62 23.63 -2.18 -17.28
N LEU B 63 23.18 -1.12 -16.61
CA LEU B 63 22.31 -1.25 -15.45
C LEU B 63 20.86 -1.47 -15.85
N PRO B 64 20.17 -2.44 -15.19
CA PRO B 64 18.77 -2.74 -15.46
C PRO B 64 17.84 -1.58 -15.10
N GLU B 65 16.65 -1.58 -15.68
CA GLU B 65 15.69 -0.49 -15.52
C GLU B 65 15.18 -0.34 -14.08
N THR B 66 15.12 -1.45 -13.35
CA THR B 66 14.69 -1.45 -11.95
C THR B 66 15.68 -0.73 -11.04
N VAL B 67 16.96 -0.82 -11.37
CA VAL B 67 18.02 -0.16 -10.62
C VAL B 67 18.06 1.35 -10.94
N THR B 68 18.01 1.68 -12.23
CA THR B 68 18.08 3.06 -12.69
C THR B 68 16.91 3.91 -12.20
N GLN B 69 15.77 3.27 -11.98
CA GLN B 69 14.59 3.94 -11.43
C GLN B 69 14.74 4.21 -9.93
N LYS B 70 15.65 3.49 -9.28
CA LYS B 70 15.94 3.67 -7.86
C LYS B 70 17.15 4.57 -7.64
N PHE B 71 18.11 4.51 -8.56
CA PHE B 71 19.30 5.37 -8.52
C PHE B 71 19.45 6.10 -9.86
N PRO B 72 18.70 7.22 -10.04
CA PRO B 72 18.64 7.93 -11.33
C PRO B 72 19.94 8.63 -11.71
N PHE B 73 20.71 9.05 -10.71
CA PHE B 73 21.93 9.84 -10.91
C PHE B 73 23.12 9.02 -11.43
N ILE B 74 22.98 7.69 -11.46
CA ILE B 74 24.01 6.80 -12.01
C ILE B 74 23.48 5.94 -13.16
N SER B 75 22.60 6.52 -13.97
CA SER B 75 21.97 5.80 -15.09
C SER B 75 22.92 5.45 -16.22
N SER B 76 24.00 6.23 -16.37
CA SER B 76 24.98 6.01 -17.42
C SER B 76 26.15 5.12 -16.99
N TYR B 77 26.22 4.84 -15.69
CA TYR B 77 27.26 3.97 -15.11
C TYR B 77 27.14 2.55 -15.67
N ARG B 78 28.27 1.94 -15.99
CA ARG B 78 28.29 0.56 -16.48
C ARG B 78 28.22 -0.46 -15.34
N ALA B 79 27.64 -1.62 -15.65
CA ALA B 79 27.40 -2.66 -14.64
C ALA B 79 28.48 -3.74 -14.62
N PHE B 80 28.76 -4.25 -13.43
CA PHE B 80 29.71 -5.33 -13.23
C PHE B 80 29.03 -6.45 -12.43
N ARG B 81 29.07 -7.66 -12.97
CA ARG B 81 28.42 -8.81 -12.33
C ARG B 81 29.26 -9.39 -11.20
N VAL B 82 28.60 -9.64 -10.07
CA VAL B 82 29.22 -10.29 -8.92
C VAL B 82 28.95 -11.79 -8.99
N PRO B 83 30.02 -12.61 -8.94
CA PRO B 83 29.84 -14.07 -8.95
C PRO B 83 29.05 -14.54 -7.73
N SER B 84 28.15 -15.50 -7.96
CA SER B 84 27.26 -16.00 -6.92
C SER B 84 27.96 -16.93 -5.92
N SER B 85 29.26 -17.15 -6.13
CA SER B 85 30.10 -17.91 -5.20
C SER B 85 30.59 -17.04 -4.05
N VAL B 86 30.44 -15.72 -4.19
CA VAL B 86 30.85 -14.76 -3.17
C VAL B 86 29.85 -14.70 -2.02
N ASP B 87 30.37 -14.77 -0.80
CA ASP B 87 29.55 -14.62 0.41
C ASP B 87 29.35 -13.13 0.72
N VAL B 88 28.27 -12.56 0.17
CA VAL B 88 27.98 -11.13 0.28
C VAL B 88 27.66 -10.71 1.72
N ALA B 89 26.90 -11.56 2.42
CA ALA B 89 26.51 -11.29 3.81
C ALA B 89 27.69 -11.02 4.73
N SER B 90 28.82 -11.68 4.45
CA SER B 90 30.04 -11.51 5.25
C SER B 90 30.89 -10.35 4.74
N LEU B 91 30.93 -10.15 3.42
CA LEU B 91 31.75 -9.10 2.81
C LEU B 91 31.29 -7.69 3.18
N VAL B 92 30.00 -7.51 3.42
CA VAL B 92 29.46 -6.20 3.80
C VAL B 92 29.91 -5.76 5.20
N LYS B 93 30.50 -6.69 5.95
CA LYS B 93 31.07 -6.42 7.27
C LYS B 93 32.54 -6.01 7.15
N CYS B 94 33.10 -6.15 5.94
CA CYS B 94 34.52 -5.93 5.70
C CYS B 94 34.82 -4.58 5.07
N GLN B 95 36.10 -4.20 5.08
CA GLN B 95 36.59 -3.08 4.29
C GLN B 95 36.65 -3.52 2.83
N LEU B 96 36.07 -2.72 1.94
CA LEU B 96 35.92 -3.09 0.54
C LEU B 96 36.48 -2.04 -0.40
N VAL B 97 37.15 -2.50 -1.46
CA VAL B 97 37.61 -1.65 -2.56
C VAL B 97 37.56 -2.40 -3.89
N VAL B 98 37.38 -1.65 -4.98
CA VAL B 98 37.53 -2.18 -6.33
C VAL B 98 38.73 -1.52 -7.01
N ALA B 99 39.48 -2.31 -7.79
CA ALA B 99 40.70 -1.81 -8.43
C ALA B 99 40.89 -2.30 -9.86
N SER B 100 41.37 -1.40 -10.71
CA SER B 100 41.65 -1.68 -12.12
C SER B 100 43.00 -1.13 -12.54
N PHE B 101 43.58 -1.71 -13.58
CA PHE B 101 44.89 -1.29 -14.08
C PHE B 101 44.91 -1.19 -15.60
N VAL B 108 46.80 3.13 -11.64
CA VAL B 108 46.19 2.62 -10.42
C VAL B 108 44.91 3.39 -10.09
N ASP B 109 43.80 2.67 -10.04
CA ASP B 109 42.50 3.26 -9.72
C ASP B 109 41.80 2.43 -8.64
N VAL B 110 41.85 2.95 -7.41
CA VAL B 110 41.26 2.25 -6.25
C VAL B 110 40.14 3.11 -5.64
N THR B 111 38.99 2.48 -5.38
CA THR B 111 37.86 3.17 -4.74
C THR B 111 36.96 2.22 -3.93
N GLY B 112 36.38 2.75 -2.86
CA GLY B 112 35.47 1.99 -1.99
C GLY B 112 34.06 1.89 -2.54
N LEU B 113 33.20 1.18 -1.81
CA LEU B 113 31.85 0.90 -2.26
C LEU B 113 30.77 1.56 -1.39
N GLN B 114 29.80 2.17 -2.04
CA GLN B 114 28.60 2.64 -1.36
C GLN B 114 27.58 1.50 -1.32
N LEU B 115 27.22 1.10 -0.10
CA LEU B 115 26.44 -0.12 0.13
C LEU B 115 24.90 0.02 0.18
N PRO B 116 24.37 1.25 0.38
CA PRO B 116 22.93 1.48 0.42
C PRO B 116 22.07 0.54 -0.45
N GLY B 117 22.47 0.35 -1.70
CA GLY B 117 21.72 -0.49 -2.65
C GLY B 117 21.62 -1.95 -2.24
N VAL B 118 22.77 -2.56 -1.94
CA VAL B 118 22.82 -3.98 -1.58
C VAL B 118 22.24 -4.26 -0.18
N LEU B 119 22.29 -3.27 0.70
CA LEU B 119 21.74 -3.41 2.05
C LEU B 119 20.21 -3.44 2.04
N ASP B 120 19.61 -2.62 1.19
CA ASP B 120 18.16 -2.65 0.96
C ASP B 120 17.75 -3.93 0.25
N ASP B 121 18.54 -4.33 -0.75
CA ASP B 121 18.30 -5.52 -1.56
C ASP B 121 18.33 -6.81 -0.74
N MET B 122 19.14 -6.83 0.30
CA MET B 122 19.35 -8.03 1.11
C MET B 122 18.72 -8.00 2.50
N PHE B 123 18.74 -6.83 3.15
CA PHE B 123 18.43 -6.76 4.57
C PHE B 123 17.30 -5.80 4.98
N ALA B 124 16.48 -5.37 4.03
CA ALA B 124 15.29 -4.58 4.35
C ALA B 124 14.40 -5.36 5.31
N TYR B 125 13.95 -4.70 6.38
CA TYR B 125 13.36 -5.38 7.52
C TYR B 125 12.08 -4.71 8.03
N THR B 126 11.05 -5.52 8.28
CA THR B 126 9.73 -5.01 8.70
C THR B 126 9.28 -5.50 10.09
N GLY B 127 10.05 -6.38 10.69
CA GLY B 127 9.72 -6.93 12.01
C GLY B 127 10.00 -5.99 13.16
N PRO B 128 9.96 -6.50 14.41
CA PRO B 128 10.13 -5.67 15.60
C PRO B 128 11.50 -5.01 15.71
N LEU B 129 11.52 -3.74 16.10
CA LEU B 129 12.75 -3.01 16.37
C LEU B 129 12.67 -2.26 17.69
N GLY B 130 13.77 -2.28 18.44
CA GLY B 130 13.83 -1.65 19.75
C GLY B 130 13.42 -2.59 20.86
N ALA B 131 12.83 -2.02 21.91
CA ALA B 131 12.43 -2.79 23.07
C ALA B 131 11.00 -3.33 22.94
N VAL B 132 10.85 -4.62 23.20
CA VAL B 132 9.54 -5.29 23.16
C VAL B 132 9.24 -5.89 24.53
N PHE B 133 8.03 -5.67 25.03
CA PHE B 133 7.63 -6.13 26.36
C PHE B 133 6.49 -7.15 26.31
N SER B 134 6.62 -8.19 27.12
CA SER B 134 5.56 -9.18 27.30
C SER B 134 5.11 -9.20 28.76
N GLU B 135 4.59 -10.33 29.21
CA GLU B 135 4.23 -10.52 30.61
C GLU B 135 5.33 -11.29 31.36
N ASP B 136 6.24 -11.87 30.61
CA ASP B 136 7.31 -12.72 31.17
C ASP B 136 8.71 -12.35 30.70
N SER B 137 8.81 -11.48 29.70
CA SER B 137 10.11 -11.18 29.09
C SER B 137 10.28 -9.74 28.59
N VAL B 138 11.53 -9.37 28.33
CA VAL B 138 11.89 -8.14 27.63
C VAL B 138 12.93 -8.50 26.56
N SER B 139 12.68 -8.10 25.32
CA SER B 139 13.62 -8.36 24.22
C SER B 139 14.15 -7.07 23.59
N LEU B 140 15.30 -7.18 22.91
CA LEU B 140 15.93 -6.03 22.27
C LEU B 140 16.28 -6.36 20.81
N HIS B 141 16.07 -5.40 19.93
CA HIS B 141 16.28 -5.59 18.50
C HIS B 141 16.99 -4.40 17.85
N LEU B 142 18.07 -4.69 17.13
CA LEU B 142 18.85 -3.65 16.46
C LEU B 142 19.21 -4.05 15.03
N TRP B 143 18.94 -3.14 14.08
CA TRP B 143 19.26 -3.35 12.68
C TRP B 143 20.68 -2.88 12.39
N ALA B 144 21.57 -3.82 12.08
CA ALA B 144 22.98 -3.53 11.82
C ALA B 144 23.63 -4.61 10.95
N PRO B 145 23.36 -4.58 9.63
CA PRO B 145 23.84 -5.63 8.71
C PRO B 145 25.35 -5.63 8.47
N THR B 146 25.99 -4.47 8.66
CA THR B 146 27.42 -4.32 8.43
C THR B 146 28.25 -4.66 9.66
N ALA B 147 27.58 -4.83 10.80
CA ALA B 147 28.25 -5.10 12.07
C ALA B 147 28.81 -6.52 12.15
N GLN B 148 29.97 -6.65 12.78
CA GLN B 148 30.61 -7.94 13.00
C GLN B 148 30.15 -8.57 14.31
N GLY B 149 29.92 -7.73 15.31
CA GLY B 149 29.41 -8.16 16.60
C GLY B 149 28.60 -7.07 17.27
N VAL B 150 27.51 -7.46 17.92
CA VAL B 150 26.68 -6.53 18.69
C VAL B 150 26.44 -7.10 20.09
N SER B 151 26.69 -6.28 21.11
CA SER B 151 26.48 -6.67 22.49
C SER B 151 25.73 -5.56 23.24
N VAL B 152 25.03 -5.93 24.31
CA VAL B 152 24.31 -4.97 25.14
C VAL B 152 24.91 -4.88 26.55
N CYS B 153 25.21 -3.67 26.98
CA CYS B 153 25.75 -3.42 28.33
C CYS B 153 24.68 -2.84 29.23
N PHE B 154 24.32 -3.58 30.28
CA PHE B 154 23.30 -3.13 31.23
C PHE B 154 23.89 -2.34 32.38
N PHE B 155 23.23 -1.24 32.73
CA PHE B 155 23.62 -0.38 33.83
C PHE B 155 22.49 -0.30 34.85
N ASP B 156 22.84 -0.07 36.12
CA ASP B 156 21.86 -0.03 37.19
C ASP B 156 21.29 1.38 37.40
N GLY B 157 21.90 2.36 36.76
CA GLY B 157 21.48 3.75 36.86
C GLY B 157 22.03 4.62 35.75
N PRO B 158 21.84 5.95 35.85
CA PRO B 158 22.26 6.88 34.79
C PRO B 158 23.75 7.21 34.80
N ALA B 159 24.45 6.87 35.89
CA ALA B 159 25.85 7.30 36.06
C ALA B 159 26.83 6.19 36.49
N GLY B 160 26.31 5.14 37.13
CA GLY B 160 27.15 4.08 37.68
C GLY B 160 27.84 3.19 36.66
N PRO B 161 28.55 2.14 37.15
CA PRO B 161 29.24 1.19 36.26
C PRO B 161 28.29 0.12 35.71
N ALA B 162 28.78 -0.68 34.77
CA ALA B 162 28.01 -1.78 34.20
C ALA B 162 27.99 -2.98 35.16
N LEU B 163 26.93 -3.78 35.09
CA LEU B 163 26.82 -4.97 35.92
C LEU B 163 26.72 -6.28 35.11
N GLU B 164 26.38 -6.14 33.84
CA GLU B 164 26.21 -7.29 32.94
C GLU B 164 26.50 -6.90 31.49
N THR B 165 26.94 -7.88 30.70
CA THR B 165 27.17 -7.71 29.27
C THR B 165 26.67 -8.95 28.54
N VAL B 166 25.70 -8.75 27.63
CA VAL B 166 25.07 -9.84 26.91
C VAL B 166 25.28 -9.70 25.40
N GLN B 167 25.72 -10.77 24.75
CA GLN B 167 25.92 -10.77 23.31
C GLN B 167 24.63 -11.06 22.56
N LEU B 168 24.42 -10.35 21.47
CA LEU B 168 23.22 -10.51 20.63
C LEU B 168 23.48 -11.49 19.47
N LYS B 169 22.41 -12.11 19.00
CA LYS B 169 22.47 -13.06 17.88
C LYS B 169 21.93 -12.41 16.61
N GLU B 170 22.65 -12.61 15.49
CA GLU B 170 22.28 -11.99 14.22
C GLU B 170 21.45 -12.91 13.33
N SER B 171 20.39 -12.34 12.75
CA SER B 171 19.60 -13.00 11.73
C SER B 171 19.08 -11.97 10.74
N ASN B 172 19.45 -12.14 9.48
CA ASN B 172 19.04 -11.24 8.39
C ASN B 172 19.39 -9.77 8.64
N GLY B 173 20.60 -9.53 9.17
CA GLY B 173 21.09 -8.18 9.44
C GLY B 173 20.57 -7.59 10.75
N VAL B 174 19.73 -8.35 11.44
CA VAL B 174 19.08 -7.89 12.67
C VAL B 174 19.60 -8.66 13.87
N TRP B 175 20.07 -7.93 14.88
CA TRP B 175 20.58 -8.51 16.11
C TRP B 175 19.53 -8.49 17.20
N SER B 176 19.42 -9.58 17.96
CA SER B 176 18.37 -9.74 18.96
C SER B 176 18.82 -10.54 20.19
N VAL B 177 18.16 -10.26 21.32
CA VAL B 177 18.35 -11.01 22.56
C VAL B 177 17.08 -10.92 23.43
N THR B 178 16.82 -11.94 24.22
CA THR B 178 15.65 -11.99 25.10
C THR B 178 16.06 -12.27 26.55
N GLY B 179 15.48 -11.51 27.47
CA GLY B 179 15.75 -11.67 28.90
C GLY B 179 14.49 -11.59 29.75
N PRO B 180 14.64 -11.72 31.09
CA PRO B 180 13.51 -11.71 32.02
C PRO B 180 12.90 -10.33 32.21
N ARG B 181 11.75 -10.27 32.88
CA ARG B 181 11.01 -9.02 33.11
C ARG B 181 11.80 -8.01 33.95
N GLU B 182 12.63 -8.51 34.86
CA GLU B 182 13.45 -7.65 35.73
C GLU B 182 14.44 -6.75 34.97
N TRP B 183 14.59 -7.01 33.67
CA TRP B 183 15.38 -6.15 32.78
C TRP B 183 14.74 -4.76 32.60
N GLU B 184 13.43 -4.68 32.80
CA GLU B 184 12.69 -3.42 32.72
C GLU B 184 13.22 -2.42 33.73
N ASN B 185 13.35 -1.16 33.29
CA ASN B 185 13.84 -0.04 34.10
C ASN B 185 15.37 0.14 34.13
N ARG B 186 16.09 -0.87 33.64
CA ARG B 186 17.55 -0.79 33.50
C ARG B 186 17.94 0.21 32.42
N TYR B 187 19.15 0.76 32.56
CA TYR B 187 19.74 1.59 31.50
C TYR B 187 20.69 0.71 30.68
N TYR B 188 20.82 1.02 29.38
CA TYR B 188 21.66 0.21 28.51
C TYR B 188 22.31 0.97 27.35
N LEU B 189 23.36 0.37 26.81
CA LEU B 189 24.01 0.86 25.58
C LEU B 189 24.36 -0.32 24.68
N TYR B 190 24.35 -0.09 23.37
CA TYR B 190 24.78 -1.09 22.42
C TYR B 190 26.29 -1.01 22.18
N GLU B 191 26.93 -2.16 22.13
CA GLU B 191 28.36 -2.25 21.80
C GLU B 191 28.49 -2.84 20.40
N VAL B 192 28.59 -1.95 19.42
CA VAL B 192 28.61 -2.34 18.01
C VAL B 192 29.99 -2.11 17.41
N ASP B 193 30.63 -3.21 17.00
CA ASP B 193 31.89 -3.11 16.27
C ASP B 193 31.68 -3.25 14.77
N VAL B 194 32.03 -2.19 14.05
CA VAL B 194 31.79 -2.09 12.62
C VAL B 194 32.86 -1.23 11.95
N TYR B 195 33.16 -1.53 10.69
CA TYR B 195 34.11 -0.76 9.91
C TYR B 195 33.56 0.62 9.59
N HIS B 196 34.40 1.64 9.79
CA HIS B 196 34.05 3.02 9.48
C HIS B 196 34.89 3.55 8.33
N PRO B 197 34.26 3.87 7.18
CA PRO B 197 34.96 4.36 5.99
C PRO B 197 35.68 5.69 6.21
N THR B 198 35.18 6.50 7.13
CA THR B 198 35.78 7.80 7.44
C THR B 198 37.05 7.66 8.29
N LYS B 199 37.11 6.62 9.11
CA LYS B 199 38.26 6.38 9.99
C LYS B 199 39.18 5.27 9.48
N ALA B 200 38.73 4.56 8.44
CA ALA B 200 39.48 3.46 7.80
C ALA B 200 39.94 2.38 8.78
N GLN B 201 39.04 1.96 9.67
CA GLN B 201 39.31 0.91 10.65
C GLN B 201 38.02 0.39 11.29
N VAL B 202 38.06 -0.85 11.76
CA VAL B 202 36.94 -1.45 12.48
C VAL B 202 36.99 -1.01 13.94
N LEU B 203 35.98 -0.26 14.35
CA LEU B 203 35.94 0.30 15.71
C LEU B 203 34.78 -0.26 16.52
N LYS B 204 34.99 -0.41 17.82
CA LYS B 204 33.97 -0.89 18.75
C LYS B 204 33.28 0.31 19.40
N CYS B 205 32.11 0.67 18.86
CA CYS B 205 31.41 1.89 19.26
C CYS B 205 30.35 1.67 20.35
N LEU B 206 30.11 2.72 21.13
CA LEU B 206 29.03 2.74 22.12
C LEU B 206 27.92 3.67 21.64
N ALA B 207 26.72 3.12 21.49
CA ALA B 207 25.59 3.86 20.93
C ALA B 207 24.27 3.57 21.62
N GLY B 208 23.38 4.57 21.62
CA GLY B 208 22.02 4.39 22.11
C GLY B 208 21.12 3.73 21.07
N ASP B 209 19.86 3.53 21.43
CA ASP B 209 18.89 2.90 20.54
C ASP B 209 18.28 3.93 19.58
N PRO B 210 18.24 3.60 18.27
CA PRO B 210 17.51 4.42 17.30
C PRO B 210 16.00 4.44 17.58
N TYR B 211 15.52 3.43 18.31
CA TYR B 211 14.12 3.34 18.71
C TYR B 211 13.95 3.54 20.21
N ALA B 212 14.76 4.43 20.77
CA ALA B 212 14.70 4.79 22.18
C ALA B 212 13.40 5.53 22.50
N ARG B 213 12.83 5.22 23.66
CA ARG B 213 11.61 5.89 24.13
C ARG B 213 11.89 6.81 25.32
N SER B 214 13.06 6.63 25.93
CA SER B 214 13.53 7.50 27.01
C SER B 214 15.05 7.41 27.14
N LEU B 215 15.66 8.49 27.60
CA LEU B 215 17.12 8.58 27.74
C LEU B 215 17.55 9.22 29.06
N SER B 216 18.78 8.93 29.47
CA SER B 216 19.40 9.63 30.59
C SER B 216 19.92 10.99 30.10
N ALA B 217 20.44 11.80 31.02
CA ALA B 217 20.92 13.16 30.71
C ALA B 217 21.83 13.20 29.48
N ASN B 218 21.48 14.07 28.53
CA ASN B 218 22.17 14.23 27.25
C ASN B 218 22.10 13.02 26.29
N GLY B 219 21.34 12.01 26.69
CA GLY B 219 21.19 10.79 25.89
C GLY B 219 22.40 9.88 25.97
N ALA B 220 23.11 9.94 27.10
CA ALA B 220 24.31 9.14 27.33
C ALA B 220 23.99 7.65 27.41
N ARG B 221 22.85 7.33 28.02
CA ARG B 221 22.39 5.95 28.15
C ARG B 221 20.90 5.84 27.81
N THR B 222 20.50 4.67 27.31
CA THR B 222 19.11 4.41 26.95
C THR B 222 18.37 3.78 28.14
N TRP B 223 17.17 4.28 28.42
CA TRP B 223 16.36 3.77 29.52
C TRP B 223 15.34 2.75 29.04
N LEU B 224 15.52 1.50 29.47
CA LEU B 224 14.66 0.39 29.05
C LEU B 224 13.32 0.44 29.77
N VAL B 225 12.47 1.37 29.33
CA VAL B 225 11.18 1.60 29.95
C VAL B 225 10.03 1.23 29.00
N ASP B 226 8.94 0.72 29.56
CA ASP B 226 7.72 0.45 28.82
C ASP B 226 6.94 1.75 28.70
N ILE B 227 6.69 2.17 27.46
CA ILE B 227 5.98 3.43 27.17
C ILE B 227 4.50 3.38 27.62
N ASN B 228 3.93 2.18 27.64
CA ASN B 228 2.53 1.98 28.02
C ASN B 228 2.32 1.79 29.53
N ASN B 229 3.36 2.01 30.31
CA ASN B 229 3.29 1.90 31.77
C ASN B 229 2.42 3.01 32.36
N GLU B 230 1.52 2.62 33.27
CA GLU B 230 0.51 3.52 33.83
C GLU B 230 1.10 4.72 34.58
N THR B 231 2.22 4.49 35.25
CA THR B 231 2.89 5.53 36.05
C THR B 231 3.51 6.65 35.20
N LEU B 232 3.63 6.41 33.90
CA LEU B 232 4.11 7.42 32.96
C LEU B 232 2.96 8.26 32.40
N LYS B 233 1.73 7.86 32.74
CA LYS B 233 0.54 8.58 32.30
C LYS B 233 0.02 9.51 33.40
N PRO B 234 -0.30 10.77 33.03
CA PRO B 234 -0.98 11.68 33.97
C PRO B 234 -2.45 11.28 34.16
N ALA B 235 -3.15 11.97 35.05
CA ALA B 235 -4.56 11.67 35.34
C ALA B 235 -5.46 11.94 34.13
N SER B 236 -6.37 10.99 33.88
CA SER B 236 -7.36 11.09 32.80
C SER B 236 -6.75 11.15 31.39
N TRP B 237 -5.53 10.62 31.25
CA TRP B 237 -4.77 10.67 30.00
C TRP B 237 -5.41 9.82 28.89
N ASP B 238 -5.85 8.61 29.24
CA ASP B 238 -6.49 7.69 28.30
C ASP B 238 -7.84 8.22 27.77
N GLU B 239 -8.45 9.12 28.53
CA GLU B 239 -9.71 9.74 28.13
C GLU B 239 -9.55 11.09 27.41
N LEU B 240 -8.33 11.37 26.93
CA LEU B 240 -8.03 12.65 26.28
C LEU B 240 -8.78 12.86 24.96
N ALA B 241 -9.01 11.78 24.23
CA ALA B 241 -9.70 11.83 22.94
C ALA B 241 -11.07 12.51 23.04
N ASP B 242 -11.75 12.30 24.16
CA ASP B 242 -13.03 12.95 24.43
C ASP B 242 -12.87 14.43 24.82
N GLU B 243 -11.73 14.75 25.43
CA GLU B 243 -11.44 16.11 25.87
C GLU B 243 -10.67 16.94 24.84
N LYS B 244 -10.69 16.50 23.59
CA LYS B 244 -10.02 17.23 22.51
C LYS B 244 -10.96 18.25 21.87
N PRO B 245 -10.40 19.43 21.49
CA PRO B 245 -11.19 20.47 20.82
C PRO B 245 -11.72 19.98 19.48
N LYS B 246 -12.97 20.36 19.17
CA LYS B 246 -13.64 19.93 17.95
C LYS B 246 -12.99 20.47 16.68
N LEU B 247 -13.09 19.70 15.59
CA LEU B 247 -12.57 20.08 14.29
C LEU B 247 -13.40 19.42 13.19
N ASP B 248 -14.14 20.23 12.44
CA ASP B 248 -15.00 19.73 11.38
C ASP B 248 -14.23 19.50 10.08
N SER B 249 -13.44 20.49 9.70
CA SER B 249 -12.65 20.47 8.47
C SER B 249 -11.26 21.02 8.73
N PHE B 250 -10.32 20.71 7.84
CA PHE B 250 -8.96 21.26 7.91
C PHE B 250 -8.94 22.75 7.53
N SER B 251 -10.02 23.20 6.88
CA SER B 251 -10.17 24.60 6.47
C SER B 251 -10.39 25.54 7.65
N ASP B 252 -10.71 24.97 8.80
CA ASP B 252 -10.95 25.74 10.02
C ASP B 252 -9.69 25.95 10.85
N ILE B 253 -8.53 25.54 10.31
CA ILE B 253 -7.27 25.60 11.05
C ILE B 253 -6.59 26.97 10.95
N THR B 254 -6.20 27.49 12.10
CA THR B 254 -5.26 28.61 12.19
C THR B 254 -4.07 28.20 13.05
N ILE B 255 -2.87 28.54 12.61
CA ILE B 255 -1.64 28.08 13.28
C ILE B 255 -0.91 29.21 14.01
N TYR B 256 -0.31 28.86 15.14
CA TYR B 256 0.45 29.79 15.98
C TYR B 256 1.80 29.15 16.33
N GLU B 257 2.86 29.65 15.71
CA GLU B 257 4.21 29.09 15.87
C GLU B 257 4.90 29.64 17.11
N LEU B 258 5.32 28.74 18.00
CA LEU B 258 5.89 29.11 19.30
C LEU B 258 7.09 28.23 19.69
N HIS B 259 8.04 28.82 20.40
CA HIS B 259 9.22 28.14 20.91
C HIS B 259 9.09 27.88 22.42
N ILE B 260 9.33 26.64 22.84
CA ILE B 260 9.10 26.20 24.23
C ILE B 260 9.84 27.03 25.29
N ARG B 261 11.11 27.37 25.03
CA ARG B 261 11.85 28.21 25.95
C ARG B 261 11.37 29.67 25.89
N ASP B 262 11.16 30.18 24.68
CA ASP B 262 10.61 31.52 24.47
C ASP B 262 9.30 31.75 25.21
N PHE B 263 8.54 30.67 25.41
CA PHE B 263 7.22 30.73 26.03
C PHE B 263 7.23 31.24 27.48
N SER B 264 8.20 30.80 28.26
CA SER B 264 8.19 31.07 29.70
C SER B 264 9.52 31.60 30.28
N ALA B 265 10.56 31.65 29.46
CA ALA B 265 11.91 32.04 29.90
C ALA B 265 11.93 33.29 30.80
N HIS B 266 11.15 34.30 30.42
CA HIS B 266 11.11 35.56 31.17
C HIS B 266 9.71 35.83 31.72
N ASP B 267 9.11 34.81 32.33
CA ASP B 267 7.78 34.92 32.93
C ASP B 267 7.86 34.68 34.44
N GLY B 268 7.79 35.77 35.21
CA GLY B 268 7.91 35.73 36.66
C GLY B 268 6.78 35.03 37.39
N THR B 269 5.70 34.73 36.67
CA THR B 269 4.57 34.00 37.25
C THR B 269 4.83 32.49 37.26
N VAL B 270 5.91 32.08 36.60
CA VAL B 270 6.30 30.67 36.49
C VAL B 270 7.50 30.38 37.39
N ASP B 271 7.43 29.27 38.13
CA ASP B 271 8.52 28.82 39.00
C ASP B 271 9.80 28.53 38.22
N SER B 272 10.95 28.85 38.81
CA SER B 272 12.24 28.81 38.12
C SER B 272 12.66 27.44 37.57
N ASP B 273 12.24 26.38 38.27
CA ASP B 273 12.49 25.01 37.82
C ASP B 273 11.54 24.57 36.70
N SER B 274 10.54 25.39 36.41
CA SER B 274 9.60 25.14 35.31
C SER B 274 9.89 26.01 34.10
N ARG B 275 10.37 27.22 34.33
CA ARG B 275 10.64 28.19 33.26
C ARG B 275 11.49 27.62 32.13
N GLY B 276 11.04 27.87 30.90
CA GLY B 276 11.74 27.39 29.70
C GLY B 276 11.51 25.92 29.41
N GLY B 277 10.69 25.26 30.22
CA GLY B 277 10.45 23.81 30.10
C GLY B 277 9.03 23.42 29.80
N PHE B 278 8.78 22.11 29.83
CA PHE B 278 7.46 21.54 29.54
C PHE B 278 6.39 21.91 30.57
N ARG B 279 6.81 21.99 31.84
CA ARG B 279 5.89 22.26 32.96
C ARG B 279 5.17 23.60 32.90
N ALA B 280 5.76 24.56 32.18
CA ALA B 280 5.19 25.90 32.06
C ALA B 280 3.77 25.90 31.49
N PHE B 281 3.52 25.00 30.54
CA PHE B 281 2.20 24.86 29.92
C PHE B 281 1.19 24.26 30.89
N ALA B 282 1.67 23.55 31.91
CA ALA B 282 0.81 22.91 32.90
C ALA B 282 0.41 23.86 34.04
N TYR B 283 0.62 25.16 33.84
CA TYR B 283 0.23 26.17 34.81
C TYR B 283 -1.24 26.58 34.65
N GLN B 284 -1.87 26.93 35.78
CA GLN B 284 -3.29 27.29 35.81
C GLN B 284 -3.56 28.66 35.17
N ALA B 285 -3.04 29.72 35.78
CA ALA B 285 -3.34 31.09 35.35
C ALA B 285 -2.08 31.96 35.22
N SER B 286 -1.02 31.41 34.63
CA SER B 286 0.19 32.17 34.34
C SER B 286 -0.05 33.13 33.17
N ALA B 287 0.77 34.17 33.09
CA ALA B 287 0.68 35.19 32.03
C ALA B 287 0.71 34.58 30.63
N GLY B 288 1.56 33.59 30.44
CA GLY B 288 1.69 32.90 29.16
C GLY B 288 0.49 32.03 28.81
N MET B 289 -0.09 31.38 29.83
CA MET B 289 -1.25 30.51 29.64
C MET B 289 -2.58 31.25 29.55
N GLU B 290 -2.64 32.48 30.08
CA GLU B 290 -3.81 33.33 29.91
C GLU B 290 -3.78 34.06 28.56
N HIS B 291 -2.59 34.21 27.99
CA HIS B 291 -2.41 34.81 26.66
C HIS B 291 -2.86 33.85 25.56
N LEU B 292 -2.44 32.59 25.68
CA LEU B 292 -2.85 31.54 24.73
C LEU B 292 -4.34 31.25 24.81
N ARG B 293 -4.89 31.37 26.01
CA ARG B 293 -6.33 31.15 26.24
C ARG B 293 -7.16 32.26 25.62
N LYS B 294 -6.64 33.48 25.62
CA LYS B 294 -7.30 34.62 24.98
C LYS B 294 -7.36 34.43 23.46
N LEU B 295 -6.27 33.91 22.90
CA LEU B 295 -6.20 33.61 21.47
C LEU B 295 -7.08 32.41 21.10
N SER B 296 -7.07 31.39 21.94
CA SER B 296 -7.85 30.16 21.72
C SER B 296 -9.36 30.43 21.69
N ASP B 297 -9.82 31.28 22.61
CA ASP B 297 -11.22 31.67 22.69
C ASP B 297 -11.65 32.53 21.49
N ALA B 298 -10.69 33.23 20.89
CA ALA B 298 -10.94 34.08 19.73
C ALA B 298 -11.12 33.30 18.43
N GLY B 299 -10.63 32.05 18.42
CA GLY B 299 -10.80 31.18 17.25
C GLY B 299 -9.61 30.29 16.92
N LEU B 300 -8.43 30.63 17.43
CA LEU B 300 -7.21 29.88 17.16
C LEU B 300 -7.33 28.41 17.56
N THR B 301 -6.96 27.52 16.65
CA THR B 301 -7.16 26.08 16.82
C THR B 301 -5.87 25.31 17.13
N HIS B 302 -4.76 25.75 16.53
CA HIS B 302 -3.51 25.00 16.60
C HIS B 302 -2.30 25.80 17.10
N VAL B 303 -1.48 25.15 17.92
CA VAL B 303 -0.20 25.70 18.37
C VAL B 303 0.94 24.84 17.84
N HIS B 304 1.83 25.46 17.07
CA HIS B 304 2.98 24.77 16.48
C HIS B 304 4.21 25.00 17.35
N LEU B 305 4.71 23.91 17.94
CA LEU B 305 5.89 23.95 18.80
C LEU B 305 7.16 23.57 18.07
N LEU B 306 8.20 24.40 18.23
CA LEU B 306 9.53 24.14 17.65
C LEU B 306 10.17 22.88 18.24
N PRO B 307 11.19 22.30 17.54
CA PRO B 307 11.72 20.97 17.89
C PRO B 307 11.79 20.69 19.38
N SER B 308 11.13 19.61 19.79
CA SER B 308 11.05 19.23 21.20
C SER B 308 11.61 17.82 21.46
N PHE B 309 12.19 17.23 20.42
CA PHE B 309 12.83 15.92 20.51
C PHE B 309 14.29 16.06 21.00
N HIS B 310 14.98 14.93 21.18
CA HIS B 310 16.37 14.95 21.63
C HIS B 310 17.32 15.50 20.57
N PHE B 311 17.61 16.80 20.67
CA PHE B 311 18.53 17.47 19.76
C PHE B 311 19.83 17.89 20.48
N ALA B 312 20.83 18.26 19.68
CA ALA B 312 22.09 18.78 20.21
C ALA B 312 22.11 20.31 20.15
N GLY B 313 22.89 20.92 21.04
CA GLY B 313 23.00 22.38 21.11
C GLY B 313 22.67 22.95 22.48
N VAL B 314 21.96 22.17 23.30
CA VAL B 314 21.64 22.55 24.67
C VAL B 314 21.97 21.40 25.63
N ASP B 315 22.70 21.71 26.70
CA ASP B 315 23.06 20.75 27.73
C ASP B 315 21.86 20.43 28.60
N ASP B 316 21.59 19.13 28.79
CA ASP B 316 20.49 18.67 29.63
C ASP B 316 20.76 18.90 31.12
N ILE B 317 22.04 19.02 31.48
CA ILE B 317 22.43 19.35 32.84
C ILE B 317 22.31 20.86 33.03
N LYS B 318 21.30 21.26 33.80
CA LYS B 318 20.94 22.68 33.95
C LYS B 318 22.03 23.54 34.60
N SER B 319 22.82 22.92 35.46
CA SER B 319 23.88 23.63 36.18
C SER B 319 25.10 23.98 35.32
N ASN B 320 25.12 23.49 34.08
CA ASN B 320 26.18 23.81 33.13
C ASN B 320 25.85 25.02 32.26
N TRP B 321 24.66 25.58 32.47
CA TRP B 321 24.19 26.72 31.68
C TRP B 321 24.84 28.03 32.12
N LYS B 322 25.23 28.83 31.13
CA LYS B 322 25.80 30.16 31.41
C LYS B 322 24.82 31.25 31.02
N PHE B 323 24.79 32.31 31.83
CA PHE B 323 23.84 33.41 31.67
C PHE B 323 24.54 34.75 31.49
N VAL B 324 23.89 35.66 30.78
CA VAL B 324 24.36 37.03 30.68
C VAL B 324 23.89 37.83 31.90
N ASP B 325 24.61 38.90 32.22
CA ASP B 325 24.18 39.82 33.26
C ASP B 325 23.18 40.78 32.64
N GLU B 326 21.89 40.47 32.82
CA GLU B 326 20.80 41.20 32.16
C GLU B 326 20.78 42.69 32.50
N CYS B 327 21.05 43.01 33.76
CA CYS B 327 21.08 44.39 34.25
C CYS B 327 22.20 45.19 33.61
N GLU B 328 23.34 44.53 33.38
CA GLU B 328 24.49 45.16 32.75
C GLU B 328 24.23 45.45 31.27
N LEU B 329 23.51 44.53 30.62
CA LEU B 329 23.15 44.68 29.21
C LEU B 329 22.01 45.67 29.00
N ALA B 330 21.20 45.88 30.05
CA ALA B 330 20.07 46.80 30.00
C ALA B 330 20.50 48.27 29.96
N THR B 331 21.74 48.54 30.37
CA THR B 331 22.28 49.89 30.44
C THR B 331 22.97 50.36 29.17
N PHE B 332 23.39 49.40 28.33
CA PHE B 332 24.07 49.70 27.06
C PHE B 332 23.15 50.45 26.07
N PRO B 333 23.75 51.25 25.17
CA PRO B 333 22.99 52.00 24.15
C PRO B 333 22.17 51.10 23.23
N PRO B 334 21.04 51.63 22.70
CA PRO B 334 20.14 50.85 21.84
C PRO B 334 20.78 50.37 20.53
N GLY B 335 21.84 51.04 20.10
CA GLY B 335 22.53 50.68 18.85
C GLY B 335 23.95 50.21 19.05
N SER B 336 24.25 49.76 20.26
CA SER B 336 25.58 49.25 20.60
C SER B 336 25.77 47.80 20.12
N ASP B 337 27.03 47.39 20.02
CA ASP B 337 27.38 46.02 19.64
C ASP B 337 27.80 45.18 20.84
N MET B 338 27.75 45.77 22.03
CA MET B 338 28.18 45.11 23.26
C MET B 338 27.22 44.03 23.73
N GLN B 339 25.95 44.17 23.39
CA GLN B 339 24.92 43.19 23.77
C GLN B 339 25.12 41.83 23.09
N GLN B 340 25.42 41.84 21.79
CA GLN B 340 25.63 40.60 21.03
C GLN B 340 26.95 39.90 21.36
N ALA B 341 28.00 40.69 21.63
CA ALA B 341 29.31 40.15 21.98
C ALA B 341 29.24 39.30 23.27
N ALA B 342 28.46 39.77 24.24
CA ALA B 342 28.25 39.07 25.50
C ALA B 342 27.44 37.79 25.31
N VAL B 343 26.49 37.82 24.38
CA VAL B 343 25.67 36.65 24.04
C VAL B 343 26.49 35.62 23.26
N VAL B 344 27.20 36.07 22.22
CA VAL B 344 28.05 35.22 21.39
C VAL B 344 29.19 34.57 22.21
N ALA B 345 29.57 35.22 23.30
CA ALA B 345 30.60 34.70 24.21
C ALA B 345 30.19 33.38 24.86
N ILE B 346 28.90 33.23 25.14
CA ILE B 346 28.39 32.05 25.84
C ILE B 346 27.34 31.26 25.03
N GLN B 347 27.21 31.60 23.74
CA GLN B 347 26.16 31.06 22.88
C GLN B 347 26.21 29.54 22.66
N GLU B 348 27.37 28.93 22.94
CA GLU B 348 27.54 27.48 22.80
C GLU B 348 27.28 26.74 24.11
N GLU B 349 27.12 27.50 25.19
CA GLU B 349 26.98 26.93 26.54
C GLU B 349 25.78 27.50 27.31
N ASP B 350 24.97 28.29 26.61
CA ASP B 350 23.74 28.83 27.19
C ASP B 350 22.55 27.90 26.88
N PRO B 351 21.44 28.03 27.64
CA PRO B 351 20.30 27.12 27.50
C PRO B 351 19.42 27.31 26.26
N TYR B 352 19.88 28.07 25.27
CA TYR B 352 19.04 28.40 24.12
C TYR B 352 19.49 27.77 22.79
N ASN B 353 18.52 27.22 22.07
CA ASN B 353 18.68 26.77 20.68
C ASN B 353 17.33 26.29 20.15
N TRP B 354 17.04 26.59 18.89
CA TRP B 354 15.79 26.18 18.25
C TRP B 354 15.63 24.66 18.27
N GLY B 355 16.68 23.96 17.86
CA GLY B 355 16.72 22.49 17.96
C GLY B 355 16.72 21.74 16.65
N TYR B 356 17.14 22.42 15.57
CA TYR B 356 17.22 21.78 14.25
C TYR B 356 18.52 20.99 14.09
N ASN B 357 18.91 20.29 15.15
CA ASN B 357 20.12 19.47 15.19
C ASN B 357 19.83 18.09 15.79
N PRO B 358 19.09 17.24 15.06
CA PRO B 358 18.57 15.99 15.60
C PRO B 358 19.64 14.96 15.99
N VAL B 359 19.37 14.27 17.10
CA VAL B 359 20.21 13.16 17.56
C VAL B 359 19.37 11.88 17.57
N LEU B 360 18.26 11.93 18.30
CA LEU B 360 17.25 10.86 18.30
C LEU B 360 15.85 11.45 18.22
N TRP B 361 15.05 10.93 17.29
CA TRP B 361 13.75 11.52 16.98
C TRP B 361 12.63 11.14 17.95
N GLY B 362 12.77 10.01 18.63
CA GLY B 362 11.68 9.44 19.42
C GLY B 362 11.69 9.71 20.92
N VAL B 363 12.50 10.68 21.34
CA VAL B 363 12.65 11.01 22.76
C VAL B 363 12.46 12.52 22.98
N PRO B 364 11.67 12.90 24.02
CA PRO B 364 11.54 14.31 24.39
C PRO B 364 12.88 14.90 24.85
N LYS B 365 13.07 16.21 24.60
CA LYS B 365 14.29 16.89 24.99
C LYS B 365 14.38 17.02 26.50
N GLY B 366 15.48 16.52 27.07
CA GLY B 366 15.71 16.52 28.52
C GLY B 366 15.86 17.90 29.13
N SER B 367 16.40 18.84 28.36
CA SER B 367 16.59 20.22 28.83
C SER B 367 15.28 20.97 29.03
N TYR B 368 14.20 20.47 28.41
CA TYR B 368 12.86 21.02 28.62
C TYR B 368 12.13 20.29 29.75
N ALA B 369 12.64 19.13 30.14
CA ALA B 369 12.12 18.41 31.30
C ALA B 369 12.64 19.05 32.59
N SER B 370 11.97 18.77 33.70
CA SER B 370 12.43 19.24 35.01
C SER B 370 13.68 18.49 35.45
N ASP B 371 13.66 17.17 35.26
CA ASP B 371 14.80 16.30 35.60
C ASP B 371 15.12 15.37 34.42
N PRO B 372 16.31 15.54 33.81
CA PRO B 372 16.71 14.74 32.65
C PRO B 372 16.95 13.26 32.96
N ASP B 373 17.02 12.91 34.24
CA ASP B 373 17.13 11.51 34.65
C ASP B 373 15.80 10.99 35.19
N GLY B 374 15.16 10.11 34.41
CA GLY B 374 13.94 9.45 34.85
C GLY B 374 12.70 9.75 34.01
N PRO B 375 11.51 9.52 34.60
CA PRO B 375 10.21 9.58 33.93
C PRO B 375 9.70 10.98 33.60
N SER B 376 10.44 12.01 34.03
CA SER B 376 10.00 13.40 33.93
C SER B 376 9.67 13.85 32.51
N ARG B 377 10.56 13.57 31.55
CA ARG B 377 10.38 14.05 30.16
C ARG B 377 9.17 13.45 29.44
N ILE B 378 8.76 12.26 29.86
CA ILE B 378 7.58 11.60 29.29
C ILE B 378 6.29 12.18 29.88
N ILE B 379 6.20 12.20 31.20
CA ILE B 379 5.01 12.68 31.91
C ILE B 379 4.71 14.15 31.61
N GLU B 380 5.75 14.99 31.62
CA GLU B 380 5.59 16.43 31.40
C GLU B 380 5.18 16.80 29.98
N TYR B 381 5.71 16.07 29.00
CA TYR B 381 5.31 16.25 27.60
C TYR B 381 3.82 15.92 27.43
N ARG B 382 3.40 14.84 28.08
CA ARG B 382 2.00 14.43 28.07
C ARG B 382 1.09 15.45 28.76
N GLN B 383 1.56 15.99 29.88
CA GLN B 383 0.85 17.03 30.62
C GLN B 383 0.75 18.33 29.83
N MET B 384 1.72 18.57 28.94
CA MET B 384 1.70 19.73 28.05
C MET B 384 0.59 19.63 27.01
N VAL B 385 0.53 18.49 26.33
CA VAL B 385 -0.49 18.23 25.32
C VAL B 385 -1.90 18.28 25.94
N GLN B 386 -2.03 17.68 27.12
CA GLN B 386 -3.29 17.65 27.86
C GLN B 386 -3.79 19.05 28.24
N ALA B 387 -2.90 19.86 28.79
CA ALA B 387 -3.22 21.23 29.20
C ALA B 387 -3.59 22.12 28.02
N LEU B 388 -2.88 21.97 26.90
CA LEU B 388 -3.18 22.72 25.68
C LEU B 388 -4.53 22.31 25.07
N ASN B 389 -4.82 21.01 25.11
CA ASN B 389 -6.11 20.49 24.65
C ASN B 389 -7.27 21.02 25.49
N ARG B 390 -7.04 21.13 26.80
CA ARG B 390 -8.07 21.56 27.75
C ARG B 390 -8.39 23.05 27.67
N ILE B 391 -7.49 23.84 27.07
CA ILE B 391 -7.79 25.25 26.77
C ILE B 391 -8.23 25.44 25.32
N GLY B 392 -8.43 24.32 24.62
CA GLY B 392 -9.00 24.34 23.27
C GLY B 392 -8.00 24.50 22.14
N LEU B 393 -6.77 24.05 22.37
CA LEU B 393 -5.70 24.17 21.38
C LEU B 393 -5.08 22.82 21.04
N ARG B 394 -4.93 22.58 19.75
CA ARG B 394 -4.29 21.36 19.26
C ARG B 394 -2.78 21.55 19.09
N VAL B 395 -2.02 20.49 19.34
CA VAL B 395 -0.56 20.53 19.32
C VAL B 395 0.00 20.10 17.96
N VAL B 396 0.85 20.94 17.39
CA VAL B 396 1.55 20.62 16.14
C VAL B 396 3.06 20.53 16.42
N MET B 397 3.67 19.44 15.98
CA MET B 397 5.09 19.18 16.23
C MET B 397 5.99 19.50 15.03
N ASP B 398 7.04 20.28 15.30
CA ASP B 398 8.08 20.54 14.33
C ASP B 398 8.97 19.29 14.28
N VAL B 399 8.92 18.59 13.14
CA VAL B 399 9.70 17.36 12.97
C VAL B 399 10.79 17.51 11.92
N VAL B 400 12.01 17.16 12.30
CA VAL B 400 13.19 17.37 11.45
C VAL B 400 13.77 16.04 11.00
N TYR B 401 13.36 15.59 9.82
CA TYR B 401 13.80 14.30 9.28
C TYR B 401 14.79 14.45 8.14
N ASN B 402 15.13 15.70 7.80
CA ASN B 402 15.96 15.99 6.63
C ASN B 402 17.46 15.80 6.85
N HIS B 403 17.94 16.00 8.08
CA HIS B 403 19.36 15.84 8.38
C HIS B 403 19.65 15.40 9.83
N LEU B 404 20.91 15.09 10.09
CA LEU B 404 21.38 14.72 11.44
C LEU B 404 22.45 15.71 11.89
N ASP B 405 22.54 15.92 13.21
CA ASP B 405 23.52 16.85 13.78
C ASP B 405 24.96 16.41 13.52
N SER B 406 25.27 15.15 13.79
CA SER B 406 26.62 14.63 13.64
C SER B 406 26.65 13.24 13.02
N SER B 407 27.74 12.95 12.30
CA SER B 407 27.96 11.66 11.67
C SER B 407 29.35 11.14 11.99
N GLY B 408 29.49 9.82 12.11
CA GLY B 408 30.77 9.19 12.38
C GLY B 408 30.82 8.39 13.67
N PRO B 409 31.97 7.75 13.96
CA PRO B 409 32.14 6.88 15.12
C PRO B 409 32.33 7.62 16.45
N CYS B 410 32.81 8.86 16.39
CA CYS B 410 33.12 9.63 17.59
C CYS B 410 32.06 10.67 17.92
N GLY B 411 31.62 10.68 19.18
CA GLY B 411 30.63 11.64 19.65
C GLY B 411 29.44 10.97 20.33
N ILE B 412 28.83 11.69 21.26
CA ILE B 412 27.66 11.18 21.97
C ILE B 412 26.36 11.62 21.27
N SER B 413 26.50 12.53 20.31
CA SER B 413 25.36 13.03 19.53
C SER B 413 25.16 12.27 18.22
N SER B 414 26.11 11.38 17.91
CA SER B 414 26.03 10.53 16.72
C SER B 414 25.54 9.14 17.12
N VAL B 415 24.39 8.73 16.58
CA VAL B 415 23.79 7.43 16.91
C VAL B 415 23.62 6.56 15.66
N LEU B 416 22.96 7.12 14.64
CA LEU B 416 22.61 6.36 13.43
C LEU B 416 23.83 6.02 12.57
N ASP B 417 24.61 7.04 12.20
CA ASP B 417 25.80 6.84 11.36
C ASP B 417 26.92 6.14 12.12
N LYS B 418 26.72 5.99 13.43
CA LYS B 418 27.63 5.22 14.27
C LYS B 418 27.35 3.72 14.13
N ILE B 419 26.07 3.36 14.07
CA ILE B 419 25.66 1.96 14.01
C ILE B 419 25.76 1.38 12.59
N VAL B 420 25.09 2.02 11.63
CA VAL B 420 25.17 1.62 10.23
C VAL B 420 25.73 2.78 9.40
N PRO B 421 27.08 2.90 9.36
CA PRO B 421 27.74 4.03 8.72
C PRO B 421 27.57 4.03 7.20
N GLY B 422 27.22 5.19 6.65
CA GLY B 422 27.08 5.36 5.21
C GLY B 422 25.73 4.95 4.63
N TYR B 423 24.78 4.68 5.51
CA TYR B 423 23.44 4.28 5.08
C TYR B 423 22.39 5.37 5.33
N TYR B 424 22.32 5.83 6.58
CA TYR B 424 21.31 6.81 7.00
C TYR B 424 21.52 8.20 6.38
N VAL B 425 22.73 8.46 5.90
CA VAL B 425 23.07 9.74 5.29
C VAL B 425 23.11 9.68 3.76
N ARG B 426 22.70 10.77 3.11
CA ARG B 426 22.82 10.89 1.66
C ARG B 426 24.23 11.31 1.28
N ARG B 427 24.77 10.66 0.25
CA ARG B 427 26.15 10.90 -0.19
C ARG B 427 26.20 11.23 -1.68
N ASP B 428 27.25 11.94 -2.08
CA ASP B 428 27.46 12.30 -3.49
C ASP B 428 28.08 11.14 -4.28
N THR B 429 28.42 11.41 -5.54
CA THR B 429 29.05 10.41 -6.41
C THR B 429 30.49 10.07 -6.02
N ASN B 430 31.05 10.87 -5.10
CA ASN B 430 32.40 10.61 -4.57
C ASN B 430 32.39 9.99 -3.17
N GLY B 431 31.21 9.77 -2.62
CA GLY B 431 31.07 9.12 -1.30
C GLY B 431 30.97 10.07 -0.12
N GLN B 432 31.30 11.34 -0.36
CA GLN B 432 31.23 12.38 0.67
C GLN B 432 29.77 12.72 0.99
N ILE B 433 29.49 12.92 2.28
CA ILE B 433 28.13 13.19 2.75
C ILE B 433 27.63 14.56 2.29
N GLU B 434 26.40 14.59 1.77
CA GLU B 434 25.75 15.83 1.33
C GLU B 434 25.39 16.72 2.52
N ASN B 435 25.76 18.00 2.43
CA ASN B 435 25.54 18.97 3.50
C ASN B 435 24.69 20.16 3.09
N SER B 436 23.74 19.93 2.18
CA SER B 436 22.93 21.02 1.61
C SER B 436 21.84 21.54 2.55
N ALA B 437 21.20 20.64 3.29
CA ALA B 437 20.16 21.01 4.26
C ALA B 437 20.74 21.86 5.39
N ALA B 438 21.84 21.38 5.97
CA ALA B 438 22.60 22.09 7.00
C ALA B 438 23.92 21.35 7.18
N MET B 439 23.82 20.08 7.55
CA MET B 439 24.95 19.14 7.60
C MET B 439 24.40 17.72 7.77
N ASN B 440 25.06 16.76 7.13
CA ASN B 440 24.70 15.34 7.22
C ASN B 440 23.24 15.05 6.85
N ASN B 441 22.90 15.27 5.58
CA ASN B 441 21.56 15.04 5.07
C ASN B 441 21.16 13.57 5.14
N THR B 442 19.90 13.32 5.49
CA THR B 442 19.36 11.96 5.52
C THR B 442 18.96 11.52 4.11
N ALA B 443 18.99 10.21 3.87
CA ALA B 443 18.54 9.65 2.61
C ALA B 443 17.23 8.88 2.80
N SER B 444 16.13 9.61 2.71
CA SER B 444 14.79 9.05 2.91
C SER B 444 14.38 8.06 1.81
N GLU B 445 15.17 8.01 0.75
CA GLU B 445 14.96 7.07 -0.36
C GLU B 445 15.30 5.63 0.04
N HIS B 446 16.14 5.47 1.05
CA HIS B 446 16.50 4.15 1.56
C HIS B 446 15.38 3.57 2.42
N PHE B 447 15.26 2.25 2.43
CA PHE B 447 14.16 1.55 3.09
C PHE B 447 14.06 1.85 4.58
N MET B 448 15.15 1.63 5.31
CA MET B 448 15.13 1.72 6.78
C MET B 448 15.07 3.15 7.31
N VAL B 449 15.51 4.11 6.50
CA VAL B 449 15.37 5.53 6.82
C VAL B 449 13.89 5.92 6.68
N ASP B 450 13.27 5.49 5.58
CA ASP B 450 11.85 5.68 5.33
C ASP B 450 11.00 5.07 6.45
N ARG B 451 11.36 3.86 6.87
CA ARG B 451 10.64 3.17 7.94
C ARG B 451 10.75 3.93 9.26
N LEU B 452 11.96 4.38 9.59
CA LEU B 452 12.24 5.08 10.84
C LEU B 452 11.44 6.37 10.99
N ILE B 453 11.27 7.07 9.87
CA ILE B 453 10.51 8.33 9.83
C ILE B 453 9.02 8.09 10.12
N VAL B 454 8.44 7.10 9.44
CA VAL B 454 7.01 6.78 9.59
C VAL B 454 6.71 6.20 10.98
N ASP B 455 7.62 5.37 11.49
CA ASP B 455 7.47 4.78 12.83
C ASP B 455 7.55 5.84 13.93
N ASP B 456 8.32 6.89 13.68
CA ASP B 456 8.47 8.00 14.62
C ASP B 456 7.24 8.90 14.64
N LEU B 457 6.69 9.18 13.47
CA LEU B 457 5.48 9.99 13.35
C LEU B 457 4.29 9.34 14.06
N LEU B 458 4.26 8.00 14.05
CA LEU B 458 3.22 7.25 14.76
C LEU B 458 3.48 7.24 16.28
N ASN B 459 4.76 7.27 16.66
CA ASN B 459 5.16 7.34 18.07
C ASN B 459 4.57 8.58 18.76
N TRP B 460 4.72 9.73 18.14
CA TRP B 460 4.20 10.98 18.67
C TRP B 460 2.67 11.05 18.59
N ALA B 461 2.10 10.38 17.57
CA ALA B 461 0.66 10.35 17.39
C ALA B 461 -0.06 9.47 18.41
N VAL B 462 0.51 8.30 18.70
CA VAL B 462 -0.11 7.33 19.59
C VAL B 462 0.25 7.56 21.06
N ASN B 463 1.55 7.62 21.35
CA ASN B 463 2.05 7.72 22.72
C ASN B 463 1.94 9.12 23.32
N TYR B 464 1.88 10.14 22.46
CA TYR B 464 1.84 11.53 22.90
C TYR B 464 0.60 12.30 22.44
N LYS B 465 -0.24 11.64 21.64
CA LYS B 465 -1.53 12.17 21.20
C LYS B 465 -1.41 13.55 20.54
N VAL B 466 -0.37 13.71 19.71
CA VAL B 466 -0.12 14.96 19.01
C VAL B 466 -1.07 15.09 17.81
N ASP B 467 -1.54 16.30 17.57
CA ASP B 467 -2.62 16.56 16.61
C ASP B 467 -2.14 16.97 15.21
N GLY B 468 -0.86 17.34 15.09
CA GLY B 468 -0.32 17.81 13.82
C GLY B 468 1.19 17.75 13.70
N PHE B 469 1.68 17.83 12.46
CA PHE B 469 3.12 17.75 12.18
C PHE B 469 3.59 18.74 11.13
N ARG B 470 4.62 19.51 11.48
CA ARG B 470 5.28 20.42 10.54
C ARG B 470 6.61 19.82 10.12
N PHE B 471 6.79 19.62 8.82
CA PHE B 471 7.99 19.00 8.29
C PHE B 471 9.04 20.04 7.91
N ASP B 472 10.20 19.96 8.55
CA ASP B 472 11.33 20.82 8.23
C ASP B 472 11.96 20.38 6.92
N LEU B 473 12.13 21.33 6.00
CA LEU B 473 12.61 21.06 4.63
C LEU B 473 11.94 19.84 4.01
N MET B 474 10.64 19.97 3.75
CA MET B 474 9.80 18.91 3.18
C MET B 474 10.30 18.48 1.79
N GLY B 475 10.90 19.41 1.06
CA GLY B 475 11.45 19.14 -0.27
C GLY B 475 12.63 18.18 -0.30
N HIS B 476 13.25 17.97 0.86
CA HIS B 476 14.38 17.04 0.98
C HIS B 476 13.95 15.61 1.29
N ILE B 477 12.69 15.44 1.64
CA ILE B 477 12.11 14.12 1.89
C ILE B 477 11.37 13.65 0.63
N MET B 478 11.48 12.36 0.32
CA MET B 478 10.80 11.76 -0.83
C MET B 478 9.28 11.84 -0.68
N LYS B 479 8.59 12.00 -1.80
CA LYS B 479 7.12 12.12 -1.83
C LYS B 479 6.43 10.87 -1.29
N ARG B 480 6.94 9.69 -1.64
CA ARG B 480 6.35 8.42 -1.22
C ARG B 480 6.44 8.18 0.29
N THR B 481 7.41 8.82 0.93
CA THR B 481 7.55 8.78 2.38
C THR B 481 6.46 9.63 3.04
N MET B 482 6.20 10.79 2.43
CA MET B 482 5.15 11.70 2.89
C MET B 482 3.76 11.09 2.78
N MET B 483 3.51 10.38 1.67
CA MET B 483 2.22 9.77 1.39
C MET B 483 1.93 8.56 2.27
N ARG B 484 2.97 7.78 2.56
CA ARG B 484 2.84 6.62 3.45
C ARG B 484 2.65 7.08 4.90
N ALA B 485 3.27 8.20 5.24
CA ALA B 485 3.06 8.83 6.54
C ALA B 485 1.61 9.28 6.70
N LYS B 486 1.05 9.85 5.64
CA LYS B 486 -0.33 10.33 5.64
C LYS B 486 -1.33 9.19 5.82
N SER B 487 -1.13 8.10 5.06
CA SER B 487 -1.99 6.92 5.14
C SER B 487 -1.91 6.23 6.50
N ALA B 488 -0.70 6.09 7.03
CA ALA B 488 -0.49 5.47 8.34
C ALA B 488 -1.11 6.27 9.47
N LEU B 489 -1.11 7.60 9.32
CA LEU B 489 -1.70 8.48 10.32
C LEU B 489 -3.23 8.51 10.24
N GLN B 490 -3.76 8.52 9.02
CA GLN B 490 -5.21 8.50 8.78
C GLN B 490 -5.89 7.25 9.31
N SER B 491 -5.18 6.13 9.28
CA SER B 491 -5.73 4.82 9.65
C SER B 491 -5.98 4.64 11.14
N LEU B 492 -5.34 5.47 11.95
CA LEU B 492 -5.49 5.41 13.41
C LEU B 492 -6.92 5.74 13.84
N THR B 493 -7.53 4.80 14.58
CA THR B 493 -8.86 5.00 15.13
C THR B 493 -8.83 5.06 16.65
N THR B 494 -9.89 5.58 17.25
CA THR B 494 -10.01 5.70 18.70
C THR B 494 -10.17 4.33 19.36
N ASP B 495 -10.77 3.39 18.64
CA ASP B 495 -11.01 2.04 19.16
C ASP B 495 -9.74 1.21 19.33
N ALA B 496 -8.82 1.33 18.39
CA ALA B 496 -7.62 0.49 18.36
C ALA B 496 -6.38 1.15 18.96
N HIS B 497 -6.26 2.46 18.80
CA HIS B 497 -5.05 3.20 19.22
C HIS B 497 -5.31 4.32 20.22
N GLY B 498 -6.55 4.80 20.28
CA GLY B 498 -6.94 5.85 21.22
C GLY B 498 -6.77 7.26 20.69
N VAL B 499 -6.58 7.38 19.37
CA VAL B 499 -6.41 8.67 18.71
C VAL B 499 -7.19 8.71 17.38
N ASP B 500 -7.98 9.76 17.18
CA ASP B 500 -8.68 9.97 15.92
C ASP B 500 -7.71 10.51 14.87
N GLY B 501 -7.24 9.62 14.01
CA GLY B 501 -6.21 9.95 13.02
C GLY B 501 -6.67 10.80 11.86
N SER B 502 -7.98 10.85 11.64
CA SER B 502 -8.55 11.60 10.51
C SER B 502 -8.46 13.11 10.70
N LYS B 503 -8.14 13.55 11.92
CA LYS B 503 -8.03 14.97 12.24
C LYS B 503 -6.57 15.45 12.31
N ILE B 504 -5.64 14.52 12.17
CA ILE B 504 -4.21 14.83 12.17
C ILE B 504 -3.79 15.46 10.83
N TYR B 505 -3.26 16.68 10.91
CA TYR B 505 -2.92 17.46 9.73
C TYR B 505 -1.40 17.60 9.53
N LEU B 506 -0.98 17.64 8.27
CA LEU B 506 0.43 17.68 7.91
C LEU B 506 0.74 18.85 6.97
N TYR B 507 1.93 19.44 7.15
CA TYR B 507 2.44 20.52 6.29
C TYR B 507 3.95 20.71 6.42
N GLY B 508 4.57 21.35 5.43
CA GLY B 508 6.02 21.55 5.46
C GLY B 508 6.61 22.57 4.49
N GLU B 509 7.92 22.74 4.57
CA GLU B 509 8.68 23.63 3.70
C GLU B 509 9.05 22.91 2.40
N GLY B 510 8.28 23.17 1.34
CA GLY B 510 8.49 22.48 0.07
C GLY B 510 9.47 23.15 -0.88
N TRP B 511 10.64 23.55 -0.36
CA TRP B 511 11.68 24.15 -1.19
C TRP B 511 12.39 23.06 -1.99
N ASP B 512 12.65 23.35 -3.27
CA ASP B 512 13.31 22.41 -4.18
C ASP B 512 14.67 22.96 -4.59
N PHE B 513 15.74 22.47 -3.96
CA PHE B 513 17.09 22.96 -4.22
C PHE B 513 18.20 21.92 -4.08
N ALA B 514 19.38 22.28 -4.60
CA ALA B 514 20.61 21.47 -4.52
C ALA B 514 20.50 20.10 -5.21
N GLU B 515 20.92 19.05 -4.50
CA GLU B 515 21.03 17.71 -5.07
C GLU B 515 19.67 17.02 -5.31
N VAL B 516 18.65 17.46 -4.58
CA VAL B 516 17.33 16.84 -4.63
C VAL B 516 16.42 17.48 -5.70
N ALA B 517 16.86 18.64 -6.21
CA ALA B 517 16.13 19.39 -7.23
C ALA B 517 15.99 18.63 -8.55
N ARG B 518 14.95 18.95 -9.30
CA ARG B 518 14.64 18.31 -10.59
C ARG B 518 14.47 16.79 -10.47
N ASN B 519 13.96 16.35 -9.32
CA ASN B 519 13.68 14.94 -9.02
C ASN B 519 14.87 13.98 -9.16
N GLN B 520 16.08 14.52 -9.04
CA GLN B 520 17.32 13.79 -9.31
C GLN B 520 17.55 12.53 -8.45
N ARG B 521 17.04 12.55 -7.22
CA ARG B 521 17.14 11.39 -6.33
C ARG B 521 15.79 10.68 -6.19
N GLY B 522 14.86 11.01 -7.08
CA GLY B 522 13.49 10.50 -7.02
C GLY B 522 12.51 11.63 -6.84
N ILE B 523 11.21 11.30 -6.84
CA ILE B 523 10.16 12.30 -6.68
C ILE B 523 10.16 12.82 -5.23
N ASN B 524 10.59 14.07 -5.06
CA ASN B 524 10.73 14.67 -3.73
C ASN B 524 9.50 15.46 -3.28
N GLY B 525 9.50 15.90 -2.02
CA GLY B 525 8.35 16.59 -1.43
C GLY B 525 8.33 18.08 -1.68
N SER B 526 8.60 18.48 -2.92
CA SER B 526 8.62 19.89 -3.32
C SER B 526 7.19 20.45 -3.48
N GLN B 527 7.11 21.76 -3.62
CA GLN B 527 5.83 22.45 -3.82
C GLN B 527 5.03 21.91 -5.01
N LEU B 528 5.69 21.72 -6.14
CA LEU B 528 5.04 21.24 -7.36
C LEU B 528 4.60 19.79 -7.27
N ASN B 529 5.41 18.95 -6.64
CA ASN B 529 5.09 17.53 -6.47
C ASN B 529 4.02 17.25 -5.43
N MET B 530 3.95 18.09 -4.39
CA MET B 530 2.98 17.91 -3.31
C MET B 530 1.62 18.54 -3.62
N SER B 531 1.45 18.97 -4.87
CA SER B 531 0.16 19.44 -5.36
C SER B 531 -0.76 18.24 -5.59
N GLY B 532 -1.93 18.26 -4.95
CA GLY B 532 -2.90 17.18 -5.07
C GLY B 532 -2.76 16.11 -3.99
N THR B 533 -1.87 16.33 -3.03
CA THR B 533 -1.60 15.36 -1.97
C THR B 533 -2.40 15.64 -0.70
N GLY B 534 -3.08 16.78 -0.65
CA GLY B 534 -3.83 17.19 0.54
C GLY B 534 -2.93 17.61 1.70
N ILE B 535 -1.63 17.70 1.44
CA ILE B 535 -0.66 18.12 2.44
C ILE B 535 -0.22 19.55 2.15
N GLY B 536 -0.21 20.38 3.19
CA GLY B 536 0.07 21.81 3.04
C GLY B 536 1.53 22.18 2.85
N SER B 537 1.75 23.34 2.24
CA SER B 537 3.09 23.89 2.07
C SER B 537 3.04 25.41 2.20
N PHE B 538 4.15 25.99 2.68
CA PHE B 538 4.25 27.43 2.89
C PHE B 538 4.19 28.23 1.59
N ASN B 539 3.36 29.26 1.59
CA ASN B 539 3.22 30.16 0.45
C ASN B 539 4.25 31.29 0.52
N ASP B 540 5.34 31.15 -0.20
CA ASP B 540 6.41 32.14 -0.23
C ASP B 540 6.12 33.30 -1.20
N ARG B 541 5.20 33.08 -2.13
CA ARG B 541 4.79 34.10 -3.10
C ARG B 541 4.05 35.26 -2.43
N ILE B 542 3.12 34.92 -1.53
CA ILE B 542 2.34 35.91 -0.80
C ILE B 542 3.21 36.64 0.25
N ARG B 543 4.19 35.91 0.79
CA ARG B 543 5.14 36.45 1.76
C ARG B 543 6.00 37.53 1.12
N ASP B 544 6.47 37.26 -0.10
CA ASP B 544 7.38 38.15 -0.81
C ASP B 544 6.67 39.31 -1.53
N ALA B 545 5.37 39.18 -1.74
CA ALA B 545 4.59 40.22 -2.39
C ALA B 545 4.12 41.29 -1.40
N ILE B 546 3.75 40.85 -0.20
CA ILE B 546 3.33 41.75 0.87
C ILE B 546 4.52 42.53 1.45
N ASN B 547 5.58 41.80 1.82
CA ASN B 547 6.76 42.41 2.42
C ASN B 547 7.65 43.10 1.40
N GLY B 548 7.83 42.48 0.24
CA GLY B 548 8.67 43.05 -0.82
C GLY B 548 9.99 42.30 -0.95
N GLY B 549 10.49 42.25 -2.19
CA GLY B 549 11.73 41.52 -2.49
C GLY B 549 11.66 40.07 -2.04
N ASN B 550 12.70 39.64 -1.33
CA ASN B 550 12.72 38.32 -0.68
C ASN B 550 13.73 38.32 0.48
N PRO B 551 13.55 37.41 1.45
CA PRO B 551 14.42 37.35 2.64
C PRO B 551 15.92 37.36 2.33
N PHE B 552 16.31 36.88 1.15
CA PHE B 552 17.70 36.83 0.74
C PHE B 552 18.09 37.92 -0.26
N GLY B 553 17.19 38.87 -0.48
CA GLY B 553 17.43 39.98 -1.41
C GLY B 553 17.91 41.24 -0.72
N ASN B 554 17.85 42.36 -1.44
CA ASN B 554 18.21 43.67 -0.88
C ASN B 554 17.18 44.10 0.16
N PRO B 555 17.65 44.41 1.39
CA PRO B 555 16.78 44.68 2.54
C PRO B 555 15.83 45.86 2.36
N LEU B 556 16.13 46.73 1.39
CA LEU B 556 15.34 47.94 1.17
C LEU B 556 14.30 47.80 0.04
N GLN B 557 14.17 46.60 -0.52
CA GLN B 557 13.19 46.32 -1.57
C GLN B 557 11.77 46.35 -0.99
N GLN B 558 10.93 47.21 -1.56
CA GLN B 558 9.57 47.43 -1.05
C GLN B 558 8.53 46.59 -1.78
N GLY B 559 7.43 46.32 -1.09
CA GLY B 559 6.30 45.58 -1.66
C GLY B 559 4.98 46.30 -1.46
N PHE B 560 3.91 45.52 -1.42
CA PHE B 560 2.55 46.06 -1.30
C PHE B 560 2.31 46.71 0.05
N ASN B 561 2.67 46.01 1.13
CA ASN B 561 2.46 46.50 2.49
C ASN B 561 3.63 47.32 3.04
N THR B 562 4.67 47.50 2.22
CA THR B 562 5.81 48.32 2.61
C THR B 562 5.93 49.58 1.74
N GLY B 563 4.89 49.82 0.92
CA GLY B 563 4.76 51.05 0.15
C GLY B 563 5.76 51.19 -0.99
N LEU B 564 5.59 50.39 -2.03
CA LEU B 564 6.51 50.39 -3.16
C LEU B 564 6.37 51.66 -4.02
N PHE B 565 5.16 51.91 -4.51
CA PHE B 565 4.90 53.06 -5.38
C PHE B 565 4.34 54.24 -4.59
N LEU B 566 3.57 53.93 -3.54
CA LEU B 566 2.86 54.92 -2.76
C LEU B 566 3.77 55.75 -1.86
N GLU B 567 4.76 55.09 -1.25
CA GLU B 567 5.69 55.75 -0.32
C GLU B 567 7.13 55.25 -0.51
N PRO B 568 7.86 55.82 -1.49
CA PRO B 568 9.25 55.43 -1.74
C PRO B 568 10.15 55.65 -0.52
N ASN B 569 11.09 54.73 -0.30
CA ASN B 569 11.96 54.79 0.88
C ASN B 569 13.33 55.42 0.64
N GLY B 570 13.60 55.78 -0.62
CA GLY B 570 14.87 56.39 -1.00
C GLY B 570 15.69 55.51 -1.91
N PHE B 571 15.54 54.20 -1.75
CA PHE B 571 16.24 53.21 -2.58
C PHE B 571 15.64 53.17 -3.98
N TYR B 572 16.49 53.23 -4.99
CA TYR B 572 16.05 53.24 -6.38
C TYR B 572 15.57 51.87 -6.84
N GLN B 573 14.29 51.81 -7.18
CA GLN B 573 13.65 50.57 -7.63
C GLN B 573 12.95 50.79 -8.98
N GLY B 574 13.45 51.76 -9.74
CA GLY B 574 12.86 52.13 -11.03
C GLY B 574 12.13 53.46 -10.98
N ASN B 575 11.72 53.95 -12.14
CA ASN B 575 10.94 55.18 -12.25
C ASN B 575 9.49 55.01 -11.75
N GLU B 576 8.73 56.10 -11.78
CA GLU B 576 7.33 56.08 -11.34
C GLU B 576 6.48 55.01 -12.04
N ALA B 577 6.62 54.92 -13.36
CA ALA B 577 5.85 53.97 -14.17
C ALA B 577 6.18 52.51 -13.88
N ASP B 578 7.46 52.21 -13.67
CA ASP B 578 7.91 50.85 -13.39
C ASP B 578 7.64 50.40 -11.96
N THR B 579 7.66 51.34 -11.03
CA THR B 579 7.34 51.05 -9.62
C THR B 579 5.84 50.88 -9.40
N ARG B 580 5.05 51.47 -10.30
CA ARG B 580 3.59 51.36 -10.26
C ARG B 580 3.14 49.98 -10.72
N ARG B 581 3.66 49.53 -11.86
CA ARG B 581 3.38 48.21 -12.42
C ARG B 581 3.81 47.09 -11.46
N SER B 582 5.00 47.24 -10.87
CA SER B 582 5.54 46.27 -9.92
C SER B 582 4.61 46.07 -8.72
N LEU B 583 4.05 47.17 -8.22
CA LEU B 583 3.08 47.14 -7.13
C LEU B 583 1.82 46.35 -7.54
N ALA B 584 1.35 46.60 -8.76
CA ALA B 584 0.17 45.94 -9.30
C ALA B 584 0.43 44.46 -9.61
N THR B 585 1.67 44.15 -9.98
CA THR B 585 2.10 42.77 -10.20
C THR B 585 2.14 42.01 -8.87
N TYR B 586 2.55 42.70 -7.81
CA TYR B 586 2.50 42.14 -6.45
C TYR B 586 1.06 42.00 -5.98
N ALA B 587 0.20 42.93 -6.38
CA ALA B 587 -1.22 42.92 -6.02
C ALA B 587 -1.95 41.73 -6.61
N ASP B 588 -1.53 41.31 -7.81
CA ASP B 588 -2.10 40.12 -8.46
C ASP B 588 -1.68 38.84 -7.72
N GLN B 589 -0.44 38.82 -7.24
CA GLN B 589 0.12 37.66 -6.54
C GLN B 589 -0.51 37.45 -5.16
N ILE B 590 -0.86 38.54 -4.50
CA ILE B 590 -1.53 38.50 -3.20
C ILE B 590 -2.96 37.95 -3.36
N GLN B 591 -3.68 38.46 -4.35
CA GLN B 591 -5.07 38.09 -4.58
C GLN B 591 -5.24 36.62 -4.98
N ILE B 592 -4.28 36.09 -5.74
CA ILE B 592 -4.22 34.66 -6.02
C ILE B 592 -4.07 33.88 -4.70
N GLY B 593 -3.18 34.37 -3.83
CA GLY B 593 -2.94 33.76 -2.53
C GLY B 593 -4.14 33.84 -1.60
N LEU B 594 -4.84 34.96 -1.62
CA LEU B 594 -6.06 35.17 -0.83
C LEU B 594 -7.14 34.16 -1.19
N ALA B 595 -7.10 33.68 -2.43
CA ALA B 595 -8.07 32.71 -2.93
C ALA B 595 -7.54 31.27 -2.84
N GLY B 596 -6.69 31.02 -1.85
CA GLY B 596 -6.15 29.69 -1.60
C GLY B 596 -4.98 29.30 -2.49
N ASN B 597 -4.41 30.29 -3.18
CA ASN B 597 -3.25 30.11 -4.06
C ASN B 597 -3.43 28.94 -5.05
N LEU B 598 -4.57 28.95 -5.74
CA LEU B 598 -4.96 27.84 -6.62
C LEU B 598 -4.44 27.99 -8.04
N ARG B 599 -4.25 26.86 -8.72
CA ARG B 599 -3.88 26.82 -10.13
C ARG B 599 -5.01 27.33 -11.02
N ASP B 600 -6.23 26.93 -10.69
CA ASP B 600 -7.39 27.11 -11.57
C ASP B 600 -8.15 28.43 -11.41
N TYR B 601 -7.94 29.11 -10.29
CA TYR B 601 -8.65 30.37 -10.04
C TYR B 601 -8.28 31.42 -11.07
N VAL B 602 -9.32 32.02 -11.68
CA VAL B 602 -9.15 32.97 -12.77
C VAL B 602 -9.29 34.40 -12.28
N LEU B 603 -8.20 35.16 -12.38
CA LEU B 603 -8.16 36.55 -11.94
C LEU B 603 -7.86 37.47 -13.12
N ILE B 604 -8.42 38.69 -13.06
CA ILE B 604 -8.13 39.72 -14.05
C ILE B 604 -6.88 40.50 -13.61
N SER B 605 -5.80 40.35 -14.37
CA SER B 605 -4.52 40.96 -14.04
C SER B 605 -4.50 42.47 -14.32
N HIS B 606 -3.36 43.10 -14.02
CA HIS B 606 -3.19 44.55 -14.16
C HIS B 606 -3.22 45.04 -15.61
N THR B 607 -3.00 44.14 -16.56
CA THR B 607 -3.04 44.49 -18.00
C THR B 607 -4.46 44.36 -18.57
N GLY B 608 -5.39 43.88 -17.73
CA GLY B 608 -6.76 43.64 -18.16
C GLY B 608 -6.94 42.26 -18.76
N GLU B 609 -5.95 41.39 -18.54
CA GLU B 609 -5.95 40.03 -19.07
C GLU B 609 -6.41 39.04 -18.01
N ALA B 610 -7.44 38.27 -18.34
CA ALA B 610 -7.96 37.24 -17.45
C ALA B 610 -7.04 36.02 -17.48
N LYS B 611 -6.38 35.76 -16.35
CA LYS B 611 -5.39 34.70 -16.25
C LYS B 611 -5.69 33.76 -15.08
N LYS B 612 -5.36 32.48 -15.27
CA LYS B 612 -5.43 31.49 -14.20
C LYS B 612 -4.27 31.67 -13.22
N GLY B 613 -4.39 31.07 -12.04
CA GLY B 613 -3.35 31.14 -11.02
C GLY B 613 -2.00 30.58 -11.46
N SER B 614 -2.04 29.47 -12.19
CA SER B 614 -0.83 28.84 -12.72
C SER B 614 -0.26 29.58 -13.93
N GLU B 615 -1.05 30.46 -14.51
CA GLU B 615 -0.63 31.27 -15.66
C GLU B 615 0.11 32.55 -15.26
N ILE B 616 -0.03 32.93 -13.99
CA ILE B 616 0.71 34.08 -13.45
C ILE B 616 2.04 33.60 -12.88
N HIS B 617 3.14 34.16 -13.40
CA HIS B 617 4.49 33.73 -13.03
C HIS B 617 5.25 34.83 -12.28
N ASP B 620 9.55 35.06 -11.43
CA ASP B 620 10.81 34.73 -12.07
C ASP B 620 10.91 33.23 -12.43
N GLY B 621 9.95 32.76 -13.21
CA GLY B 621 9.94 31.38 -13.70
C GLY B 621 8.70 30.57 -13.31
N LEU B 622 8.48 30.41 -12.01
CA LEU B 622 7.45 29.52 -11.50
C LEU B 622 6.07 30.13 -11.32
N PRO B 623 5.02 29.29 -11.38
CA PRO B 623 3.63 29.73 -11.18
C PRO B 623 3.34 30.13 -9.74
N VAL B 624 2.55 31.19 -9.56
CA VAL B 624 2.18 31.67 -8.22
C VAL B 624 1.20 30.71 -7.56
N GLY B 625 0.06 30.47 -8.24
CA GLY B 625 -0.91 29.50 -7.78
C GLY B 625 -0.52 28.11 -8.24
N TYR B 626 -0.25 27.22 -7.29
CA TYR B 626 0.22 25.87 -7.60
C TYR B 626 -0.60 24.75 -6.97
N THR B 627 -1.52 25.10 -6.07
CA THR B 627 -2.30 24.11 -5.33
C THR B 627 -3.62 23.77 -6.03
N ALA B 628 -4.13 22.58 -5.74
CA ALA B 628 -5.42 22.11 -6.27
C ALA B 628 -6.51 22.13 -5.19
N SER B 629 -6.12 22.54 -3.98
CA SER B 629 -7.03 22.64 -2.84
C SER B 629 -6.55 23.71 -1.87
N PRO B 630 -7.49 24.46 -1.25
CA PRO B 630 -7.13 25.50 -0.28
C PRO B 630 -6.43 24.97 0.98
N ILE B 631 -6.71 23.72 1.36
CA ILE B 631 -6.08 23.11 2.53
C ILE B 631 -4.61 22.77 2.31
N GLU B 632 -4.17 22.85 1.05
CA GLU B 632 -2.76 22.64 0.69
C GLU B 632 -1.97 23.95 0.76
N THR B 633 -2.66 25.04 1.12
CA THR B 633 -2.07 26.38 1.14
C THR B 633 -1.95 26.93 2.55
N ILE B 634 -0.71 27.22 2.94
CA ILE B 634 -0.42 27.91 4.20
C ILE B 634 0.08 29.31 3.88
N ASN B 635 -0.77 30.30 4.14
CA ASN B 635 -0.42 31.70 3.93
C ASN B 635 0.25 32.30 5.15
N TYR B 636 1.42 32.90 4.93
CA TYR B 636 2.20 33.51 6.01
C TYR B 636 3.01 34.71 5.53
N VAL B 637 3.28 35.62 6.47
CA VAL B 637 4.10 36.80 6.21
C VAL B 637 5.39 36.77 7.03
N SER B 638 5.38 36.01 8.11
CA SER B 638 6.52 35.93 9.04
C SER B 638 6.55 34.60 9.79
N ALA B 639 7.76 34.08 9.97
CA ALA B 639 8.00 32.86 10.75
C ALA B 639 9.24 33.05 11.62
N HIS B 640 9.69 31.97 12.27
CA HIS B 640 10.88 32.01 13.12
C HIS B 640 12.15 32.35 12.33
N ASP B 641 12.19 31.94 11.07
CA ASP B 641 13.28 32.28 10.16
C ASP B 641 13.18 33.76 9.76
N ASN B 642 14.31 34.33 9.36
CA ASN B 642 14.38 35.69 8.83
C ASN B 642 13.94 36.77 9.82
N GLU B 643 13.71 37.98 9.31
CA GLU B 643 13.27 39.10 10.12
C GLU B 643 11.80 38.93 10.51
N THR B 644 11.44 39.37 11.71
CA THR B 644 10.06 39.32 12.18
C THR B 644 9.19 40.30 11.39
N LEU B 645 7.87 40.18 11.56
CA LEU B 645 6.93 41.08 10.90
C LEU B 645 7.20 42.54 11.22
N PHE B 646 7.41 42.84 12.51
CA PHE B 646 7.67 44.20 12.97
C PHE B 646 9.00 44.76 12.44
N ASP B 647 10.04 43.94 12.49
CA ASP B 647 11.38 44.34 12.05
C ASP B 647 11.47 44.56 10.56
N VAL B 648 10.82 43.70 9.77
CA VAL B 648 10.85 43.80 8.31
C VAL B 648 10.11 45.03 7.79
N ILE B 649 9.12 45.50 8.56
CA ILE B 649 8.39 46.72 8.25
C ILE B 649 9.25 47.94 8.56
N SER B 650 9.95 47.91 9.69
CA SER B 650 10.80 49.00 10.13
C SER B 650 12.02 49.24 9.23
N VAL B 651 12.45 48.18 8.54
CA VAL B 651 13.58 48.26 7.62
C VAL B 651 13.15 48.84 6.27
N LYS B 652 12.02 48.39 5.76
CA LYS B 652 11.60 48.70 4.39
C LYS B 652 10.82 50.00 4.22
N THR B 653 9.91 50.30 5.15
CA THR B 653 9.08 51.51 5.07
C THR B 653 9.93 52.77 5.31
N PRO B 654 9.52 53.91 4.70
CA PRO B 654 10.27 55.17 4.85
C PRO B 654 10.55 55.52 6.31
N MET B 655 11.73 56.09 6.55
CA MET B 655 12.18 56.42 7.90
C MET B 655 11.29 57.46 8.59
N ILE B 656 10.74 58.38 7.80
CA ILE B 656 9.90 59.47 8.29
C ILE B 656 8.67 59.00 9.10
N LEU B 657 8.14 57.83 8.75
CA LEU B 657 6.91 57.31 9.36
C LEU B 657 7.04 57.05 10.85
N SER B 658 5.96 57.31 11.59
CA SER B 658 5.93 57.12 13.03
C SER B 658 5.60 55.68 13.41
N VAL B 659 5.71 55.38 14.71
CA VAL B 659 5.39 54.04 15.23
C VAL B 659 3.88 53.77 15.19
N ASP B 660 3.08 54.82 15.34
CA ASP B 660 1.62 54.74 15.21
C ASP B 660 1.21 54.33 13.80
N GLU B 661 1.94 54.85 12.81
CA GLU B 661 1.71 54.53 11.41
C GLU B 661 2.20 53.12 11.06
N ARG B 662 3.29 52.70 11.69
CA ARG B 662 3.87 51.37 11.46
C ARG B 662 3.10 50.25 12.16
N CYS B 663 2.45 50.59 13.27
CA CYS B 663 1.65 49.62 14.03
C CYS B 663 0.44 49.17 13.22
N ARG B 664 -0.10 50.08 12.41
CA ARG B 664 -1.22 49.78 11.52
C ARG B 664 -0.78 48.94 10.32
N ILE B 665 0.49 49.08 9.94
CA ILE B 665 1.07 48.29 8.86
C ILE B 665 1.26 46.84 9.32
N ASN B 666 1.58 46.65 10.59
CA ASN B 666 1.66 45.33 11.22
C ASN B 666 0.32 44.59 11.16
N HIS B 667 -0.76 45.33 11.41
CA HIS B 667 -2.11 44.78 11.43
C HIS B 667 -2.58 44.32 10.05
N LEU B 668 -2.31 45.13 9.02
CA LEU B 668 -2.71 44.82 7.66
C LEU B 668 -2.12 43.53 7.13
N ALA B 669 -0.84 43.29 7.44
CA ALA B 669 -0.16 42.05 7.05
C ALA B 669 -0.78 40.83 7.73
N SER B 670 -1.20 41.01 8.98
CA SER B 670 -1.87 39.95 9.73
C SER B 670 -3.32 39.77 9.29
N SER B 671 -3.97 40.89 8.96
CA SER B 671 -5.36 40.90 8.53
C SER B 671 -5.54 40.26 7.14
N MET B 672 -4.55 40.44 6.28
CA MET B 672 -4.54 39.78 4.97
C MET B 672 -4.41 38.27 5.09
N MET B 673 -3.69 37.83 6.11
CA MET B 673 -3.52 36.40 6.39
C MET B 673 -4.78 35.80 7.00
N ALA B 674 -5.28 36.45 8.05
CA ALA B 674 -6.41 35.93 8.83
C ALA B 674 -7.75 35.96 8.10
N LEU B 675 -7.80 36.67 6.97
CA LEU B 675 -9.02 36.77 6.17
C LEU B 675 -8.86 36.20 4.76
N SER B 676 -7.87 35.34 4.56
CA SER B 676 -7.63 34.68 3.29
C SER B 676 -8.18 33.25 3.29
N GLN B 677 -8.45 32.73 2.10
CA GLN B 677 -8.86 31.34 1.93
C GLN B 677 -7.64 30.43 2.12
N GLY B 678 -7.82 29.37 2.89
CA GLY B 678 -6.72 28.47 3.21
C GLY B 678 -6.41 28.48 4.70
N ILE B 679 -5.14 28.26 5.02
CA ILE B 679 -4.72 28.22 6.43
C ILE B 679 -3.74 29.37 6.74
N PRO B 680 -4.18 30.32 7.59
CA PRO B 680 -3.33 31.41 8.06
C PRO B 680 -2.29 30.92 9.07
N PHE B 681 -1.05 31.34 8.88
CA PHE B 681 0.06 30.96 9.74
C PHE B 681 0.59 32.19 10.48
N PHE B 682 0.54 32.14 11.82
CA PHE B 682 0.99 33.25 12.64
C PHE B 682 2.26 32.93 13.42
N HIS B 683 3.23 33.84 13.34
CA HIS B 683 4.43 33.77 14.17
C HIS B 683 4.10 34.36 15.55
N ALA B 684 4.44 33.63 16.61
CA ALA B 684 4.19 34.10 17.96
C ALA B 684 4.84 35.46 18.19
N GLY B 685 4.01 36.47 18.47
CA GLY B 685 4.49 37.83 18.67
C GLY B 685 4.00 38.81 17.64
N ASP B 686 3.52 38.31 16.50
CA ASP B 686 2.90 39.14 15.46
C ASP B 686 1.74 39.95 16.05
N GLU B 687 1.06 39.37 17.03
CA GLU B 687 -0.04 40.02 17.73
C GLU B 687 0.43 41.15 18.66
N ILE B 688 1.66 41.03 19.15
CA ILE B 688 2.21 41.98 20.13
C ILE B 688 3.51 42.64 19.66
N LEU B 689 3.56 42.95 18.36
CA LEU B 689 4.65 43.73 17.75
C LEU B 689 6.08 43.22 18.04
N ARG B 690 6.20 41.90 18.25
CA ARG B 690 7.48 41.30 18.65
C ARG B 690 8.66 41.69 17.75
N SER B 691 9.76 42.03 18.40
CA SER B 691 11.01 42.36 17.72
C SER B 691 12.14 41.47 18.22
N LYS B 692 13.06 41.15 17.31
CA LYS B 692 14.30 40.48 17.68
C LYS B 692 15.46 41.44 17.45
N SER B 693 15.12 42.73 17.33
CA SER B 693 16.05 43.80 16.99
C SER B 693 16.76 43.54 15.65
N ILE B 694 15.94 43.29 14.62
CA ILE B 694 16.40 43.09 13.23
C ILE B 694 17.37 41.90 13.06
N ASP B 695 17.13 40.84 13.82
CA ASP B 695 17.91 39.61 13.72
C ASP B 695 17.24 38.68 12.70
N ARG B 696 17.99 38.29 11.67
CA ARG B 696 17.44 37.48 10.57
C ARG B 696 17.72 35.97 10.69
N ASP B 697 18.49 35.58 11.70
CA ASP B 697 18.79 34.17 11.94
C ASP B 697 19.11 33.96 13.42
N SER B 698 18.07 34.01 14.25
CA SER B 698 18.23 34.01 15.70
C SER B 698 18.15 32.62 16.33
N TYR B 699 18.74 31.62 15.65
CA TYR B 699 18.74 30.25 16.15
C TYR B 699 19.58 30.08 17.42
N ASN B 700 20.69 30.82 17.49
CA ASN B 700 21.62 30.72 18.60
C ASN B 700 21.84 32.08 19.30
N SER B 701 20.89 33.00 19.09
CA SER B 701 20.99 34.36 19.63
C SER B 701 20.55 34.51 21.09
N GLY B 702 20.24 33.39 21.72
CA GLY B 702 19.92 33.37 23.15
C GLY B 702 18.55 33.90 23.53
N ASP B 703 18.30 33.95 24.84
CA ASP B 703 17.06 34.47 25.40
C ASP B 703 16.92 35.97 25.22
N TRP B 704 18.05 36.67 25.17
CA TRP B 704 18.08 38.14 25.09
C TRP B 704 17.36 38.66 23.85
N PHE B 705 17.76 38.18 22.68
CA PHE B 705 17.19 38.63 21.41
C PHE B 705 15.85 37.97 21.08
N ASN B 706 15.58 36.84 21.73
CA ASN B 706 14.35 36.08 21.48
C ASN B 706 13.37 36.17 22.65
N LYS B 707 13.17 37.39 23.14
CA LYS B 707 12.32 37.64 24.31
C LYS B 707 10.85 37.83 23.95
N LEU B 708 10.00 37.04 24.60
CA LEU B 708 8.56 37.25 24.56
C LEU B 708 8.06 37.78 25.90
N ASP B 709 7.65 39.04 25.89
CA ASP B 709 7.19 39.72 27.10
C ASP B 709 5.68 39.59 27.23
N PHE B 710 5.23 38.96 28.31
CA PHE B 710 3.80 38.80 28.58
C PHE B 710 3.26 39.79 29.62
N THR B 711 4.11 40.76 29.99
CA THR B 711 3.67 41.92 30.76
C THR B 711 3.32 43.04 29.78
N TYR B 712 3.76 42.86 28.53
CA TYR B 712 3.46 43.76 27.41
C TYR B 712 4.11 45.15 27.52
N GLU B 713 5.15 45.25 28.34
CA GLU B 713 5.86 46.51 28.55
C GLU B 713 6.81 46.84 27.39
N THR B 714 7.52 45.82 26.91
CA THR B 714 8.44 45.97 25.78
C THR B 714 8.14 44.95 24.68
N ASN B 715 8.50 45.29 23.44
CA ASN B 715 8.41 44.34 22.34
C ASN B 715 9.80 43.81 21.95
N ASN B 716 10.80 44.19 22.74
CA ASN B 716 12.20 43.81 22.53
C ASN B 716 12.86 44.50 21.33
N TRP B 717 12.43 45.72 21.05
CA TRP B 717 13.06 46.56 20.02
C TRP B 717 14.11 47.47 20.64
N GLY B 718 15.28 47.54 20.00
CA GLY B 718 16.37 48.39 20.46
C GLY B 718 17.10 47.85 21.67
N VAL B 719 17.47 46.56 21.62
CA VAL B 719 18.32 45.95 22.65
C VAL B 719 19.72 45.66 22.10
N GLY B 720 20.19 46.54 21.21
CA GLY B 720 21.51 46.41 20.59
C GLY B 720 21.47 45.88 19.17
N LEU B 721 22.62 45.93 18.51
CA LEU B 721 22.80 45.32 17.19
C LEU B 721 22.86 43.79 17.32
N PRO B 722 22.15 43.07 16.43
CA PRO B 722 22.11 41.61 16.47
C PRO B 722 23.46 40.95 16.10
N PRO B 723 23.69 39.69 16.52
CA PRO B 723 24.94 38.96 16.30
C PRO B 723 25.60 39.20 14.95
N SER B 724 26.89 39.55 14.98
CA SER B 724 27.63 40.03 13.81
C SER B 724 27.75 39.01 12.67
N GLU B 725 28.06 37.76 13.01
CA GLU B 725 28.29 36.70 12.03
C GLU B 725 27.16 36.58 11.00
N LYS B 726 25.95 36.93 11.41
CA LYS B 726 24.77 36.83 10.55
C LYS B 726 24.24 38.19 10.07
N ASN B 727 24.63 39.26 10.76
CA ASN B 727 23.99 40.57 10.56
C ASN B 727 24.92 41.76 10.24
N GLU B 728 26.22 41.58 10.46
CA GLU B 728 27.18 42.69 10.40
C GLU B 728 27.18 43.50 9.10
N ASP B 729 26.89 42.84 7.99
CA ASP B 729 26.91 43.49 6.68
C ASP B 729 25.74 44.47 6.46
N ASN B 730 24.70 44.33 7.28
CA ASN B 730 23.54 45.22 7.22
C ASN B 730 23.46 46.19 8.41
N TRP B 731 24.57 46.31 9.13
CA TRP B 731 24.67 47.19 10.29
C TRP B 731 24.57 48.70 10.00
N PRO B 732 25.09 49.17 8.84
CA PRO B 732 24.98 50.59 8.50
C PRO B 732 23.54 51.14 8.43
N LEU B 733 22.59 50.29 8.05
CA LEU B 733 21.19 50.71 7.99
C LEU B 733 20.41 50.42 9.29
N MET B 734 20.84 49.40 10.02
CA MET B 734 20.22 49.04 11.30
C MET B 734 20.50 50.08 12.39
N LYS B 735 21.74 50.56 12.42
CA LYS B 735 22.24 51.44 13.48
C LYS B 735 21.33 52.65 13.79
N PRO B 736 20.96 53.46 12.77
CA PRO B 736 20.12 54.63 13.04
C PRO B 736 18.72 54.27 13.52
N ARG B 737 18.16 53.19 12.98
CA ARG B 737 16.78 52.79 13.26
C ARG B 737 16.57 52.26 14.68
N LEU B 738 17.53 51.49 15.19
CA LEU B 738 17.46 50.95 16.55
C LEU B 738 17.58 52.03 17.61
N GLU B 739 18.41 53.04 17.33
CA GLU B 739 18.64 54.16 18.25
C GLU B 739 17.49 55.15 18.28
N ASN B 740 16.85 55.35 17.12
CA ASN B 740 15.74 56.29 16.97
C ASN B 740 14.59 56.00 17.93
N PRO B 741 14.34 56.91 18.90
CA PRO B 741 13.34 56.72 19.95
C PRO B 741 11.90 56.73 19.47
N SER B 742 11.67 57.17 18.23
CA SER B 742 10.33 57.21 17.66
C SER B 742 9.92 55.89 17.00
N PHE B 743 10.87 54.95 16.98
CA PHE B 743 10.63 53.60 16.44
C PHE B 743 10.13 52.64 17.51
N LYS B 744 10.49 52.91 18.76
CA LYS B 744 10.17 52.04 19.89
C LYS B 744 8.73 52.23 20.36
N PRO B 745 7.94 51.12 20.38
CA PRO B 745 6.56 51.17 20.84
C PRO B 745 6.39 50.93 22.33
N ALA B 746 5.35 51.52 22.92
CA ALA B 746 5.09 51.39 24.36
C ALA B 746 4.00 50.35 24.65
N LYS B 747 3.62 50.25 25.92
CA LYS B 747 2.59 49.30 26.38
C LYS B 747 1.23 49.57 25.72
N GLY B 748 0.97 50.84 25.40
CA GLY B 748 -0.28 51.25 24.75
C GLY B 748 -0.42 50.74 23.32
N HIS B 749 0.70 50.75 22.58
CA HIS B 749 0.72 50.26 21.20
C HIS B 749 0.63 48.74 21.15
N ILE B 750 1.33 48.08 22.07
CA ILE B 750 1.40 46.62 22.14
C ILE B 750 0.01 46.01 22.40
N LEU B 751 -0.70 46.55 23.38
CA LEU B 751 -2.06 46.09 23.71
C LEU B 751 -3.09 46.49 22.66
N ALA B 752 -2.81 47.56 21.92
CA ALA B 752 -3.67 48.01 20.83
C ALA B 752 -3.62 47.02 19.66
N ALA B 753 -2.44 46.48 19.40
CA ALA B 753 -2.25 45.47 18.36
C ALA B 753 -2.90 44.14 18.75
N LEU B 754 -2.80 43.79 20.04
CA LEU B 754 -3.39 42.57 20.59
C LEU B 754 -4.91 42.64 20.60
N ASP B 755 -5.46 43.82 20.89
CA ASP B 755 -6.91 44.06 20.83
C ASP B 755 -7.43 43.94 19.39
N SER B 756 -6.64 44.42 18.43
N SER B 756 -6.64 44.42 18.43
CA SER B 756 -7.01 44.36 17.02
CA SER B 756 -6.99 44.37 17.01
C SER B 756 -6.82 42.97 16.42
C SER B 756 -6.80 42.97 16.41
N PHE B 757 -5.94 42.17 17.03
CA PHE B 757 -5.66 40.81 16.57
C PHE B 757 -6.81 39.85 16.95
N VAL B 758 -7.37 40.04 18.13
CA VAL B 758 -8.51 39.26 18.60
C VAL B 758 -9.74 39.52 17.73
N ASP B 759 -9.93 40.79 17.36
CA ASP B 759 -11.06 41.21 16.51
C ASP B 759 -11.09 40.50 15.16
N ILE B 760 -9.93 40.39 14.51
CA ILE B 760 -9.85 39.78 13.17
C ILE B 760 -9.99 38.25 13.21
N LEU B 761 -9.54 37.64 14.31
CA LEU B 761 -9.74 36.21 14.53
C LEU B 761 -11.22 35.87 14.72
N LYS B 762 -11.94 36.76 15.39
CA LYS B 762 -13.39 36.63 15.59
C LYS B 762 -14.14 36.70 14.26
N ILE B 763 -13.71 37.61 13.39
CA ILE B 763 -14.35 37.83 12.09
C ILE B 763 -14.22 36.62 11.16
N ARG B 764 -13.05 35.96 11.20
CA ARG B 764 -12.84 34.74 10.42
C ARG B 764 -13.79 33.62 10.82
N TYR B 765 -13.95 33.44 12.14
CA TYR B 765 -14.78 32.35 12.66
C TYR B 765 -16.23 32.75 12.93
N SER B 766 -16.64 33.89 12.38
CA SER B 766 -18.03 34.32 12.43
C SER B 766 -18.76 33.88 11.15
N SER B 767 -18.03 33.88 10.04
CA SER B 767 -18.57 33.50 8.74
C SER B 767 -17.78 32.34 8.12
N PRO B 768 -18.46 31.24 7.77
CA PRO B 768 -17.82 30.10 7.10
C PRO B 768 -17.33 30.42 5.69
N LEU B 769 -17.70 31.61 5.18
CA LEU B 769 -17.29 32.07 3.86
C LEU B 769 -15.79 32.42 3.79
N PHE B 770 -15.17 32.58 4.96
CA PHE B 770 -13.73 32.83 5.06
C PHE B 770 -12.92 31.53 5.01
N ARG B 771 -13.60 30.39 5.11
CA ARG B 771 -12.95 29.08 5.23
C ARG B 771 -13.52 28.04 4.27
N LEU B 772 -13.64 28.41 2.99
CA LEU B 772 -14.20 27.51 1.98
C LEU B 772 -13.28 26.32 1.70
N SER B 773 -13.87 25.12 1.65
CA SER B 773 -13.09 23.88 1.69
C SER B 773 -12.65 23.30 0.35
N THR B 774 -13.36 23.62 -0.73
CA THR B 774 -13.00 23.14 -2.06
C THR B 774 -12.62 24.26 -3.02
N ALA B 775 -11.97 23.89 -4.13
CA ALA B 775 -11.59 24.85 -5.17
C ALA B 775 -12.81 25.35 -5.93
N ASN B 776 -13.78 24.46 -6.14
CA ASN B 776 -15.02 24.79 -6.85
C ASN B 776 -15.84 25.88 -6.16
N ASP B 777 -15.91 25.80 -4.83
CA ASP B 777 -16.58 26.82 -4.02
C ASP B 777 -15.91 28.19 -4.14
N ILE B 778 -14.58 28.19 -4.15
CA ILE B 778 -13.80 29.42 -4.25
C ILE B 778 -13.89 30.06 -5.64
N LYS B 779 -13.87 29.22 -6.68
CA LYS B 779 -14.00 29.68 -8.07
C LYS B 779 -15.38 30.28 -8.37
N GLN B 780 -16.38 29.87 -7.57
CA GLN B 780 -17.76 30.30 -7.76
C GLN B 780 -18.11 31.53 -6.93
N ARG B 781 -17.55 31.62 -5.73
CA ARG B 781 -17.97 32.62 -4.74
C ARG B 781 -17.03 33.82 -4.60
N VAL B 782 -15.72 33.57 -4.60
CA VAL B 782 -14.71 34.61 -4.36
C VAL B 782 -14.49 35.47 -5.61
N ARG B 783 -14.71 36.78 -5.47
CA ARG B 783 -14.54 37.73 -6.55
C ARG B 783 -13.72 38.94 -6.11
N PHE B 784 -12.85 39.42 -7.00
CA PHE B 784 -12.06 40.62 -6.75
C PHE B 784 -12.55 41.78 -7.60
N HIS B 785 -12.55 42.98 -7.03
CA HIS B 785 -13.26 44.11 -7.63
C HIS B 785 -12.42 45.35 -8.00
N ASN B 786 -11.19 45.41 -7.49
CA ASN B 786 -10.27 46.47 -7.90
C ASN B 786 -9.16 45.92 -8.80
N THR B 787 -9.48 45.79 -10.08
CA THR B 787 -8.58 45.17 -11.06
C THR B 787 -8.51 45.98 -12.36
N GLY B 788 -7.53 45.66 -13.19
CA GLY B 788 -7.35 46.31 -14.48
C GLY B 788 -6.38 47.47 -14.46
N PRO B 789 -6.03 48.01 -15.65
CA PRO B 789 -5.08 49.14 -15.76
C PRO B 789 -5.55 50.41 -15.06
N SER B 790 -6.86 50.51 -14.79
CA SER B 790 -7.44 51.69 -14.17
C SER B 790 -7.75 51.52 -12.67
N LEU B 791 -7.17 50.49 -12.06
CA LEU B 791 -7.35 50.24 -10.63
C LEU B 791 -6.70 51.33 -9.77
N VAL B 792 -7.27 51.55 -8.58
CA VAL B 792 -6.69 52.47 -7.61
C VAL B 792 -5.51 51.77 -6.93
N PRO B 793 -4.30 52.34 -7.08
CA PRO B 793 -3.07 51.73 -6.58
C PRO B 793 -3.06 51.56 -5.06
N GLY B 794 -2.89 50.32 -4.60
CA GLY B 794 -2.77 50.00 -3.18
C GLY B 794 -4.09 49.70 -2.49
N VAL B 795 -5.07 49.22 -3.26
CA VAL B 795 -6.37 48.84 -2.71
C VAL B 795 -6.79 47.46 -3.24
N ILE B 796 -7.04 46.53 -2.32
CA ILE B 796 -7.58 45.23 -2.69
C ILE B 796 -9.02 45.11 -2.17
N VAL B 797 -9.95 44.88 -3.09
CA VAL B 797 -11.36 44.67 -2.75
C VAL B 797 -11.74 43.22 -3.03
N MET B 798 -12.07 42.48 -1.98
CA MET B 798 -12.38 41.06 -2.07
C MET B 798 -13.81 40.75 -1.64
N GLY B 799 -14.60 40.21 -2.56
CA GLY B 799 -15.99 39.85 -2.29
C GLY B 799 -16.20 38.35 -2.28
N ILE B 800 -16.97 37.87 -1.29
CA ILE B 800 -17.35 36.46 -1.19
C ILE B 800 -18.87 36.33 -1.16
N GLU B 801 -19.42 35.57 -2.11
CA GLU B 801 -20.87 35.49 -2.32
C GLU B 801 -21.48 34.25 -1.69
N ASP B 802 -22.71 34.40 -1.17
CA ASP B 802 -23.51 33.29 -0.68
C ASP B 802 -24.88 33.30 -1.37
N ALA B 803 -25.74 32.34 -1.03
CA ALA B 803 -27.06 32.20 -1.63
C ALA B 803 -27.97 33.39 -1.31
N ARG B 804 -28.33 34.15 -2.34
CA ARG B 804 -29.21 35.31 -2.21
C ARG B 804 -30.45 35.22 -3.10
N GLY B 805 -31.55 35.81 -2.64
CA GLY B 805 -32.79 35.84 -3.39
C GLY B 805 -33.55 34.52 -3.38
N GLU B 806 -34.27 34.26 -4.47
CA GLU B 806 -35.06 33.04 -4.61
C GLU B 806 -34.52 32.14 -5.71
N SER B 807 -34.54 30.83 -5.45
CA SER B 807 -33.99 29.81 -6.37
C SER B 807 -32.53 30.09 -6.77
N PRO B 808 -31.59 29.93 -5.83
CA PRO B 808 -30.19 30.30 -6.07
C PRO B 808 -29.41 29.27 -6.88
N GLU B 809 -28.24 29.66 -7.37
CA GLU B 809 -27.36 28.78 -8.14
C GLU B 809 -26.25 28.18 -7.28
N MET B 810 -26.41 28.26 -5.97
CA MET B 810 -25.43 27.73 -5.01
C MET B 810 -26.07 27.33 -3.68
N ALA B 811 -25.36 26.52 -2.90
CA ALA B 811 -25.79 26.11 -1.57
C ALA B 811 -25.62 27.24 -0.56
N GLN B 812 -26.49 27.28 0.44
CA GLN B 812 -26.41 28.26 1.51
C GLN B 812 -25.52 27.74 2.64
N LEU B 813 -24.39 28.41 2.85
CA LEU B 813 -23.42 28.01 3.87
C LEU B 813 -23.55 28.85 5.14
N ASP B 814 -23.70 30.16 4.97
CA ASP B 814 -23.79 31.09 6.09
C ASP B 814 -25.26 31.39 6.41
N THR B 815 -25.65 31.11 7.65
CA THR B 815 -27.02 31.35 8.12
C THR B 815 -27.25 32.80 8.51
N ASN B 816 -26.17 33.55 8.66
CA ASN B 816 -26.23 34.96 9.11
C ASN B 816 -26.03 35.97 7.98
N PHE B 817 -25.03 35.72 7.14
CA PHE B 817 -24.70 36.65 6.05
C PHE B 817 -25.00 36.08 4.68
N SER B 818 -25.07 36.97 3.68
CA SER B 818 -25.31 36.58 2.30
C SER B 818 -24.19 37.06 1.38
N TYR B 819 -23.40 38.02 1.86
CA TYR B 819 -22.28 38.58 1.10
C TYR B 819 -21.26 39.19 2.06
N VAL B 820 -19.98 39.04 1.72
CA VAL B 820 -18.88 39.61 2.50
C VAL B 820 -17.93 40.36 1.58
N VAL B 821 -17.74 41.65 1.85
CA VAL B 821 -16.79 42.48 1.10
C VAL B 821 -15.68 43.00 2.02
N THR B 822 -14.47 42.54 1.77
CA THR B 822 -13.30 42.94 2.55
C THR B 822 -12.40 43.87 1.72
N VAL B 823 -12.13 45.05 2.26
CA VAL B 823 -11.30 46.04 1.58
C VAL B 823 -9.98 46.23 2.34
N PHE B 824 -8.87 46.11 1.61
CA PHE B 824 -7.54 46.35 2.16
C PHE B 824 -6.98 47.64 1.58
N ASN B 825 -6.65 48.59 2.46
CA ASN B 825 -6.12 49.88 2.03
C ASN B 825 -4.76 50.17 2.66
N VAL B 826 -3.70 50.04 1.85
CA VAL B 826 -2.33 50.29 2.32
C VAL B 826 -1.89 51.74 2.10
N CYS B 827 -2.75 52.52 1.43
CA CYS B 827 -2.51 53.95 1.23
C CYS B 827 -2.57 54.68 2.56
N PRO B 828 -1.76 55.76 2.71
CA PRO B 828 -1.84 56.60 3.90
C PRO B 828 -3.14 57.42 3.94
N HIS B 829 -3.66 57.73 2.75
CA HIS B 829 -4.84 58.58 2.60
C HIS B 829 -6.14 57.79 2.50
N GLU B 830 -7.26 58.48 2.72
CA GLU B 830 -8.60 57.90 2.60
C GLU B 830 -8.98 57.71 1.14
N VAL B 831 -9.65 56.58 0.84
CA VAL B 831 -10.13 56.30 -0.51
C VAL B 831 -11.63 56.04 -0.56
N SER B 832 -12.24 56.43 -1.68
CA SER B 832 -13.64 56.09 -1.97
C SER B 832 -13.75 55.45 -3.34
N MET B 833 -14.40 54.29 -3.40
CA MET B 833 -14.51 53.51 -4.62
C MET B 833 -15.96 53.25 -5.05
N ASP B 834 -16.27 53.60 -6.30
CA ASP B 834 -17.56 53.27 -6.90
C ASP B 834 -17.47 51.91 -7.58
N ILE B 835 -18.14 50.92 -6.99
CA ILE B 835 -18.19 49.58 -7.57
C ILE B 835 -19.62 49.29 -8.03
N PRO B 836 -19.88 49.39 -9.35
CA PRO B 836 -21.21 49.19 -9.94
C PRO B 836 -21.77 47.77 -9.73
N ALA B 837 -20.87 46.79 -9.62
CA ALA B 837 -21.26 45.39 -9.40
C ALA B 837 -21.77 45.16 -7.97
N LEU B 838 -21.39 46.05 -7.05
CA LEU B 838 -21.80 45.95 -5.64
C LEU B 838 -22.83 47.02 -5.28
N ALA B 839 -23.35 47.72 -6.28
CA ALA B 839 -24.37 48.74 -6.08
C ALA B 839 -25.73 48.12 -5.78
N SER B 840 -26.61 48.91 -5.16
CA SER B 840 -27.97 48.50 -4.80
C SER B 840 -28.00 47.26 -3.89
N MET B 841 -27.12 47.24 -2.90
CA MET B 841 -27.04 46.14 -1.94
C MET B 841 -27.02 46.68 -0.51
N GLY B 842 -27.41 45.83 0.44
CA GLY B 842 -27.53 46.24 1.83
C GLY B 842 -26.32 45.92 2.69
N PHE B 843 -25.22 46.62 2.43
CA PHE B 843 -23.98 46.42 3.17
C PHE B 843 -23.90 47.28 4.42
N GLU B 844 -23.32 46.71 5.47
CA GLU B 844 -22.99 47.44 6.70
C GLU B 844 -21.70 46.89 7.30
N LEU B 845 -21.03 47.69 8.12
CA LEU B 845 -19.79 47.29 8.77
C LEU B 845 -20.01 46.12 9.74
N HIS B 846 -19.02 45.23 9.81
CA HIS B 846 -19.07 44.06 10.68
C HIS B 846 -19.23 44.48 12.14
N PRO B 847 -20.17 43.83 12.88
CA PRO B 847 -20.48 44.14 14.28
C PRO B 847 -19.25 44.30 15.18
N VAL B 848 -18.25 43.45 14.99
CA VAL B 848 -17.00 43.50 15.77
C VAL B 848 -16.21 44.78 15.48
N GLN B 849 -16.21 45.20 14.22
CA GLN B 849 -15.51 46.43 13.80
C GLN B 849 -16.24 47.71 14.22
N VAL B 850 -17.54 47.59 14.49
CA VAL B 850 -18.34 48.73 14.98
C VAL B 850 -18.01 49.00 16.45
N ASN B 851 -17.87 47.93 17.23
CA ASN B 851 -17.49 48.04 18.65
C ASN B 851 -15.99 47.95 18.90
N SER B 852 -15.21 48.18 17.84
CA SER B 852 -13.74 48.11 17.92
C SER B 852 -13.15 49.28 18.70
N SER B 853 -12.08 49.01 19.43
CA SER B 853 -11.38 50.05 20.21
C SER B 853 -10.59 51.02 19.33
N ASP B 854 -10.31 50.60 18.10
CA ASP B 854 -9.73 51.48 17.09
C ASP B 854 -10.84 52.39 16.55
N THR B 855 -10.58 53.70 16.54
CA THR B 855 -11.59 54.69 16.15
C THR B 855 -11.70 54.89 14.64
N LEU B 856 -10.63 54.59 13.92
CA LEU B 856 -10.60 54.80 12.47
C LEU B 856 -11.47 53.81 11.68
N VAL B 857 -11.55 52.58 12.17
CA VAL B 857 -12.31 51.51 11.50
C VAL B 857 -13.82 51.77 11.51
N ARG B 858 -14.28 52.43 12.57
CA ARG B 858 -15.71 52.74 12.75
C ARG B 858 -16.20 53.83 11.78
N LYS B 859 -15.26 54.60 11.24
CA LYS B 859 -15.56 55.68 10.29
C LYS B 859 -15.81 55.16 8.87
N SER B 860 -15.60 53.86 8.65
CA SER B 860 -15.80 53.23 7.35
C SER B 860 -17.26 53.31 6.92
N ALA B 861 -17.50 53.84 5.73
CA ALA B 861 -18.86 54.11 5.26
C ALA B 861 -19.18 53.48 3.91
N TYR B 862 -20.45 53.14 3.73
CA TYR B 862 -20.97 52.59 2.48
C TYR B 862 -22.18 53.39 2.00
N GLU B 863 -22.31 53.52 0.67
CA GLU B 863 -23.47 54.14 0.06
C GLU B 863 -24.00 53.27 -1.08
N ALA B 864 -25.26 52.86 -0.98
CA ALA B 864 -25.88 51.92 -1.91
C ALA B 864 -26.19 52.53 -3.29
N ALA B 865 -26.35 53.86 -3.32
CA ALA B 865 -26.74 54.58 -4.53
C ALA B 865 -25.78 54.40 -5.71
N THR B 866 -24.48 54.39 -5.41
CA THR B 866 -23.44 54.29 -6.44
C THR B 866 -22.50 53.10 -6.21
N GLY B 867 -22.65 52.43 -5.07
CA GLY B 867 -21.75 51.37 -4.66
C GLY B 867 -20.47 51.92 -4.08
N ARG B 868 -20.61 53.00 -3.31
CA ARG B 868 -19.48 53.71 -2.70
C ARG B 868 -18.91 52.93 -1.53
N PHE B 869 -17.58 52.83 -1.48
CA PHE B 869 -16.89 52.20 -0.36
C PHE B 869 -15.82 53.14 0.21
N THR B 870 -16.10 53.71 1.37
CA THR B 870 -15.20 54.63 2.03
C THR B 870 -14.38 53.92 3.09
N VAL B 871 -13.07 53.89 2.89
CA VAL B 871 -12.13 53.24 3.81
C VAL B 871 -10.97 54.19 4.14
N PRO B 872 -10.73 54.44 5.44
CA PRO B 872 -9.64 55.29 5.90
C PRO B 872 -8.26 54.71 5.58
N GLY B 873 -7.21 55.52 5.72
CA GLY B 873 -5.85 55.12 5.40
C GLY B 873 -5.29 54.09 6.37
N ARG B 874 -4.50 53.16 5.82
CA ARG B 874 -3.83 52.09 6.58
C ARG B 874 -4.81 51.25 7.40
N THR B 875 -5.90 50.83 6.76
CA THR B 875 -7.02 50.18 7.45
C THR B 875 -7.56 48.97 6.67
N VAL B 876 -8.07 48.00 7.41
CA VAL B 876 -8.82 46.88 6.84
C VAL B 876 -10.29 47.00 7.21
N SER B 877 -11.16 47.02 6.21
CA SER B 877 -12.60 47.16 6.43
C SER B 877 -13.37 45.93 5.92
N VAL B 878 -14.23 45.40 6.78
CA VAL B 878 -15.06 44.24 6.44
C VAL B 878 -16.53 44.63 6.42
N PHE B 879 -17.17 44.48 5.25
CA PHE B 879 -18.58 44.79 5.09
C PHE B 879 -19.40 43.52 4.89
N VAL B 880 -20.53 43.46 5.57
CA VAL B 880 -21.40 42.27 5.54
C VAL B 880 -22.84 42.61 5.15
N GLU B 881 -23.50 41.66 4.50
CA GLU B 881 -24.92 41.79 4.13
C GLU B 881 -25.77 40.85 4.99
N PRO B 882 -26.59 41.42 5.90
CA PRO B 882 -27.45 40.63 6.79
C PRO B 882 -28.61 39.95 6.05
N ARG B 883 -29.04 38.80 6.56
CA ARG B 883 -30.15 38.05 5.95
C ARG B 883 -31.51 38.45 6.52
N CYS B 884 -31.66 38.31 7.85
CA CYS B 884 -32.90 38.63 8.59
C CYS B 884 -34.21 38.52 7.79
N GLU C 8 -48.02 -32.37 -24.28
CA GLU C 8 -48.19 -32.65 -22.81
C GLU C 8 -46.97 -32.21 -21.99
N CYS C 9 -45.85 -31.95 -22.66
CA CYS C 9 -44.61 -31.54 -22.00
C CYS C 9 -44.67 -30.09 -21.54
N GLN C 10 -45.13 -29.90 -20.30
CA GLN C 10 -45.31 -28.57 -19.73
C GLN C 10 -44.14 -28.21 -18.81
N PRO C 11 -43.57 -27.00 -18.99
CA PRO C 11 -42.53 -26.47 -18.10
C PRO C 11 -43.08 -26.23 -16.69
N GLY C 12 -42.35 -26.71 -15.68
CA GLY C 12 -42.78 -26.62 -14.29
C GLY C 12 -43.36 -27.93 -13.79
N VAL C 13 -43.79 -28.78 -14.73
CA VAL C 13 -44.40 -30.07 -14.43
C VAL C 13 -43.44 -31.22 -14.80
N ASP C 14 -43.10 -31.32 -16.08
CA ASP C 14 -42.27 -32.39 -16.60
C ASP C 14 -40.77 -32.04 -16.53
N PHE C 15 -40.49 -30.74 -16.63
CA PHE C 15 -39.13 -30.21 -16.53
C PHE C 15 -39.18 -28.78 -15.97
N PRO C 16 -38.07 -28.28 -15.40
CA PRO C 16 -38.08 -26.98 -14.71
C PRO C 16 -38.40 -25.79 -15.62
N HIS C 17 -38.81 -24.68 -14.99
CA HIS C 17 -38.97 -23.40 -15.69
C HIS C 17 -37.60 -22.90 -16.13
N ASN C 18 -37.55 -22.19 -17.26
CA ASN C 18 -36.29 -21.82 -17.92
C ASN C 18 -35.41 -23.07 -18.08
N PRO C 19 -35.88 -24.02 -18.91
CA PRO C 19 -35.41 -25.42 -18.93
C PRO C 19 -33.88 -25.60 -19.01
N LEU C 20 -33.23 -24.96 -19.98
CA LEU C 20 -31.80 -25.16 -20.22
C LEU C 20 -31.03 -23.84 -20.21
N ALA C 21 -31.12 -23.12 -19.09
CA ALA C 21 -30.49 -21.80 -18.96
C ALA C 21 -28.96 -21.85 -19.10
N THR C 22 -28.36 -22.96 -18.66
CA THR C 22 -26.92 -23.17 -18.76
C THR C 22 -26.51 -23.38 -20.22
N CYS C 23 -27.38 -24.02 -21.00
CA CYS C 23 -27.14 -24.25 -22.43
C CYS C 23 -27.20 -22.94 -23.23
N HIS C 24 -27.94 -21.97 -22.72
CA HIS C 24 -28.03 -20.64 -23.34
C HIS C 24 -26.67 -19.94 -23.34
N THR C 25 -25.98 -20.01 -22.20
CA THR C 25 -24.65 -19.41 -22.05
C THR C 25 -23.59 -20.17 -22.84
N TYR C 26 -23.74 -21.50 -22.90
CA TYR C 26 -22.83 -22.37 -23.63
C TYR C 26 -22.90 -22.14 -25.15
N VAL C 27 -24.10 -21.82 -25.64
CA VAL C 27 -24.30 -21.48 -27.04
C VAL C 27 -23.56 -20.17 -27.41
N ILE C 28 -23.62 -19.20 -26.51
CA ILE C 28 -22.94 -17.91 -26.71
C ILE C 28 -21.41 -18.05 -26.71
N LYS C 29 -20.89 -18.88 -25.81
CA LYS C 29 -19.45 -19.14 -25.72
C LYS C 29 -18.91 -19.81 -26.98
N ARG C 30 -19.70 -20.72 -27.55
CA ARG C 30 -19.28 -21.50 -28.70
C ARG C 30 -19.42 -20.76 -30.03
N VAL C 31 -20.49 -19.97 -30.18
CA VAL C 31 -20.80 -19.32 -31.45
C VAL C 31 -20.28 -17.88 -31.50
N CYS C 32 -20.51 -17.12 -30.44
CA CYS C 32 -20.11 -15.71 -30.38
C CYS C 32 -18.68 -15.55 -29.85
N GLY C 33 -18.19 -16.57 -29.15
CA GLY C 33 -16.83 -16.60 -28.63
C GLY C 33 -16.65 -15.87 -27.31
N ARG C 34 -17.75 -15.59 -26.62
CA ARG C 34 -17.71 -14.84 -25.37
C ARG C 34 -18.48 -15.52 -24.24
N GLY C 35 -17.90 -15.50 -23.04
CA GLY C 35 -18.48 -16.13 -21.87
C GLY C 35 -17.43 -16.52 -20.85
N PRO C 36 -17.80 -17.33 -19.85
CA PRO C 36 -16.86 -17.67 -18.77
C PRO C 36 -15.82 -18.71 -19.19
N SER C 37 -14.67 -18.68 -18.52
CA SER C 37 -13.59 -19.64 -18.77
C SER C 37 -13.98 -21.05 -18.30
N ARG C 38 -13.18 -22.04 -18.70
CA ARG C 38 -13.48 -23.46 -18.51
C ARG C 38 -14.78 -23.83 -19.24
N PRO C 39 -14.76 -23.77 -20.59
CA PRO C 39 -15.98 -23.99 -21.38
C PRO C 39 -16.52 -25.42 -21.29
N MET C 40 -15.63 -26.38 -20.99
CA MET C 40 -16.00 -27.78 -20.87
C MET C 40 -16.77 -28.08 -19.59
N LEU C 41 -16.59 -27.23 -18.57
CA LEU C 41 -17.35 -27.33 -17.33
C LEU C 41 -18.77 -26.80 -17.52
N VAL C 42 -18.90 -25.77 -18.35
CA VAL C 42 -20.20 -25.22 -18.74
C VAL C 42 -20.97 -26.24 -19.59
N LYS C 43 -20.24 -26.88 -20.51
CA LYS C 43 -20.80 -27.92 -21.39
C LYS C 43 -21.42 -29.08 -20.61
N GLU C 44 -20.71 -29.55 -19.58
CA GLU C 44 -21.14 -30.69 -18.77
C GLU C 44 -22.46 -30.43 -18.03
N ARG C 45 -22.62 -29.23 -17.49
CA ARG C 45 -23.86 -28.85 -16.81
C ARG C 45 -25.03 -28.72 -17.79
N CYS C 46 -24.73 -28.21 -18.99
CA CYS C 46 -25.73 -28.12 -20.06
C CYS C 46 -26.22 -29.51 -20.49
N CYS C 47 -25.28 -30.45 -20.64
CA CYS C 47 -25.62 -31.83 -21.00
C CYS C 47 -26.35 -32.56 -19.87
N ARG C 48 -25.99 -32.23 -18.63
CA ARG C 48 -26.67 -32.80 -17.46
C ARG C 48 -28.09 -32.26 -17.28
N GLU C 49 -28.29 -31.00 -17.69
CA GLU C 49 -29.63 -30.39 -17.69
C GLU C 49 -30.48 -31.01 -18.80
N LEU C 50 -29.84 -31.35 -19.91
CA LEU C 50 -30.50 -31.96 -21.06
C LEU C 50 -30.87 -33.43 -20.79
N ALA C 51 -29.98 -34.13 -20.09
CA ALA C 51 -30.20 -35.54 -19.74
C ALA C 51 -31.22 -35.73 -18.62
N ALA C 52 -31.41 -34.69 -17.82
CA ALA C 52 -32.39 -34.71 -16.72
C ALA C 52 -33.82 -34.64 -17.24
N VAL C 53 -33.98 -34.09 -18.45
CA VAL C 53 -35.26 -34.04 -19.13
C VAL C 53 -35.62 -35.44 -19.65
N PRO C 54 -36.86 -35.89 -19.38
CA PRO C 54 -37.35 -37.18 -19.91
C PRO C 54 -37.26 -37.27 -21.43
N ASP C 55 -36.97 -38.47 -21.93
CA ASP C 55 -36.71 -38.71 -23.36
C ASP C 55 -37.80 -38.17 -24.29
N HIS C 56 -39.06 -38.33 -23.90
CA HIS C 56 -40.19 -37.92 -24.73
C HIS C 56 -40.46 -36.41 -24.71
N CYS C 57 -39.74 -35.69 -23.84
CA CYS C 57 -39.90 -34.24 -23.70
C CYS C 57 -38.65 -33.45 -24.09
N ARG C 58 -37.56 -34.16 -24.42
CA ARG C 58 -36.27 -33.54 -24.68
C ARG C 58 -36.29 -32.56 -25.87
N CYS C 59 -36.95 -32.96 -26.95
CA CYS C 59 -37.07 -32.12 -28.14
C CYS C 59 -37.93 -30.87 -27.88
N GLU C 60 -38.94 -31.01 -27.03
CA GLU C 60 -39.78 -29.89 -26.61
C GLU C 60 -38.99 -28.87 -25.80
N ALA C 61 -38.27 -29.37 -24.78
CA ALA C 61 -37.44 -28.52 -23.91
C ALA C 61 -36.30 -27.84 -24.69
N LEU C 62 -35.88 -28.48 -25.78
CA LEU C 62 -34.85 -27.93 -26.66
C LEU C 62 -35.41 -26.79 -27.53
N ARG C 63 -36.70 -26.90 -27.89
CA ARG C 63 -37.38 -25.87 -28.67
C ARG C 63 -37.60 -24.60 -27.84
N ILE C 64 -37.91 -24.79 -26.55
CA ILE C 64 -38.13 -23.68 -25.62
C ILE C 64 -36.85 -22.87 -25.41
N LEU C 65 -35.71 -23.55 -25.41
CA LEU C 65 -34.41 -22.89 -25.39
C LEU C 65 -34.23 -22.02 -26.63
N MET C 66 -34.62 -22.56 -27.79
CA MET C 66 -34.43 -21.91 -29.08
C MET C 66 -35.45 -20.81 -29.36
N ASP C 67 -36.73 -21.11 -29.13
CA ASP C 67 -37.84 -20.23 -29.51
C ASP C 67 -38.62 -19.67 -28.34
N GLY C 68 -38.69 -20.45 -27.25
CA GLY C 68 -39.40 -20.03 -26.04
C GLY C 68 -40.91 -20.25 -26.10
N VAL C 69 -41.54 -20.24 -24.93
CA VAL C 69 -42.98 -20.40 -24.83
C VAL C 69 -43.66 -19.03 -24.75
N ARG C 70 -44.65 -18.82 -25.60
CA ARG C 70 -45.45 -17.59 -25.57
C ARG C 70 -46.69 -17.74 -24.70
N THR C 71 -46.92 -16.76 -23.83
CA THR C 71 -48.05 -16.75 -22.90
C THR C 71 -49.37 -16.45 -23.64
N PRO C 72 -50.52 -16.77 -23.02
CA PRO C 72 -51.80 -16.34 -23.58
C PRO C 72 -51.90 -14.82 -23.68
N GLU C 73 -51.08 -14.14 -22.89
CA GLU C 73 -50.98 -12.68 -22.89
C GLU C 73 -50.33 -12.16 -24.17
N GLY C 74 -49.46 -12.97 -24.78
CA GLY C 74 -48.89 -12.65 -26.08
C GLY C 74 -47.37 -12.64 -26.19
N ARG C 75 -46.68 -12.63 -25.05
CA ARG C 75 -45.22 -12.49 -25.03
C ARG C 75 -44.46 -13.76 -24.64
N VAL C 76 -43.19 -13.83 -25.05
CA VAL C 76 -42.31 -14.97 -24.79
C VAL C 76 -41.62 -14.82 -23.43
N VAL C 77 -41.48 -15.92 -22.70
CA VAL C 77 -40.96 -15.87 -21.32
C VAL C 77 -39.77 -16.80 -21.03
N GLU C 78 -39.91 -18.09 -21.35
CA GLU C 78 -38.93 -19.11 -20.92
C GLU C 78 -37.75 -19.33 -21.87
N GLY C 79 -37.80 -18.64 -23.01
CA GLY C 79 -36.66 -18.56 -23.93
C GLY C 79 -36.18 -17.11 -23.96
N ARG C 80 -35.56 -16.66 -25.05
CA ARG C 80 -35.24 -17.47 -26.22
C ARG C 80 -33.84 -17.06 -26.69
N LEU C 81 -33.37 -17.64 -27.80
CA LEU C 81 -32.10 -17.22 -28.40
C LEU C 81 -32.26 -15.86 -29.09
N GLY C 82 -31.79 -14.81 -28.41
CA GLY C 82 -31.89 -13.45 -28.93
C GLY C 82 -30.72 -13.04 -29.80
N ASP C 83 -30.61 -11.75 -30.07
CA ASP C 83 -29.52 -11.20 -30.88
C ASP C 83 -28.38 -10.72 -29.99
N ARG C 84 -27.16 -11.11 -30.34
CA ARG C 84 -25.95 -10.68 -29.64
C ARG C 84 -25.01 -9.97 -30.62
N ARG C 85 -24.10 -9.17 -30.08
CA ARG C 85 -23.14 -8.39 -30.89
C ARG C 85 -22.33 -9.31 -31.82
N ASP C 86 -22.46 -9.07 -33.12
CA ASP C 86 -21.82 -9.89 -34.17
C ASP C 86 -22.17 -11.38 -34.09
N CYS C 87 -23.33 -11.67 -33.51
CA CYS C 87 -23.77 -13.04 -33.28
C CYS C 87 -25.30 -13.12 -33.44
N PRO C 88 -25.77 -13.22 -34.70
CA PRO C 88 -27.21 -13.21 -34.98
C PRO C 88 -27.96 -14.45 -34.48
N ARG C 89 -29.29 -14.36 -34.45
CA ARG C 89 -30.16 -15.42 -33.92
C ARG C 89 -30.02 -16.76 -34.66
N GLU C 90 -30.09 -16.71 -35.99
CA GLU C 90 -30.07 -17.92 -36.82
C GLU C 90 -28.74 -18.69 -36.76
N GLU C 91 -27.66 -17.97 -36.45
CA GLU C 91 -26.35 -18.59 -36.25
C GLU C 91 -26.30 -19.34 -34.91
N GLN C 92 -26.93 -18.75 -33.89
CA GLN C 92 -27.05 -19.37 -32.58
C GLN C 92 -27.99 -20.57 -32.58
N ARG C 93 -29.03 -20.48 -33.42
CA ARG C 93 -30.06 -21.51 -33.49
C ARG C 93 -29.56 -22.81 -34.11
N ALA C 94 -28.73 -22.68 -35.15
CA ALA C 94 -28.20 -23.83 -35.88
C ALA C 94 -27.34 -24.73 -35.01
N PHE C 95 -26.54 -24.14 -34.13
CA PHE C 95 -25.72 -24.90 -33.20
C PHE C 95 -26.54 -25.49 -32.06
N ALA C 96 -27.63 -24.81 -31.70
CA ALA C 96 -28.50 -25.23 -30.60
C ALA C 96 -29.19 -26.57 -30.88
N ALA C 97 -29.48 -26.84 -32.15
CA ALA C 97 -30.12 -28.08 -32.56
C ALA C 97 -29.16 -29.28 -32.56
N THR C 98 -27.86 -28.99 -32.65
CA THR C 98 -26.83 -30.02 -32.69
C THR C 98 -26.30 -30.41 -31.30
N LEU C 99 -26.98 -29.95 -30.25
CA LEU C 99 -26.55 -30.23 -28.87
C LEU C 99 -26.77 -31.69 -28.46
N VAL C 100 -27.74 -32.34 -29.09
CA VAL C 100 -28.07 -33.74 -28.78
C VAL C 100 -27.21 -34.76 -29.53
N THR C 101 -26.55 -34.29 -30.60
CA THR C 101 -25.77 -35.16 -31.49
C THR C 101 -24.56 -35.81 -30.82
N ALA C 102 -24.04 -36.86 -31.45
CA ALA C 102 -22.90 -37.62 -30.94
C ALA C 102 -21.65 -36.82 -30.67
N ALA C 103 -21.45 -35.75 -31.44
CA ALA C 103 -20.31 -34.86 -31.27
C ALA C 103 -20.39 -33.95 -30.05
N GLU C 104 -21.58 -33.87 -29.44
CA GLU C 104 -21.80 -33.03 -28.26
C GLU C 104 -22.22 -33.84 -27.03
N CYS C 105 -23.46 -33.68 -26.59
CA CYS C 105 -23.96 -34.34 -25.38
C CYS C 105 -24.32 -35.82 -25.58
N ASN C 106 -24.56 -36.20 -26.84
CA ASN C 106 -24.95 -37.57 -27.20
C ASN C 106 -26.18 -38.08 -26.43
N LEU C 107 -27.35 -37.59 -26.81
CA LEU C 107 -28.60 -37.98 -26.19
C LEU C 107 -29.71 -38.19 -27.22
N SER C 108 -30.58 -39.16 -26.97
CA SER C 108 -31.69 -39.49 -27.86
C SER C 108 -32.76 -38.41 -27.85
N LYS D 6 23.22 45.35 -30.20
CA LYS D 6 24.12 44.54 -29.33
C LYS D 6 23.82 44.75 -27.84
N ASP D 7 23.77 46.01 -27.42
CA ASP D 7 23.47 46.34 -26.02
C ASP D 7 22.08 46.96 -25.91
N GLU D 8 21.06 46.17 -26.29
CA GLU D 8 19.67 46.59 -26.18
C GLU D 8 19.03 46.07 -24.88
N CYS D 9 19.85 45.41 -24.07
CA CYS D 9 19.41 44.86 -22.79
C CYS D 9 19.26 45.97 -21.75
N GLN D 10 18.02 46.32 -21.45
CA GLN D 10 17.70 47.41 -20.54
C GLN D 10 17.05 46.86 -19.26
N PRO D 11 17.49 47.36 -18.09
CA PRO D 11 16.87 46.99 -16.82
C PRO D 11 15.45 47.56 -16.70
N GLY D 12 14.49 46.70 -16.38
CA GLY D 12 13.09 47.09 -16.31
C GLY D 12 12.30 46.69 -17.54
N VAL D 13 13.01 46.38 -18.62
CA VAL D 13 12.39 45.97 -19.89
C VAL D 13 12.70 44.51 -20.21
N ASP D 14 13.99 44.18 -20.32
CA ASP D 14 14.43 42.84 -20.67
C ASP D 14 14.60 41.95 -19.44
N PHE D 15 14.95 42.58 -18.33
CA PHE D 15 15.09 41.90 -17.03
C PHE D 15 14.75 42.90 -15.89
N PRO D 16 14.51 42.39 -14.66
CA PRO D 16 14.07 43.25 -13.56
C PRO D 16 15.08 44.32 -13.12
N HIS D 17 14.59 45.34 -12.43
CA HIS D 17 15.44 46.32 -11.76
C HIS D 17 16.13 45.63 -10.59
N ASN D 18 17.37 46.03 -10.32
CA ASN D 18 18.25 45.32 -9.37
C ASN D 18 18.26 43.83 -9.70
N PRO D 19 18.75 43.47 -10.91
CA PRO D 19 18.50 42.20 -11.58
C PRO D 19 18.78 40.93 -10.77
N LEU D 20 19.93 40.88 -10.10
CA LEU D 20 20.35 39.68 -9.39
C LEU D 20 20.65 39.98 -7.93
N ALA D 21 19.70 40.64 -7.25
CA ALA D 21 19.88 41.10 -5.87
C ALA D 21 20.20 39.98 -4.88
N THR D 22 19.69 38.78 -5.15
CA THR D 22 19.95 37.60 -4.30
C THR D 22 21.41 37.13 -4.45
N CYS D 23 21.94 37.25 -5.67
CA CYS D 23 23.33 36.87 -5.95
C CYS D 23 24.33 37.75 -5.20
N HIS D 24 23.96 39.01 -4.98
CA HIS D 24 24.74 39.95 -4.19
C HIS D 24 25.00 39.42 -2.78
N THR D 25 23.96 38.82 -2.19
CA THR D 25 24.05 38.21 -0.86
C THR D 25 24.83 36.89 -0.89
N TYR D 26 24.69 36.16 -1.99
CA TYR D 26 25.36 34.86 -2.16
C TYR D 26 26.88 34.99 -2.33
N VAL D 27 27.32 36.07 -2.97
CA VAL D 27 28.75 36.37 -3.10
C VAL D 27 29.35 36.69 -1.73
N ILE D 28 28.63 37.48 -0.94
CA ILE D 28 29.05 37.85 0.41
C ILE D 28 29.17 36.62 1.33
N LYS D 29 28.23 35.69 1.23
CA LYS D 29 28.26 34.46 2.02
C LYS D 29 29.43 33.55 1.64
N ARG D 30 29.79 33.56 0.37
CA ARG D 30 30.83 32.68 -0.15
C ARG D 30 32.24 33.25 0.00
N VAL D 31 32.39 34.55 -0.23
CA VAL D 31 33.70 35.21 -0.19
C VAL D 31 34.03 35.75 1.20
N CYS D 32 33.11 36.55 1.76
CA CYS D 32 33.33 37.16 3.07
C CYS D 32 33.09 36.18 4.22
N GLY D 33 32.25 35.18 3.97
CA GLY D 33 31.95 34.13 4.95
C GLY D 33 30.82 34.48 5.91
N ARG D 34 30.07 35.54 5.59
CA ARG D 34 28.98 36.01 6.46
C ARG D 34 27.67 36.15 5.71
N GLY D 35 26.57 35.82 6.39
CA GLY D 35 25.24 35.85 5.81
C GLY D 35 24.32 34.78 6.39
N PRO D 36 23.15 34.57 5.77
CA PRO D 36 22.15 33.65 6.32
C PRO D 36 22.53 32.17 6.13
N SER D 37 22.05 31.33 7.04
CA SER D 37 22.28 29.88 6.98
C SER D 37 21.53 29.24 5.81
N ARG D 38 21.81 27.96 5.56
CA ARG D 38 21.35 27.25 4.35
C ARG D 38 21.87 27.96 3.10
N PRO D 39 23.20 27.90 2.87
CA PRO D 39 23.80 28.61 1.74
C PRO D 39 23.39 28.05 0.38
N MET D 40 23.08 26.76 0.34
CA MET D 40 22.68 26.09 -0.90
C MET D 40 21.27 26.48 -1.37
N LEU D 41 20.43 26.89 -0.42
CA LEU D 41 19.11 27.43 -0.75
C LEU D 41 19.24 28.83 -1.35
N VAL D 42 20.20 29.60 -0.84
CA VAL D 42 20.53 30.92 -1.38
C VAL D 42 21.14 30.77 -2.78
N LYS D 43 21.94 29.73 -2.96
CA LYS D 43 22.56 29.41 -4.26
C LYS D 43 21.52 29.20 -5.35
N GLU D 44 20.49 28.41 -5.05
CA GLU D 44 19.44 28.05 -6.01
C GLU D 44 18.62 29.26 -6.49
N ARG D 45 18.32 30.19 -5.59
CA ARG D 45 17.57 31.38 -5.95
C ARG D 45 18.39 32.33 -6.82
N CYS D 46 19.68 32.43 -6.53
CA CYS D 46 20.61 33.22 -7.34
C CYS D 46 20.74 32.65 -8.76
N CYS D 47 20.85 31.33 -8.85
CA CYS D 47 20.96 30.64 -10.14
C CYS D 47 19.66 30.75 -10.94
N ARG D 48 18.52 30.67 -10.25
CA ARG D 48 17.20 30.82 -10.89
C ARG D 48 16.99 32.24 -11.43
N GLU D 49 17.45 33.23 -10.69
CA GLU D 49 17.40 34.63 -11.13
C GLU D 49 18.28 34.84 -12.37
N LEU D 50 19.44 34.18 -12.38
CA LEU D 50 20.38 34.25 -13.49
C LEU D 50 19.86 33.50 -14.71
N ALA D 51 19.11 32.42 -14.49
CA ALA D 51 18.54 31.62 -15.56
C ALA D 51 17.33 32.29 -16.20
N ALA D 52 16.57 33.04 -15.39
CA ALA D 52 15.39 33.75 -15.86
C ALA D 52 15.72 34.88 -16.86
N VAL D 53 16.96 35.36 -16.80
CA VAL D 53 17.45 36.37 -17.74
C VAL D 53 17.65 35.72 -19.12
N PRO D 54 17.17 36.38 -20.19
CA PRO D 54 17.39 35.92 -21.57
C PRO D 54 18.86 35.67 -21.87
N ASP D 55 19.14 34.65 -22.68
CA ASP D 55 20.50 34.20 -22.98
C ASP D 55 21.44 35.29 -23.50
N HIS D 56 20.91 36.19 -24.34
CA HIS D 56 21.72 37.25 -24.95
C HIS D 56 21.88 38.48 -24.03
N CYS D 57 21.25 38.43 -22.86
CA CYS D 57 21.32 39.54 -21.89
C CYS D 57 22.00 39.18 -20.58
N ARG D 58 22.35 37.90 -20.42
CA ARG D 58 22.92 37.39 -19.18
C ARG D 58 24.25 38.04 -18.80
N CYS D 59 25.07 38.34 -19.81
CA CYS D 59 26.37 38.98 -19.59
C CYS D 59 26.20 40.43 -19.12
N GLU D 60 25.25 41.14 -19.72
CA GLU D 60 24.93 42.52 -19.35
C GLU D 60 24.38 42.59 -17.92
N ALA D 61 23.43 41.71 -17.61
CA ALA D 61 22.82 41.64 -16.28
C ALA D 61 23.83 41.25 -15.20
N LEU D 62 24.84 40.47 -15.59
CA LEU D 62 25.93 40.10 -14.69
C LEU D 62 26.85 41.29 -14.43
N ARG D 63 27.05 42.13 -15.46
CA ARG D 63 27.87 43.33 -15.34
C ARG D 63 27.22 44.37 -14.41
N ILE D 64 25.90 44.42 -14.43
CA ILE D 64 25.13 45.33 -13.57
C ILE D 64 25.22 44.91 -12.10
N LEU D 65 25.29 43.61 -11.85
CA LEU D 65 25.52 43.09 -10.50
C LEU D 65 26.91 43.51 -10.00
N MET D 66 27.90 43.44 -10.89
CA MET D 66 29.29 43.72 -10.55
C MET D 66 29.59 45.22 -10.48
N ASP D 67 29.19 45.96 -11.51
CA ASP D 67 29.54 47.38 -11.65
C ASP D 67 28.34 48.32 -11.50
N GLY D 68 27.16 47.86 -11.93
CA GLY D 68 25.95 48.66 -11.86
C GLY D 68 25.75 49.58 -13.03
N VAL D 69 24.62 50.27 -13.04
CA VAL D 69 24.29 51.23 -14.10
C VAL D 69 24.41 52.66 -13.58
N ARG D 70 25.17 53.49 -14.28
CA ARG D 70 25.27 54.90 -13.97
C ARG D 70 24.22 55.72 -14.71
N THR D 71 23.54 56.59 -13.98
CA THR D 71 22.48 57.46 -14.51
C THR D 71 23.06 58.55 -15.41
N PRO D 72 22.21 59.19 -16.25
CA PRO D 72 22.66 60.39 -16.97
C PRO D 72 22.97 61.53 -15.99
N GLU D 73 22.45 61.41 -14.77
CA GLU D 73 22.72 62.36 -13.70
C GLU D 73 24.15 62.20 -13.18
N GLY D 74 24.62 60.96 -13.05
CA GLY D 74 26.01 60.69 -12.70
C GLY D 74 26.30 59.51 -11.78
N ARG D 75 25.33 59.15 -10.92
CA ARG D 75 25.56 58.13 -9.89
C ARG D 75 25.04 56.73 -10.23
N VAL D 76 25.56 55.73 -9.50
CA VAL D 76 25.23 54.32 -9.72
C VAL D 76 24.03 53.92 -8.85
N VAL D 77 23.10 53.14 -9.42
CA VAL D 77 21.81 52.86 -8.77
C VAL D 77 21.40 51.39 -8.65
N GLU D 78 21.71 50.59 -9.68
CA GLU D 78 21.22 49.21 -9.73
C GLU D 78 22.26 48.16 -9.34
N GLY D 79 23.50 48.60 -9.15
CA GLY D 79 24.56 47.78 -8.54
C GLY D 79 24.82 48.29 -7.14
N ARG D 80 26.03 48.10 -6.60
CA ARG D 80 27.11 47.33 -7.22
C ARG D 80 27.83 46.55 -6.11
N LEU D 81 28.85 45.79 -6.47
CA LEU D 81 29.66 45.07 -5.47
C LEU D 81 30.64 45.99 -4.78
N GLY D 82 30.28 46.42 -3.57
CA GLY D 82 31.12 47.31 -2.76
C GLY D 82 31.95 46.55 -1.74
N ASP D 83 32.95 47.21 -1.19
CA ASP D 83 33.85 46.61 -0.21
C ASP D 83 33.15 46.36 1.13
N ARG D 84 33.44 45.20 1.72
CA ARG D 84 32.91 44.83 3.04
C ARG D 84 34.09 44.54 3.97
N ARG D 85 33.79 44.32 5.26
CA ARG D 85 34.82 44.04 6.26
C ARG D 85 35.55 42.72 5.95
N ASP D 86 36.87 42.82 5.80
CA ASP D 86 37.73 41.69 5.39
C ASP D 86 37.31 41.09 4.05
N CYS D 87 36.72 41.92 3.19
CA CYS D 87 36.12 41.47 1.94
C CYS D 87 36.17 42.59 0.89
N PRO D 88 37.27 42.66 0.11
CA PRO D 88 37.42 43.72 -0.89
C PRO D 88 36.53 43.53 -2.12
N ARG D 89 36.35 44.61 -2.88
CA ARG D 89 35.53 44.59 -4.10
C ARG D 89 36.08 43.65 -5.17
N GLU D 90 37.40 43.69 -5.38
CA GLU D 90 38.06 42.88 -6.41
C GLU D 90 37.87 41.38 -6.21
N GLU D 91 37.87 40.95 -4.94
CA GLU D 91 37.67 39.55 -4.60
C GLU D 91 36.21 39.12 -4.82
N GLN D 92 35.29 40.03 -4.54
CA GLN D 92 33.86 39.80 -4.76
C GLN D 92 33.52 39.75 -6.26
N ARG D 93 34.18 40.61 -7.03
CA ARG D 93 33.93 40.73 -8.46
C ARG D 93 34.53 39.56 -9.24
N ALA D 94 35.60 38.97 -8.71
CA ALA D 94 36.26 37.82 -9.31
C ALA D 94 35.37 36.57 -9.26
N PHE D 95 34.73 36.35 -8.10
CA PHE D 95 33.85 35.22 -7.91
C PHE D 95 32.51 35.40 -8.63
N ALA D 96 32.08 36.65 -8.78
CA ALA D 96 30.84 36.98 -9.46
C ALA D 96 30.88 36.61 -10.95
N ALA D 97 32.08 36.68 -11.54
CA ALA D 97 32.28 36.32 -12.94
C ALA D 97 32.27 34.80 -13.17
N THR D 98 32.50 34.04 -12.08
CA THR D 98 32.56 32.57 -12.15
C THR D 98 31.19 31.91 -11.98
N LEU D 99 30.14 32.72 -11.88
CA LEU D 99 28.78 32.23 -11.69
C LEU D 99 28.19 31.59 -12.95
N VAL D 100 28.71 32.00 -14.12
CA VAL D 100 28.21 31.51 -15.41
C VAL D 100 28.74 30.12 -15.78
N THR D 101 29.86 29.72 -15.20
CA THR D 101 30.52 28.45 -15.51
C THR D 101 29.76 27.23 -15.00
N ALA D 102 30.18 26.05 -15.45
CA ALA D 102 29.55 24.78 -15.06
C ALA D 102 29.79 24.38 -13.62
N ALA D 103 30.70 25.09 -12.94
CA ALA D 103 31.00 24.85 -11.54
C ALA D 103 29.96 25.42 -10.59
N GLU D 104 29.37 26.56 -10.97
CA GLU D 104 28.41 27.25 -10.12
C GLU D 104 26.95 27.01 -10.53
N CYS D 105 26.42 27.86 -11.41
CA CYS D 105 25.02 27.81 -11.82
C CYS D 105 24.80 27.02 -13.11
N ASN D 106 25.89 26.64 -13.78
CA ASN D 106 25.86 25.82 -14.99
C ASN D 106 24.93 26.36 -16.07
N LEU D 107 25.34 27.48 -16.67
CA LEU D 107 24.54 28.15 -17.71
C LEU D 107 25.38 28.55 -18.91
CA CA E . -2.67 -9.63 -16.63
CA CA F . -7.44 -17.36 15.29
CA CA G . 22.85 28.48 22.41
CA CA H . -9.80 27.13 20.28
#